data_2B4A
# 
_entry.id   2B4A 
# 
_audit_conform.dict_name       mmcif_pdbx.dic 
_audit_conform.dict_version    5.379 
_audit_conform.dict_location   http://mmcif.pdb.org/dictionaries/ascii/mmcif_pdbx.dic 
# 
loop_
_database_2.database_id 
_database_2.database_code 
_database_2.pdbx_database_accession 
_database_2.pdbx_DOI 
PDB   2B4A         pdb_00002b4a 10.2210/pdb2b4a/pdb 
RCSB  RCSB034656   ?            ?                   
WWPDB D_1000034656 ?            ?                   
# 
_pdbx_database_related.db_name        TargetDB 
_pdbx_database_related.db_id          358875 
_pdbx_database_related.details        . 
_pdbx_database_related.content_type   unspecified 
# 
_pdbx_database_status.SG_entry                        Y 
_pdbx_database_status.entry_id                        2B4A 
_pdbx_database_status.deposit_site                    RCSB 
_pdbx_database_status.process_site                    RCSB 
_pdbx_database_status.recvd_initial_deposition_date   2005-09-23 
_pdbx_database_status.status_code                     REL 
_pdbx_database_status.status_code_sf                  REL 
_pdbx_database_status.status_code_mr                  ? 
_pdbx_database_status.status_code_cs                  ? 
_pdbx_database_status.pdb_format_compatible           Y 
_pdbx_database_status.status_code_nmr_data            ? 
_pdbx_database_status.methods_development_category    ? 
# 
_audit_author.name           'Joint Center for Structural Genomics (JCSG)' 
_audit_author.pdbx_ordinal   1 
# 
_citation.id                        primary 
_citation.title                     'Crystal structure of BH3024 protein (10175646) from BACILLUS HALODURANS at 2.42 A resolution' 
_citation.journal_abbrev            'To be published' 
_citation.journal_volume            ? 
_citation.page_first                ? 
_citation.page_last                 ? 
_citation.year                      ? 
_citation.journal_id_ASTM           ? 
_citation.country                   ? 
_citation.journal_id_ISSN           ? 
_citation.journal_id_CSD            0353 
_citation.book_publisher            ? 
_citation.pdbx_database_id_PubMed   ? 
_citation.pdbx_database_id_DOI      ? 
# 
_citation_author.citation_id        primary 
_citation_author.name               'Joint Center for Structural Genomics (JCSG)' 
_citation_author.ordinal            1 
_citation_author.identifier_ORCID   ? 
# 
_cell.length_a           39.003 
_cell.length_b           39.003 
_cell.length_c           172.741 
_cell.angle_alpha        90.000 
_cell.angle_beta         90.000 
_cell.angle_gamma        90.000 
_cell.entry_id           2B4A 
_cell.pdbx_unique_axis   ? 
_cell.Z_PDB              8 
# 
_symmetry.Int_Tables_number                92 
_symmetry.space_group_name_H-M             'P 41 21 2' 
_symmetry.entry_id                         2B4A 
_symmetry.pdbx_full_space_group_name_H-M   ? 
_symmetry.cell_setting                     ? 
_symmetry.space_group_name_Hall            ? 
# 
loop_
_entity.id 
_entity.type 
_entity.src_method 
_entity.pdbx_description 
_entity.formula_weight 
_entity.pdbx_number_of_molecules 
_entity.pdbx_ec 
_entity.pdbx_mutation 
_entity.pdbx_fragment 
_entity.details 
1 polymer     man BH3024         15618.729 1  ? ? ? ? 
2 non-polymer syn 1,2-ETHANEDIOL 62.068    2  ? ? ? ? 
3 water       nat water          18.015    25 ? ? ? ? 
# 
_entity_poly.entity_id                      1 
_entity_poly.type                           'polypeptide(L)' 
_entity_poly.nstd_linkage                   no 
_entity_poly.nstd_monomer                   no 
_entity_poly.pdbx_seq_one_letter_code       
;MGSDKIHHHHHHMQPFRVTLVEDEPSHATLIQYHLNQLGAEVTVHPSGSAFFQHRSQLSTCDLLIVSDQLVDLSIFSLLD
IVKEQTKQPSVLILTTGRHELIESSEHNLSYLQKPFAISELRAAIDYHKPSMGVTMNV
;
_entity_poly.pdbx_seq_one_letter_code_can   
;MGSDKIHHHHHHMQPFRVTLVEDEPSHATLIQYHLNQLGAEVTVHPSGSAFFQHRSQLSTCDLLIVSDQLVDLSIFSLLD
IVKEQTKQPSVLILTTGRHELIESSEHNLSYLQKPFAISELRAAIDYHKPSMGVTMNV
;
_entity_poly.pdbx_strand_id                 A 
_entity_poly.pdbx_target_identifier         358875 
# 
loop_
_entity_poly_seq.entity_id 
_entity_poly_seq.num 
_entity_poly_seq.mon_id 
_entity_poly_seq.hetero 
1 1   MET n 
1 2   GLY n 
1 3   SER n 
1 4   ASP n 
1 5   LYS n 
1 6   ILE n 
1 7   HIS n 
1 8   HIS n 
1 9   HIS n 
1 10  HIS n 
1 11  HIS n 
1 12  HIS n 
1 13  MET n 
1 14  GLN n 
1 15  PRO n 
1 16  PHE n 
1 17  ARG n 
1 18  VAL n 
1 19  THR n 
1 20  LEU n 
1 21  VAL n 
1 22  GLU n 
1 23  ASP n 
1 24  GLU n 
1 25  PRO n 
1 26  SER n 
1 27  HIS n 
1 28  ALA n 
1 29  THR n 
1 30  LEU n 
1 31  ILE n 
1 32  GLN n 
1 33  TYR n 
1 34  HIS n 
1 35  LEU n 
1 36  ASN n 
1 37  GLN n 
1 38  LEU n 
1 39  GLY n 
1 40  ALA n 
1 41  GLU n 
1 42  VAL n 
1 43  THR n 
1 44  VAL n 
1 45  HIS n 
1 46  PRO n 
1 47  SER n 
1 48  GLY n 
1 49  SER n 
1 50  ALA n 
1 51  PHE n 
1 52  PHE n 
1 53  GLN n 
1 54  HIS n 
1 55  ARG n 
1 56  SER n 
1 57  GLN n 
1 58  LEU n 
1 59  SER n 
1 60  THR n 
1 61  CYS n 
1 62  ASP n 
1 63  LEU n 
1 64  LEU n 
1 65  ILE n 
1 66  VAL n 
1 67  SER n 
1 68  ASP n 
1 69  GLN n 
1 70  LEU n 
1 71  VAL n 
1 72  ASP n 
1 73  LEU n 
1 74  SER n 
1 75  ILE n 
1 76  PHE n 
1 77  SER n 
1 78  LEU n 
1 79  LEU n 
1 80  ASP n 
1 81  ILE n 
1 82  VAL n 
1 83  LYS n 
1 84  GLU n 
1 85  GLN n 
1 86  THR n 
1 87  LYS n 
1 88  GLN n 
1 89  PRO n 
1 90  SER n 
1 91  VAL n 
1 92  LEU n 
1 93  ILE n 
1 94  LEU n 
1 95  THR n 
1 96  THR n 
1 97  GLY n 
1 98  ARG n 
1 99  HIS n 
1 100 GLU n 
1 101 LEU n 
1 102 ILE n 
1 103 GLU n 
1 104 SER n 
1 105 SER n 
1 106 GLU n 
1 107 HIS n 
1 108 ASN n 
1 109 LEU n 
1 110 SER n 
1 111 TYR n 
1 112 LEU n 
1 113 GLN n 
1 114 LYS n 
1 115 PRO n 
1 116 PHE n 
1 117 ALA n 
1 118 ILE n 
1 119 SER n 
1 120 GLU n 
1 121 LEU n 
1 122 ARG n 
1 123 ALA n 
1 124 ALA n 
1 125 ILE n 
1 126 ASP n 
1 127 TYR n 
1 128 HIS n 
1 129 LYS n 
1 130 PRO n 
1 131 SER n 
1 132 MET n 
1 133 GLY n 
1 134 VAL n 
1 135 THR n 
1 136 MET n 
1 137 ASN n 
1 138 VAL n 
# 
_entity_src_gen.entity_id                          1 
_entity_src_gen.pdbx_src_id                        1 
_entity_src_gen.pdbx_alt_source_flag               sample 
_entity_src_gen.pdbx_seq_type                      ? 
_entity_src_gen.pdbx_beg_seq_num                   ? 
_entity_src_gen.pdbx_end_seq_num                   ? 
_entity_src_gen.gene_src_common_name               ? 
_entity_src_gen.gene_src_genus                     Bacillus 
_entity_src_gen.pdbx_gene_src_gene                 10175646 
_entity_src_gen.gene_src_species                   'Bacillus halodurans' 
_entity_src_gen.gene_src_strain                    C-125 
_entity_src_gen.gene_src_tissue                    ? 
_entity_src_gen.gene_src_tissue_fraction           ? 
_entity_src_gen.gene_src_details                   ? 
_entity_src_gen.pdbx_gene_src_fragment             ? 
_entity_src_gen.pdbx_gene_src_scientific_name      'Bacillus halodurans' 
_entity_src_gen.pdbx_gene_src_ncbi_taxonomy_id     272558 
_entity_src_gen.pdbx_gene_src_variant              ? 
_entity_src_gen.pdbx_gene_src_cell_line            ? 
_entity_src_gen.pdbx_gene_src_atcc                 ? 
_entity_src_gen.pdbx_gene_src_organ                ? 
_entity_src_gen.pdbx_gene_src_organelle            ? 
_entity_src_gen.pdbx_gene_src_cell                 ? 
_entity_src_gen.pdbx_gene_src_cellular_location    ? 
_entity_src_gen.host_org_common_name               ? 
_entity_src_gen.pdbx_host_org_scientific_name      'Escherichia coli' 
_entity_src_gen.pdbx_host_org_ncbi_taxonomy_id     562 
_entity_src_gen.host_org_genus                     Escherichia 
_entity_src_gen.pdbx_host_org_gene                 ? 
_entity_src_gen.pdbx_host_org_organ                ? 
_entity_src_gen.host_org_species                   ? 
_entity_src_gen.pdbx_host_org_tissue               ? 
_entity_src_gen.pdbx_host_org_tissue_fraction      ? 
_entity_src_gen.pdbx_host_org_strain               ? 
_entity_src_gen.pdbx_host_org_variant              ? 
_entity_src_gen.pdbx_host_org_cell_line            ? 
_entity_src_gen.pdbx_host_org_atcc                 ? 
_entity_src_gen.pdbx_host_org_culture_collection   ? 
_entity_src_gen.pdbx_host_org_cell                 ? 
_entity_src_gen.pdbx_host_org_organelle            ? 
_entity_src_gen.pdbx_host_org_cellular_location    ? 
_entity_src_gen.pdbx_host_org_vector_type          Plasmid 
_entity_src_gen.pdbx_host_org_vector               ? 
_entity_src_gen.host_org_details                   ? 
_entity_src_gen.expression_system_id               ? 
_entity_src_gen.plasmid_name                       HK100 
_entity_src_gen.plasmid_details                    ? 
_entity_src_gen.pdbx_description                   ? 
# 
_struct_ref.id                         1 
_struct_ref.db_name                    UNP 
_struct_ref.db_code                    Q9K8I2_BACHD 
_struct_ref.pdbx_db_accession          Q9K8I2 
_struct_ref.entity_id                  1 
_struct_ref.pdbx_seq_one_letter_code   
;MQPFRVTLVEDEPSHATLIQYHLNQLGAEVTVHPSGSAFFQHRSQLSTCDLLIVSDQLVDLSIFSLLDIVKEQTKQPSVL
ILTTGRHELIESSEHNLSYLQKPFAISELRAAIDYHKPSMGVTMNV
;
_struct_ref.pdbx_align_begin           1 
_struct_ref.pdbx_db_isoform            ? 
# 
_struct_ref_seq.align_id                      1 
_struct_ref_seq.ref_id                        1 
_struct_ref_seq.pdbx_PDB_id_code              2B4A 
_struct_ref_seq.pdbx_strand_id                A 
_struct_ref_seq.seq_align_beg                 13 
_struct_ref_seq.pdbx_seq_align_beg_ins_code   ? 
_struct_ref_seq.seq_align_end                 138 
_struct_ref_seq.pdbx_seq_align_end_ins_code   ? 
_struct_ref_seq.pdbx_db_accession             Q9K8I2 
_struct_ref_seq.db_align_beg                  1 
_struct_ref_seq.pdbx_db_align_beg_ins_code    ? 
_struct_ref_seq.db_align_end                  126 
_struct_ref_seq.pdbx_db_align_end_ins_code    ? 
_struct_ref_seq.pdbx_auth_seq_align_beg       1 
_struct_ref_seq.pdbx_auth_seq_align_end       126 
# 
loop_
_struct_ref_seq_dif.align_id 
_struct_ref_seq_dif.pdbx_pdb_id_code 
_struct_ref_seq_dif.mon_id 
_struct_ref_seq_dif.pdbx_pdb_strand_id 
_struct_ref_seq_dif.seq_num 
_struct_ref_seq_dif.pdbx_pdb_ins_code 
_struct_ref_seq_dif.pdbx_seq_db_name 
_struct_ref_seq_dif.pdbx_seq_db_accession_code 
_struct_ref_seq_dif.db_mon_id 
_struct_ref_seq_dif.pdbx_seq_db_seq_num 
_struct_ref_seq_dif.details 
_struct_ref_seq_dif.pdbx_auth_seq_num 
_struct_ref_seq_dif.pdbx_ordinal 
1 2B4A MET A 1  ? UNP Q9K8I2 ? ? 'initiating methionine' -11 1  
1 2B4A GLY A 2  ? UNP Q9K8I2 ? ? 'expression tag'        -10 2  
1 2B4A SER A 3  ? UNP Q9K8I2 ? ? 'expression tag'        -9  3  
1 2B4A ASP A 4  ? UNP Q9K8I2 ? ? 'expression tag'        -8  4  
1 2B4A LYS A 5  ? UNP Q9K8I2 ? ? 'expression tag'        -7  5  
1 2B4A ILE A 6  ? UNP Q9K8I2 ? ? 'expression tag'        -6  6  
1 2B4A HIS A 7  ? UNP Q9K8I2 ? ? 'expression tag'        -5  7  
1 2B4A HIS A 8  ? UNP Q9K8I2 ? ? 'expression tag'        -4  8  
1 2B4A HIS A 9  ? UNP Q9K8I2 ? ? 'expression tag'        -3  9  
1 2B4A HIS A 10 ? UNP Q9K8I2 ? ? 'expression tag'        -2  10 
1 2B4A HIS A 11 ? UNP Q9K8I2 ? ? 'expression tag'        -1  11 
1 2B4A HIS A 12 ? UNP Q9K8I2 ? ? 'expression tag'        0   12 
# 
loop_
_chem_comp.id 
_chem_comp.type 
_chem_comp.mon_nstd_flag 
_chem_comp.name 
_chem_comp.pdbx_synonyms 
_chem_comp.formula 
_chem_comp.formula_weight 
ALA 'L-peptide linking' y ALANINE         ?                 'C3 H7 N O2'     89.093  
ARG 'L-peptide linking' y ARGININE        ?                 'C6 H15 N4 O2 1' 175.209 
ASN 'L-peptide linking' y ASPARAGINE      ?                 'C4 H8 N2 O3'    132.118 
ASP 'L-peptide linking' y 'ASPARTIC ACID' ?                 'C4 H7 N O4'     133.103 
CYS 'L-peptide linking' y CYSTEINE        ?                 'C3 H7 N O2 S'   121.158 
EDO non-polymer         . 1,2-ETHANEDIOL  'ETHYLENE GLYCOL' 'C2 H6 O2'       62.068  
GLN 'L-peptide linking' y GLUTAMINE       ?                 'C5 H10 N2 O3'   146.144 
GLU 'L-peptide linking' y 'GLUTAMIC ACID' ?                 'C5 H9 N O4'     147.129 
GLY 'peptide linking'   y GLYCINE         ?                 'C2 H5 N O2'     75.067  
HIS 'L-peptide linking' y HISTIDINE       ?                 'C6 H10 N3 O2 1' 156.162 
HOH non-polymer         . WATER           ?                 'H2 O'           18.015  
ILE 'L-peptide linking' y ISOLEUCINE      ?                 'C6 H13 N O2'    131.173 
LEU 'L-peptide linking' y LEUCINE         ?                 'C6 H13 N O2'    131.173 
LYS 'L-peptide linking' y LYSINE          ?                 'C6 H15 N2 O2 1' 147.195 
MET 'L-peptide linking' y METHIONINE      ?                 'C5 H11 N O2 S'  149.211 
PHE 'L-peptide linking' y PHENYLALANINE   ?                 'C9 H11 N O2'    165.189 
PRO 'L-peptide linking' y PROLINE         ?                 'C5 H9 N O2'     115.130 
SER 'L-peptide linking' y SERINE          ?                 'C3 H7 N O3'     105.093 
THR 'L-peptide linking' y THREONINE       ?                 'C4 H9 N O3'     119.119 
TYR 'L-peptide linking' y TYROSINE        ?                 'C9 H11 N O3'    181.189 
VAL 'L-peptide linking' y VALINE          ?                 'C5 H11 N O2'    117.146 
# 
_exptl.crystals_number   1 
_exptl.method            'X-RAY DIFFRACTION' 
_exptl.entry_id          2B4A 
# 
_exptl_crystal.id                    1 
_exptl_crystal.density_percent_sol   51.29 
_exptl_crystal.density_Matthews      2.54 
_exptl_crystal.description           ? 
_exptl_crystal.density_meas          ? 
_exptl_crystal.F_000                 ? 
_exptl_crystal.preparation           ? 
# 
_exptl_crystal_grow.crystal_id      1 
_exptl_crystal_grow.method          'VAPOR DIFFUSION,SITTING DROP,NANODROP' 
_exptl_crystal_grow.pH              6.2 
_exptl_crystal_grow.temp            277 
_exptl_crystal_grow.pdbx_details    
'0.2M NaCl, 10.0% PEG-8000, 0.1M Na, K-Phosphate, pH 6.2, VAPOR DIFFUSION,SITTING DROP,NANODROP, temperature 277K' 
_exptl_crystal_grow.temp_details    ? 
_exptl_crystal_grow.pdbx_pH_range   . 
# 
_diffrn.id                     1 
_diffrn.ambient_temp           100 
_diffrn.ambient_temp_details   ? 
_diffrn.crystal_id             1 
# 
_diffrn_detector.diffrn_id              1 
_diffrn_detector.detector               CCD 
_diffrn_detector.type                   'ADSC QUANTUM 315' 
_diffrn_detector.details                'flat mirror' 
_diffrn_detector.pdbx_collection_date   2005-06-15 
# 
_diffrn_radiation.diffrn_id                        1 
_diffrn_radiation.pdbx_monochromatic_or_laue_m_l   M 
_diffrn_radiation.monochromator                    'Single Crystal Si(333) bent monochromator' 
_diffrn_radiation.pdbx_diffrn_protocol             'SINGLE WAVELENGTH' 
_diffrn_radiation.wavelength_id                    1 
_diffrn_radiation.pdbx_scattering_type             x-ray 
# 
_diffrn_radiation_wavelength.id           1 
_diffrn_radiation_wavelength.wavelength   . 
_diffrn_radiation_wavelength.wt           1.0 
# 
_diffrn_source.diffrn_id                   1 
_diffrn_source.source                      SYNCHROTRON 
_diffrn_source.pdbx_synchrotron_beamline   BL11-1 
_diffrn_source.type                        'SSRL BEAMLINE BL11-1' 
_diffrn_source.pdbx_wavelength             ? 
_diffrn_source.pdbx_wavelength_list        ? 
_diffrn_source.pdbx_synchrotron_site       SSRL 
# 
_reflns.entry_id                     2B4A 
_reflns.d_resolution_low             28.94 
_reflns.d_resolution_high            2.36 
_reflns.number_obs                   5994 
_reflns.percent_possible_obs         98.000 
_reflns.pdbx_Rmerge_I_obs            0.086 
_reflns.pdbx_chi_squared             ? 
_reflns.pdbx_redundancy              10.900 
_reflns.pdbx_scaling_rejects         ? 
_reflns.pdbx_netI_over_sigmaI        6.000 
_reflns.pdbx_Rsym_value              0.086 
_reflns.observed_criterion_sigma_F   ? 
_reflns.observed_criterion_sigma_I   ? 
_reflns.number_all                   ? 
_reflns.B_iso_Wilson_estimate        ? 
_reflns.R_free_details               ? 
_reflns.limit_h_max                  ? 
_reflns.limit_h_min                  ? 
_reflns.limit_k_max                  ? 
_reflns.limit_k_min                  ? 
_reflns.limit_l_max                  ? 
_reflns.limit_l_min                  ? 
_reflns.observed_criterion_F_max     ? 
_reflns.observed_criterion_F_min     ? 
_reflns.pdbx_ordinal                 1 
_reflns.pdbx_diffrn_id               1 
# 
loop_
_reflns_shell.d_res_low 
_reflns_shell.d_res_high 
_reflns_shell.number_measured_obs 
_reflns_shell.percent_possible_obs 
_reflns_shell.Rmerge_I_obs 
_reflns_shell.pdbx_chi_squared 
_reflns_shell.pdbx_redundancy 
_reflns_shell.number_unique_obs 
_reflns_shell.meanI_over_sigI_obs 
_reflns_shell.pdbx_Rsym_value 
_reflns_shell.percent_possible_all 
_reflns_shell.number_unique_all 
_reflns_shell.number_measured_all 
_reflns_shell.pdbx_ordinal 
_reflns_shell.pdbx_diffrn_id 
2.42  2.36  369 84.800  0.71  ? 3.800  ? 1.100  0.71  ? ? ? 1  1 
2.49  2.42  373 91.100  0.606 ? 7.900  ? 1.300  0.606 ? ? ? 2  1 
2.56  2.49  412 98.300  0.514 ? 8.700  ? 1.500  0.514 ? ? ? 3  1 
2.64  2.56  400 100.000 0.442 ? 10.600 ? 1.700  0.442 ? ? ? 4  1 
2.73  2.64  387 100.000 0.384 ? 12.700 ? 2.000  0.384 ? ? ? 5  1 
2.82  2.73  380 100.000 0.301 ? 12.600 ? 2.500  0.301 ? ? ? 6  1 
2.93  2.82  364 100.000 0.253 ? 12.900 ? 2.900  0.253 ? ? ? 7  1 
3.05  2.93  355 100.000 0.2   ? 12.600 ? 3.700  0.2   ? ? ? 8  1 
3.18  3.05  335 100.000 0.134 ? 12.600 ? 5.200  0.134 ? ? ? 9  1 
3.34  3.18  333 100.000 0.121 ? 12.500 ? 5.700  0.121 ? ? ? 10 1 
3.52  3.34  320 100.000 0.103 ? 12.200 ? 6.200  0.103 ? ? ? 11 1 
3.73  3.52  294 100.000 0.092 ? 12.200 ? 6.400  0.092 ? ? ? 12 1 
3.99  3.73  291 100.000 0.093 ? 11.800 ? 5.300  0.093 ? ? ? 13 1 
4.31  3.99  269 100.000 0.068 ? 12.100 ? 8.500  0.068 ? ? ? 14 1 
4.72  4.31  244 99.900  0.053 ? 11.800 ? 11.000 0.053 ? ? ? 15 1 
5.28  4.72  224 99.800  0.049 ? 11.500 ? 11.800 0.049 ? ? ? 16 1 
6.09  5.28  215 99.900  0.051 ? 10.900 ? 11.800 0.051 ? ? ? 17 1 
7.46  6.09  185 100.000 0.055 ? 9.300  ? 10.600 0.055 ? ? ? 18 1 
10.55 7.46  151 99.500  0.044 ? 9.800  ? 12.400 0.044 ? ? ? 19 1 
28.94 10.55 93  89.700  0.038 ? 7.800  ? 13.500 0.038 ? ? ? 20 1 
# 
_refine.ls_d_res_high                            2.420 
_refine.ls_d_res_low                             28.94 
_refine.ls_percent_reflns_obs                    98.780 
_refine.ls_number_reflns_obs                     5309 
_refine.pdbx_ls_cross_valid_method               THROUGHOUT 
_refine.pdbx_R_Free_selection_details            RANDOM 
_refine.ls_R_factor_all                          0.185 
_refine.ls_R_factor_R_work                       0.182 
_refine.ls_R_factor_R_free                       0.243 
_refine.ls_percent_reflns_R_free                 4.600 
_refine.ls_number_reflns_R_free                  257 
_refine.B_iso_mean                               30.123 
_refine.aniso_B[1][1]                            0.680 
_refine.aniso_B[2][2]                            0.680 
_refine.aniso_B[3][3]                            -1.350 
_refine.aniso_B[1][2]                            0.000 
_refine.aniso_B[1][3]                            0.000 
_refine.aniso_B[2][3]                            0.000 
_refine.correlation_coeff_Fo_to_Fc               0.963 
_refine.correlation_coeff_Fo_to_Fc_free          0.935 
_refine.pdbx_overall_ESU_R                       0.339 
_refine.pdbx_overall_ESU_R_Free                  0.250 
_refine.overall_SU_ML                            0.179 
_refine.overall_SU_B                             16.654 
_refine.solvent_model_details                    MASK 
_refine.pdbx_solvent_vdw_probe_radii             1.200 
_refine.pdbx_solvent_ion_probe_radii             0.800 
_refine.pdbx_solvent_shrinkage_radii             0.800 
_refine.pdbx_stereochemistry_target_values       'MAXIMUM LIKELIHOOD' 
_refine.pdbx_method_to_determine_struct          MR 
_refine.pdbx_starting_model                      1kgs 
_refine.entry_id                                 2B4A 
_refine.pdbx_ls_sigma_F                          ? 
_refine.pdbx_ls_sigma_I                          ? 
_refine.ls_number_reflns_all                     ? 
_refine.ls_R_factor_obs                          ? 
_refine.ls_redundancy_reflns_obs                 ? 
_refine.pdbx_data_cutoff_high_absF               ? 
_refine.pdbx_data_cutoff_low_absF                ? 
_refine.ls_number_parameters                     ? 
_refine.ls_number_restraints                     ? 
_refine.ls_R_factor_R_free_error                 ? 
_refine.ls_R_factor_R_free_error_details         ? 
_refine.pdbx_stereochem_target_val_spec_case     ? 
_refine.solvent_model_param_bsol                 ? 
_refine.solvent_model_param_ksol                 ? 
_refine.occupancy_max                            ? 
_refine.occupancy_min                            ? 
_refine.pdbx_isotropic_thermal_model             ? 
_refine.details                                  
;1. HYDROGENS HAVE BEEN ADDED IN THE RIDING POSITIONS 
2. HIS 87 AND GLU 88 ARE NOT VISIBLE IN THE ELECTRON DENSITY MAPS.
;
_refine.B_iso_min                                ? 
_refine.B_iso_max                                ? 
_refine.overall_SU_R_Cruickshank_DPI             ? 
_refine.overall_SU_R_free                        ? 
_refine.pdbx_data_cutoff_high_rms_absF           ? 
_refine.ls_wR_factor_R_free                      ? 
_refine.ls_wR_factor_R_work                      ? 
_refine.overall_FOM_free_R_set                   ? 
_refine.overall_FOM_work_R_set                   ? 
_refine.pdbx_refine_id                           'X-RAY DIFFRACTION' 
_refine.pdbx_TLS_residual_ADP_flag               'LIKELY RESIDUAL' 
_refine.pdbx_diffrn_id                           1 
_refine.pdbx_overall_phase_error                 ? 
_refine.pdbx_overall_SU_R_free_Cruickshank_DPI   ? 
_refine.pdbx_overall_SU_R_Blow_DPI               ? 
_refine.pdbx_overall_SU_R_free_Blow_DPI          ? 
# 
_refine_hist.pdbx_refine_id                   'X-RAY DIFFRACTION' 
_refine_hist.cycle_id                         LAST 
_refine_hist.pdbx_number_atoms_protein        889 
_refine_hist.pdbx_number_atoms_nucleic_acid   0 
_refine_hist.pdbx_number_atoms_ligand         8 
_refine_hist.number_atoms_solvent             25 
_refine_hist.number_atoms_total               922 
_refine_hist.d_res_high                       2.420 
_refine_hist.d_res_low                        28.94 
# 
loop_
_refine_ls_restr.type 
_refine_ls_restr.number 
_refine_ls_restr.dev_ideal 
_refine_ls_restr.dev_ideal_target 
_refine_ls_restr.weight 
_refine_ls_restr.pdbx_refine_id 
_refine_ls_restr.pdbx_restraint_function 
r_bond_refined_d         912  0.017  0.021  ? 'X-RAY DIFFRACTION' ? 
r_bond_other_d           589  0.001  0.020  ? 'X-RAY DIFFRACTION' ? 
r_angle_refined_deg      1237 1.732  1.966  ? 'X-RAY DIFFRACTION' ? 
r_angle_other_deg        1455 0.995  3.000  ? 'X-RAY DIFFRACTION' ? 
r_dihedral_angle_1_deg   114  8.017  5.000  ? 'X-RAY DIFFRACTION' ? 
r_dihedral_angle_2_deg   36   38.418 25.000 ? 'X-RAY DIFFRACTION' ? 
r_dihedral_angle_3_deg   150  15.545 15.000 ? 'X-RAY DIFFRACTION' ? 
r_dihedral_angle_4_deg   2    27.805 15.000 ? 'X-RAY DIFFRACTION' ? 
r_chiral_restr           152  0.104  0.200  ? 'X-RAY DIFFRACTION' ? 
r_gen_planes_refined     985  0.006  0.020  ? 'X-RAY DIFFRACTION' ? 
r_gen_planes_other       165  0.001  0.020  ? 'X-RAY DIFFRACTION' ? 
r_nbd_refined            158  0.211  0.200  ? 'X-RAY DIFFRACTION' ? 
r_nbd_other              558  0.195  0.200  ? 'X-RAY DIFFRACTION' ? 
r_nbtor_refined          455  0.177  0.200  ? 'X-RAY DIFFRACTION' ? 
r_nbtor_other            455  0.094  0.200  ? 'X-RAY DIFFRACTION' ? 
r_xyhbond_nbd_refined    28   0.176  0.200  ? 'X-RAY DIFFRACTION' ? 
r_symmetry_vdw_refined   12   0.116  0.200  ? 'X-RAY DIFFRACTION' ? 
r_symmetry_vdw_other     24   0.247  0.200  ? 'X-RAY DIFFRACTION' ? 
r_symmetry_hbond_refined 2    0.145  0.200  ? 'X-RAY DIFFRACTION' ? 
r_mcbond_it              602  2.372  3.000  ? 'X-RAY DIFFRACTION' ? 
r_mcbond_other           228  0.443  3.000  ? 'X-RAY DIFFRACTION' ? 
r_mcangle_it             940  3.815  5.000  ? 'X-RAY DIFFRACTION' ? 
r_scbond_it              347  6.309  8.000  ? 'X-RAY DIFFRACTION' ? 
r_scangle_it             297  8.326  11.000 ? 'X-RAY DIFFRACTION' ? 
# 
_refine_ls_shell.d_res_high                       2.420 
_refine_ls_shell.d_res_low                        2.483 
_refine_ls_shell.pdbx_total_number_of_bins_used   20 
_refine_ls_shell.percent_reflns_obs               89.150 
_refine_ls_shell.number_reflns_R_work             326 
_refine_ls_shell.R_factor_R_work                  0.289 
_refine_ls_shell.R_factor_R_free                  0.494 
_refine_ls_shell.percent_reflns_R_free            ? 
_refine_ls_shell.number_reflns_R_free             19 
_refine_ls_shell.R_factor_R_free_error            ? 
_refine_ls_shell.number_reflns_obs                ? 
_refine_ls_shell.redundancy_reflns_obs            ? 
_refine_ls_shell.number_reflns_all                ? 
_refine_ls_shell.pdbx_refine_id                   'X-RAY DIFFRACTION' 
_refine_ls_shell.R_factor_all                     ? 
# 
_struct.entry_id                  2B4A 
_struct.title                     
'Crystal structure of a response regulator receiver domain protein (bh3024) from bacillus halodurans c-125 at 2.42 A resolution' 
_struct.pdbx_model_details        ? 
_struct.pdbx_CASP_flag            ? 
_struct.pdbx_model_type_details   ? 
# 
_struct_keywords.text            
;Flavodoxin-like fold, structural genomics, Joint Center for Structural Genomics, JCSG, Protein Structure Initiative, PSI-2, signaling protein
;
_struct_keywords.pdbx_keywords   'SIGNALING PROTEIN' 
_struct_keywords.entry_id        2B4A 
# 
loop_
_struct_asym.id 
_struct_asym.pdbx_blank_PDB_chainid_flag 
_struct_asym.pdbx_modified 
_struct_asym.entity_id 
_struct_asym.details 
A N N 1 ? 
B N N 2 ? 
C N N 2 ? 
D N N 3 ? 
# 
_struct_biol.id   1 
# 
loop_
_struct_conf.conf_type_id 
_struct_conf.id 
_struct_conf.pdbx_PDB_helix_id 
_struct_conf.beg_label_comp_id 
_struct_conf.beg_label_asym_id 
_struct_conf.beg_label_seq_id 
_struct_conf.pdbx_beg_PDB_ins_code 
_struct_conf.end_label_comp_id 
_struct_conf.end_label_asym_id 
_struct_conf.end_label_seq_id 
_struct_conf.pdbx_end_PDB_ins_code 
_struct_conf.beg_auth_comp_id 
_struct_conf.beg_auth_asym_id 
_struct_conf.beg_auth_seq_id 
_struct_conf.end_auth_comp_id 
_struct_conf.end_auth_asym_id 
_struct_conf.end_auth_seq_id 
_struct_conf.pdbx_PDB_helix_class 
_struct_conf.details 
_struct_conf.pdbx_PDB_helix_length 
HELX_P HELX_P1 1 GLU A 24  ? LEU A 38  ? GLU A 12  LEU A 26  1 ? 15 
HELX_P HELX_P2 2 SER A 47  ? HIS A 54  ? SER A 35  HIS A 42  1 ? 8  
HELX_P HELX_P3 3 ARG A 55  ? THR A 60  ? ARG A 43  THR A 48  5 ? 6  
HELX_P HELX_P4 4 SER A 74  ? LYS A 83  ? SER A 62  LYS A 71  1 ? 10 
HELX_P HELX_P5 5 ALA A 117 ? HIS A 128 ? ALA A 105 HIS A 116 1 ? 12 
# 
_struct_conf_type.id          HELX_P 
_struct_conf_type.criteria    ? 
_struct_conf_type.reference   ? 
# 
loop_
_struct_mon_prot_cis.pdbx_id 
_struct_mon_prot_cis.label_comp_id 
_struct_mon_prot_cis.label_seq_id 
_struct_mon_prot_cis.label_asym_id 
_struct_mon_prot_cis.label_alt_id 
_struct_mon_prot_cis.pdbx_PDB_ins_code 
_struct_mon_prot_cis.auth_comp_id 
_struct_mon_prot_cis.auth_seq_id 
_struct_mon_prot_cis.auth_asym_id 
_struct_mon_prot_cis.pdbx_label_comp_id_2 
_struct_mon_prot_cis.pdbx_label_seq_id_2 
_struct_mon_prot_cis.pdbx_label_asym_id_2 
_struct_mon_prot_cis.pdbx_PDB_ins_code_2 
_struct_mon_prot_cis.pdbx_auth_comp_id_2 
_struct_mon_prot_cis.pdbx_auth_seq_id_2 
_struct_mon_prot_cis.pdbx_auth_asym_id_2 
_struct_mon_prot_cis.pdbx_PDB_model_num 
_struct_mon_prot_cis.pdbx_omega_angle 
1 LYS 114 A . ? LYS 102 A PRO 115 A ? PRO 103 A 1 -10.37 
2 PRO 130 A . ? PRO 118 A SER 131 A ? SER 119 A 1 9.72   
# 
_struct_sheet.id               A 
_struct_sheet.type             ? 
_struct_sheet.number_strands   5 
_struct_sheet.details          ? 
# 
loop_
_struct_sheet_order.sheet_id 
_struct_sheet_order.range_id_1 
_struct_sheet_order.range_id_2 
_struct_sheet_order.offset 
_struct_sheet_order.sense 
A 1 2 ? parallel 
A 2 3 ? parallel 
A 3 4 ? parallel 
A 4 5 ? parallel 
# 
loop_
_struct_sheet_range.sheet_id 
_struct_sheet_range.id 
_struct_sheet_range.beg_label_comp_id 
_struct_sheet_range.beg_label_asym_id 
_struct_sheet_range.beg_label_seq_id 
_struct_sheet_range.pdbx_beg_PDB_ins_code 
_struct_sheet_range.end_label_comp_id 
_struct_sheet_range.end_label_asym_id 
_struct_sheet_range.end_label_seq_id 
_struct_sheet_range.pdbx_end_PDB_ins_code 
_struct_sheet_range.beg_auth_comp_id 
_struct_sheet_range.beg_auth_asym_id 
_struct_sheet_range.beg_auth_seq_id 
_struct_sheet_range.end_auth_comp_id 
_struct_sheet_range.end_auth_asym_id 
_struct_sheet_range.end_auth_seq_id 
A 1 GLU A 41  ? HIS A 45  ? GLU A 29 HIS A 33  
A 2 ARG A 17  ? VAL A 21  ? ARG A 5  VAL A 9   
A 3 LEU A 63  ? SER A 67  ? LEU A 51 SER A 55  
A 4 SER A 90  ? THR A 95  ? SER A 78 THR A 83  
A 5 LEU A 109 ? GLN A 113 ? LEU A 97 GLN A 101 
# 
loop_
_pdbx_struct_sheet_hbond.sheet_id 
_pdbx_struct_sheet_hbond.range_id_1 
_pdbx_struct_sheet_hbond.range_id_2 
_pdbx_struct_sheet_hbond.range_1_label_atom_id 
_pdbx_struct_sheet_hbond.range_1_label_comp_id 
_pdbx_struct_sheet_hbond.range_1_label_asym_id 
_pdbx_struct_sheet_hbond.range_1_label_seq_id 
_pdbx_struct_sheet_hbond.range_1_PDB_ins_code 
_pdbx_struct_sheet_hbond.range_1_auth_atom_id 
_pdbx_struct_sheet_hbond.range_1_auth_comp_id 
_pdbx_struct_sheet_hbond.range_1_auth_asym_id 
_pdbx_struct_sheet_hbond.range_1_auth_seq_id 
_pdbx_struct_sheet_hbond.range_2_label_atom_id 
_pdbx_struct_sheet_hbond.range_2_label_comp_id 
_pdbx_struct_sheet_hbond.range_2_label_asym_id 
_pdbx_struct_sheet_hbond.range_2_label_seq_id 
_pdbx_struct_sheet_hbond.range_2_PDB_ins_code 
_pdbx_struct_sheet_hbond.range_2_auth_atom_id 
_pdbx_struct_sheet_hbond.range_2_auth_comp_id 
_pdbx_struct_sheet_hbond.range_2_auth_asym_id 
_pdbx_struct_sheet_hbond.range_2_auth_seq_id 
A 1 2 O THR A 43 ? O THR A 31 N LEU A 20  ? N LEU A 8   
A 2 3 N VAL A 21 ? N VAL A 9  O ILE A 65  ? O ILE A 53  
A 3 4 N LEU A 64 ? N LEU A 52 O LEU A 92  ? O LEU A 80  
A 4 5 N ILE A 93 ? N ILE A 81 O LEU A 112 ? O LEU A 100 
# 
loop_
_struct_site.id 
_struct_site.pdbx_evidence_code 
_struct_site.pdbx_auth_asym_id 
_struct_site.pdbx_auth_comp_id 
_struct_site.pdbx_auth_seq_id 
_struct_site.pdbx_auth_ins_code 
_struct_site.pdbx_num_residues 
_struct_site.details 
AC1 Software A EDO 127 ? 4 'BINDING SITE FOR RESIDUE EDO A 127' 
AC2 Software A EDO 128 ? 7 'BINDING SITE FOR RESIDUE EDO A 128' 
# 
loop_
_struct_site_gen.id 
_struct_site_gen.site_id 
_struct_site_gen.pdbx_num_res 
_struct_site_gen.label_comp_id 
_struct_site_gen.label_asym_id 
_struct_site_gen.label_seq_id 
_struct_site_gen.pdbx_auth_ins_code 
_struct_site_gen.auth_comp_id 
_struct_site_gen.auth_asym_id 
_struct_site_gen.auth_seq_id 
_struct_site_gen.label_atom_id 
_struct_site_gen.label_alt_id 
_struct_site_gen.symmetry 
_struct_site_gen.details 
1  AC1 4 HIS A 27  ? HIS A 15  . ? 6_455 ? 
2  AC1 4 PRO A 115 ? PRO A 103 . ? 6_455 ? 
3  AC1 4 PHE A 116 ? PHE A 104 . ? 6_455 ? 
4  AC1 4 SER A 131 ? SER A 119 . ? 1_555 ? 
5  AC2 7 LEU A 79  ? LEU A 67  . ? 1_555 ? 
6  AC2 7 VAL A 82  ? VAL A 70  . ? 1_555 ? 
7  AC2 7 LYS A 83  ? LYS A 71  . ? 1_555 ? 
8  AC2 7 GLN A 88  ? GLN A 76  . ? 1_555 ? 
9  AC2 7 SER A 104 ? SER A 92  . ? 1_555 ? 
10 AC2 7 GLU A 106 ? GLU A 94  . ? 1_555 ? 
11 AC2 7 ASN A 108 ? ASN A 96  . ? 1_555 ? 
# 
_atom_sites.entry_id                    2B4A 
_atom_sites.fract_transf_matrix[1][1]   -0.00935471 
_atom_sites.fract_transf_matrix[1][2]   0.02213655 
_atom_sites.fract_transf_matrix[1][3]   -0.00893711 
_atom_sites.fract_transf_matrix[2][1]   0.01293846 
_atom_sites.fract_transf_matrix[2][2]   0.01276811 
_atom_sites.fract_transf_matrix[2][3]   0.01808262 
_atom_sites.fract_transf_matrix[3][1]   0.00453045 
_atom_sites.fract_transf_matrix[3][2]   0.00047141 
_atom_sites.fract_transf_matrix[3][3]   -0.00357448 
_atom_sites.fract_transf_vector[1]      0.732190 
_atom_sites.fract_transf_vector[2]      0.412286 
_atom_sites.fract_transf_vector[3]      0.424722 
# 
loop_
_atom_type.symbol 
C 
N 
O 
S 
# 
loop_
_atom_site.group_PDB 
_atom_site.id 
_atom_site.type_symbol 
_atom_site.label_atom_id 
_atom_site.label_alt_id 
_atom_site.label_comp_id 
_atom_site.label_asym_id 
_atom_site.label_entity_id 
_atom_site.label_seq_id 
_atom_site.pdbx_PDB_ins_code 
_atom_site.Cartn_x 
_atom_site.Cartn_y 
_atom_site.Cartn_z 
_atom_site.occupancy 
_atom_site.B_iso_or_equiv 
_atom_site.pdbx_formal_charge 
_atom_site.auth_seq_id 
_atom_site.auth_comp_id 
_atom_site.auth_asym_id 
_atom_site.auth_atom_id 
_atom_site.pdbx_PDB_model_num 
ATOM   1   N N   . GLN A 1 14  ? -9.030  1.290   18.271  1.00 47.59 ? 2   GLN A N   1 
ATOM   2   C CA  . GLN A 1 14  ? -7.694  1.606   17.659  1.00 48.11 ? 2   GLN A CA  1 
ATOM   3   C C   . GLN A 1 14  ? -7.877  2.198   16.266  1.00 46.53 ? 2   GLN A C   1 
ATOM   4   O O   . GLN A 1 14  ? -8.884  1.939   15.598  1.00 47.49 ? 2   GLN A O   1 
ATOM   5   C CB  . GLN A 1 14  ? -6.789  0.361   17.573  1.00 48.66 ? 2   GLN A CB  1 
ATOM   6   N N   . PRO A 1 15  ? -6.916  3.022   15.826  1.00 44.70 ? 3   PRO A N   1 
ATOM   7   C CA  . PRO A 1 15  ? -6.998  3.486   14.441  1.00 43.95 ? 3   PRO A CA  1 
ATOM   8   C C   . PRO A 1 15  ? -6.566  2.423   13.418  1.00 41.38 ? 3   PRO A C   1 
ATOM   9   O O   . PRO A 1 15  ? -5.975  1.391   13.753  1.00 43.44 ? 3   PRO A O   1 
ATOM   10  C CB  . PRO A 1 15  ? -6.067  4.713   14.411  1.00 44.21 ? 3   PRO A CB  1 
ATOM   11  C CG  . PRO A 1 15  ? -5.077  4.465   15.481  1.00 45.77 ? 3   PRO A CG  1 
ATOM   12  C CD  . PRO A 1 15  ? -5.756  3.590   16.536  1.00 44.63 ? 3   PRO A CD  1 
ATOM   13  N N   . PHE A 1 16  ? -6.911  2.692   12.172  1.00 38.64 ? 4   PHE A N   1 
ATOM   14  C CA  . PHE A 1 16  ? -6.551  1.866   11.038  1.00 35.90 ? 4   PHE A CA  1 
ATOM   15  C C   . PHE A 1 16  ? -5.592  2.737   10.248  1.00 33.19 ? 4   PHE A C   1 
ATOM   16  O O   . PHE A 1 16  ? -6.024  3.597   9.490   1.00 31.80 ? 4   PHE A O   1 
ATOM   17  C CB  . PHE A 1 16  ? -7.824  1.566   10.260  1.00 36.23 ? 4   PHE A CB  1 
ATOM   18  C CG  . PHE A 1 16  ? -7.619  0.861   8.946   1.00 34.99 ? 4   PHE A CG  1 
ATOM   19  C CD1 . PHE A 1 16  ? -6.744  -0.184  8.822   1.00 32.15 ? 4   PHE A CD1 1 
ATOM   20  C CD2 . PHE A 1 16  ? -8.392  1.204   7.855   1.00 35.37 ? 4   PHE A CD2 1 
ATOM   21  C CE1 . PHE A 1 16  ? -6.611  -0.846  7.634   1.00 27.74 ? 4   PHE A CE1 1 
ATOM   22  C CE2 . PHE A 1 16  ? -8.254  0.535   6.671   1.00 37.19 ? 4   PHE A CE2 1 
ATOM   23  C CZ  . PHE A 1 16  ? -7.357  -0.495  6.574   1.00 36.00 ? 4   PHE A CZ  1 
ATOM   24  N N   . ARG A 1 17  ? -4.299  2.549   10.486  1.00 31.52 ? 5   ARG A N   1 
ATOM   25  C CA  . ARG A 1 17  ? -3.272  3.349   9.868   1.00 31.59 ? 5   ARG A CA  1 
ATOM   26  C C   . ARG A 1 17  ? -2.873  2.696   8.510   1.00 33.81 ? 5   ARG A C   1 
ATOM   27  O O   . ARG A 1 17  ? -2.462  1.503   8.462   1.00 31.37 ? 5   ARG A O   1 
ATOM   28  C CB  . ARG A 1 17  ? -2.087  3.464   10.831  1.00 33.85 ? 5   ARG A CB  1 
ATOM   29  C CG  . ARG A 1 17  ? -2.405  4.167   12.144  1.00 32.00 ? 5   ARG A CG  1 
ATOM   30  C CD  . ARG A 1 17  ? -1.416  3.763   13.273  1.00 43.78 ? 5   ARG A CD  1 
ATOM   31  N NE  . ARG A 1 17  ? -1.768  4.304   14.606  1.00 43.64 ? 5   ARG A NE  1 
ATOM   32  N N   . VAL A 1 18  ? -3.040  3.468   7.425   1.00 30.85 ? 6   VAL A N   1 
ATOM   33  C CA  . VAL A 1 18  ? -2.782  2.999   6.065   1.00 29.34 ? 6   VAL A CA  1 
ATOM   34  C C   . VAL A 1 18  ? -1.763  3.905   5.445   1.00 30.95 ? 6   VAL A C   1 
ATOM   35  O O   . VAL A 1 18  ? -1.882  5.124   5.569   1.00 30.39 ? 6   VAL A O   1 
ATOM   36  C CB  . VAL A 1 18  ? -4.005  3.105   5.173   1.00 27.40 ? 6   VAL A CB  1 
ATOM   37  C CG1 . VAL A 1 18  ? -3.670  2.625   3.786   1.00 24.17 ? 6   VAL A CG1 1 
ATOM   38  C CG2 . VAL A 1 18  ? -5.143  2.346   5.773   1.00 18.99 ? 6   VAL A CG2 1 
ATOM   39  N N   . THR A 1 19  ? -0.756  3.311   4.791   1.00 32.15 ? 7   THR A N   1 
ATOM   40  C CA  . THR A 1 19  ? 0.249   4.075   4.082   1.00 29.17 ? 7   THR A CA  1 
ATOM   41  C C   . THR A 1 19  ? 0.076   3.782   2.607   1.00 29.93 ? 7   THR A C   1 
ATOM   42  O O   . THR A 1 19  ? -0.019  2.607   2.190   1.00 28.42 ? 7   THR A O   1 
ATOM   43  C CB  . THR A 1 19  ? 1.662   3.774   4.580   1.00 29.52 ? 7   THR A CB  1 
ATOM   44  O OG1 . THR A 1 19  ? 1.849   4.385   5.870   1.00 39.00 ? 7   THR A OG1 1 
ATOM   45  C CG2 . THR A 1 19  ? 2.702   4.386   3.665   1.00 25.91 ? 7   THR A CG2 1 
ATOM   46  N N   . LEU A 1 20  ? -0.015  4.864   1.830   1.00 29.96 ? 8   LEU A N   1 
ATOM   47  C CA  . LEU A 1 20  ? -0.277  4.795   0.396   1.00 29.85 ? 8   LEU A CA  1 
ATOM   48  C C   . LEU A 1 20  ? 0.967   5.301   -0.297  1.00 30.55 ? 8   LEU A C   1 
ATOM   49  O O   . LEU A 1 20  ? 1.354   6.444   -0.065  1.00 32.29 ? 8   LEU A O   1 
ATOM   50  C CB  . LEU A 1 20  ? -1.474  5.671   0.038   1.00 28.28 ? 8   LEU A CB  1 
ATOM   51  C CG  . LEU A 1 20  ? -1.745  5.875   -1.452  1.00 26.61 ? 8   LEU A CG  1 
ATOM   52  C CD1 . LEU A 1 20  ? -2.108  4.572   -2.146  1.00 25.27 ? 8   LEU A CD1 1 
ATOM   53  C CD2 . LEU A 1 20  ? -2.867  6.973   -1.668  1.00 30.50 ? 8   LEU A CD2 1 
ATOM   54  N N   . VAL A 1 21  ? 1.622   4.448   -1.090  1.00 28.97 ? 9   VAL A N   1 
ATOM   55  C CA  . VAL A 1 21  ? 2.800   4.864   -1.828  1.00 31.85 ? 9   VAL A CA  1 
ATOM   56  C C   . VAL A 1 21  ? 2.434   4.827   -3.299  1.00 34.28 ? 9   VAL A C   1 
ATOM   57  O O   . VAL A 1 21  ? 2.398   3.750   -3.905  1.00 32.47 ? 9   VAL A O   1 
ATOM   58  C CB  . VAL A 1 21  ? 4.020   3.964   -1.568  1.00 31.06 ? 9   VAL A CB  1 
ATOM   59  C CG1 . VAL A 1 21  ? 5.220   4.555   -2.290  1.00 28.85 ? 9   VAL A CG1 1 
ATOM   60  C CG2 . VAL A 1 21  ? 4.316   3.868   -0.080  1.00 30.56 ? 9   VAL A CG2 1 
ATOM   61  N N   . GLU A 1 22  ? 2.149   5.993   -3.879  1.00 35.62 ? 10  GLU A N   1 
ATOM   62  C CA  . GLU A 1 22  ? 1.685   6.044   -5.274  1.00 37.40 ? 10  GLU A CA  1 
ATOM   63  C C   . GLU A 1 22  ? 2.081   7.354   -5.930  1.00 36.97 ? 10  GLU A C   1 
ATOM   64  O O   . GLU A 1 22  ? 1.923   8.417   -5.338  1.00 38.75 ? 10  GLU A O   1 
ATOM   65  C CB  . GLU A 1 22  ? 0.165   5.766   -5.339  1.00 38.49 ? 10  GLU A CB  1 
ATOM   66  C CG  . GLU A 1 22  ? -0.542  6.036   -6.692  1.00 39.72 ? 10  GLU A CG  1 
ATOM   67  C CD  . GLU A 1 22  ? -0.098  5.127   -7.830  1.00 47.92 ? 10  GLU A CD  1 
ATOM   68  O OE1 . GLU A 1 22  ? -0.692  4.033   -7.980  1.00 51.04 ? 10  GLU A OE1 1 
ATOM   69  O OE2 . GLU A 1 22  ? 0.826   5.520   -8.601  1.00 58.86 ? 10  GLU A OE2 1 
ATOM   70  N N   . ASP A 1 23  ? 2.651   7.266   -7.130  1.00 38.94 ? 11  ASP A N   1 
ATOM   71  C CA  . ASP A 1 23  ? 3.230   8.453   -7.787  1.00 40.16 ? 11  ASP A CA  1 
ATOM   72  C C   . ASP A 1 23  ? 2.394   9.104   -8.903  1.00 39.94 ? 11  ASP A C   1 
ATOM   73  O O   . ASP A 1 23  ? 2.748   10.170  -9.377  1.00 42.50 ? 11  ASP A O   1 
ATOM   74  C CB  . ASP A 1 23  ? 4.713   8.238   -8.212  1.00 41.06 ? 11  ASP A CB  1 
ATOM   75  C CG  . ASP A 1 23  ? 4.934   7.190   -9.343  1.00 44.06 ? 11  ASP A CG  1 
ATOM   76  O OD1 . ASP A 1 23  ? 3.992   6.556   -9.876  1.00 45.90 ? 11  ASP A OD1 1 
ATOM   77  O OD2 . ASP A 1 23  ? 6.139   6.996   -9.685  1.00 52.78 ? 11  ASP A OD2 1 
ATOM   78  N N   . GLU A 1 24  ? 1.289   8.486   -9.308  1.00 42.73 ? 12  GLU A N   1 
ATOM   79  C CA  . GLU A 1 24  ? 0.256   9.197   -10.095 1.00 44.07 ? 12  GLU A CA  1 
ATOM   80  C C   . GLU A 1 24  ? -0.659  9.956   -9.129  1.00 40.03 ? 12  GLU A C   1 
ATOM   81  O O   . GLU A 1 24  ? -1.398  9.326   -8.379  1.00 33.57 ? 12  GLU A O   1 
ATOM   82  C CB  . GLU A 1 24  ? -0.557  8.220   -10.959 1.00 45.56 ? 12  GLU A CB  1 
ATOM   83  C CG  . GLU A 1 24  ? 0.192   7.781   -12.226 1.00 53.42 ? 12  GLU A CG  1 
ATOM   84  C CD  . GLU A 1 24  ? 0.503   8.955   -13.180 1.00 58.02 ? 12  GLU A CD  1 
ATOM   85  O OE1 . GLU A 1 24  ? -0.347  9.872   -13.282 1.00 60.72 ? 12  GLU A OE1 1 
ATOM   86  O OE2 . GLU A 1 24  ? 1.592   8.952   -13.821 1.00 63.12 ? 12  GLU A OE2 1 
ATOM   87  N N   . PRO A 1 25  ? -0.601  11.313  -9.129  1.00 40.18 ? 13  PRO A N   1 
ATOM   88  C CA  . PRO A 1 25  ? -1.320  12.018  -8.052  1.00 40.20 ? 13  PRO A CA  1 
ATOM   89  C C   . PRO A 1 25  ? -2.838  11.872  -8.149  1.00 40.67 ? 13  PRO A C   1 
ATOM   90  O O   . PRO A 1 25  ? -3.502  11.896  -7.115  1.00 43.79 ? 13  PRO A O   1 
ATOM   91  C CB  . PRO A 1 25  ? -0.870  13.480  -8.193  1.00 38.31 ? 13  PRO A CB  1 
ATOM   92  C CG  . PRO A 1 25  ? 0.255   13.472  -9.162  1.00 39.23 ? 13  PRO A CG  1 
ATOM   93  C CD  . PRO A 1 25  ? 0.053   12.264  -10.040 1.00 39.04 ? 13  PRO A CD  1 
ATOM   94  N N   . SER A 1 26  ? -3.367  11.658  -9.359  1.00 39.82 ? 14  SER A N   1 
ATOM   95  C CA  . SER A 1 26  ? -4.816  11.424  -9.553  1.00 40.06 ? 14  SER A CA  1 
ATOM   96  C C   . SER A 1 26  ? -5.305  10.028  -9.092  1.00 40.13 ? 14  SER A C   1 
ATOM   97  O O   . SER A 1 26  ? -6.464  9.900   -8.683  1.00 43.25 ? 14  SER A O   1 
ATOM   98  C CB  . SER A 1 26  ? -5.192  11.654  -11.012 1.00 40.09 ? 14  SER A CB  1 
ATOM   99  O OG  . SER A 1 26  ? -4.832  10.534  -11.789 1.00 43.02 ? 14  SER A OG  1 
ATOM   100 N N   . HIS A 1 27  ? -4.436  9.004   -9.129  1.00 37.70 ? 15  HIS A N   1 
ATOM   101 C CA  . HIS A 1 27  ? -4.754  7.683   -8.552  1.00 34.66 ? 15  HIS A CA  1 
ATOM   102 C C   . HIS A 1 27  ? -4.581  7.761   -7.037  1.00 31.91 ? 15  HIS A C   1 
ATOM   103 O O   . HIS A 1 27  ? -5.320  7.139   -6.279  1.00 31.81 ? 15  HIS A O   1 
ATOM   104 C CB  . HIS A 1 27  ? -3.810  6.588   -9.061  1.00 33.95 ? 15  HIS A CB  1 
ATOM   105 C CG  . HIS A 1 27  ? -3.816  6.365   -10.549 1.00 43.64 ? 15  HIS A CG  1 
ATOM   106 N ND1 . HIS A 1 27  ? -3.605  5.119   -11.107 1.00 43.72 ? 15  HIS A ND1 1 
ATOM   107 C CD2 . HIS A 1 27  ? -3.966  7.219   -11.593 1.00 52.53 ? 15  HIS A CD2 1 
ATOM   108 C CE1 . HIS A 1 27  ? -3.632  5.214   -12.423 1.00 51.06 ? 15  HIS A CE1 1 
ATOM   109 N NE2 . HIS A 1 27  ? -3.850  6.476   -12.745 1.00 54.63 ? 15  HIS A NE2 1 
ATOM   110 N N   . ALA A 1 28  ? -3.577  8.507   -6.595  1.00 29.30 ? 16  ALA A N   1 
ATOM   111 C CA  . ALA A 1 28  ? -3.315  8.678   -5.161  1.00 27.29 ? 16  ALA A CA  1 
ATOM   112 C C   . ALA A 1 28  ? -4.461  9.373   -4.508  1.00 25.26 ? 16  ALA A C   1 
ATOM   113 O O   . ALA A 1 28  ? -4.912  8.935   -3.483  1.00 26.69 ? 16  ALA A O   1 
ATOM   114 C CB  . ALA A 1 28  ? -2.081  9.515   -4.939  1.00 25.13 ? 16  ALA A CB  1 
ATOM   115 N N   . THR A 1 29  ? -4.898  10.508  -5.064  1.00 25.27 ? 17  THR A N   1 
ATOM   116 C CA  . THR A 1 29  ? -5.974  11.309  -4.434  1.00 26.08 ? 17  THR A CA  1 
ATOM   117 C C   . THR A 1 29  ? -7.322  10.549  -4.424  1.00 29.21 ? 17  THR A C   1 
ATOM   118 O O   . THR A 1 29  ? -8.103  10.678  -3.472  1.00 32.07 ? 17  THR A O   1 
ATOM   119 C CB  . THR A 1 29  ? -6.218  12.596  -5.178  1.00 26.73 ? 17  THR A CB  1 
ATOM   120 O OG1 . THR A 1 29  ? -6.452  12.255  -6.543  1.00 29.05 ? 17  THR A OG1 1 
ATOM   121 C CG2 . THR A 1 29  ? -5.013  13.587  -5.050  1.00 21.22 ? 17  THR A CG2 1 
ATOM   122 N N   . LEU A 1 30  ? -7.582  9.786   -5.495  1.00 29.56 ? 18  LEU A N   1 
ATOM   123 C CA  . LEU A 1 30  ? -8.760  8.926   -5.604  1.00 27.28 ? 18  LEU A CA  1 
ATOM   124 C C   . LEU A 1 30  ? -8.696  7.851   -4.584  1.00 28.28 ? 18  LEU A C   1 
ATOM   125 O O   . LEU A 1 30  ? -9.663  7.638   -3.920  1.00 31.48 ? 18  LEU A O   1 
ATOM   126 C CB  . LEU A 1 30  ? -8.890  8.287   -6.994  1.00 26.42 ? 18  LEU A CB  1 
ATOM   127 C CG  . LEU A 1 30  ? -10.089 7.345   -7.199  1.00 34.77 ? 18  LEU A CG  1 
ATOM   128 C CD1 . LEU A 1 30  ? -10.713 7.561   -8.541  1.00 34.75 ? 18  LEU A CD1 1 
ATOM   129 C CD2 . LEU A 1 30  ? -9.717  5.904   -7.024  1.00 24.17 ? 18  LEU A CD2 1 
ATOM   130 N N   . ILE A 1 31  ? -7.578  7.136   -4.457  1.00 31.02 ? 19  ILE A N   1 
ATOM   131 C CA  . ILE A 1 31  ? -7.482  6.123   -3.408  1.00 30.01 ? 19  ILE A CA  1 
ATOM   132 C C   . ILE A 1 31  ? -7.622  6.762   -2.031  1.00 31.79 ? 19  ILE A C   1 
ATOM   133 O O   . ILE A 1 31  ? -8.341  6.259   -1.188  1.00 36.76 ? 19  ILE A O   1 
ATOM   134 C CB  . ILE A 1 31  ? -6.182  5.309   -3.484  1.00 30.70 ? 19  ILE A CB  1 
ATOM   135 C CG1 . ILE A 1 31  ? -6.191  4.432   -4.743  1.00 30.73 ? 19  ILE A CG1 1 
ATOM   136 C CG2 . ILE A 1 31  ? -6.066  4.412   -2.276  1.00 21.01 ? 19  ILE A CG2 1 
ATOM   137 C CD1 . ILE A 1 31  ? -4.799  4.158   -5.286  1.00 27.91 ? 19  ILE A CD1 1 
ATOM   138 N N   . GLN A 1 32  ? -6.956  7.878   -1.802  1.00 32.07 ? 20  GLN A N   1 
ATOM   139 C CA  . GLN A 1 32  ? -7.067  8.574   -0.525  1.00 32.68 ? 20  GLN A CA  1 
ATOM   140 C C   . GLN A 1 32  ? -8.482  8.978   -0.170  1.00 32.85 ? 20  GLN A C   1 
ATOM   141 O O   . GLN A 1 32  ? -8.836  9.008   1.013   1.00 37.50 ? 20  GLN A O   1 
ATOM   142 C CB  . GLN A 1 32  ? -6.220  9.823   -0.547  1.00 29.27 ? 20  GLN A CB  1 
ATOM   143 C CG  . GLN A 1 32  ? -6.198  10.562  0.762   1.00 33.63 ? 20  GLN A CG  1 
ATOM   144 C CD  . GLN A 1 32  ? -5.166  11.718  0.798   1.00 37.34 ? 20  GLN A CD  1 
ATOM   145 O OE1 . GLN A 1 32  ? -5.077  12.433  1.793   1.00 46.06 ? 20  GLN A OE1 1 
ATOM   146 N NE2 . GLN A 1 32  ? -4.383  11.881  -0.273  1.00 46.74 ? 20  GLN A NE2 1 
ATOM   147 N N   . TYR A 1 33  ? -9.288  9.329   -1.166  1.00 29.73 ? 21  TYR A N   1 
ATOM   148 C CA  . TYR A 1 33  ? -10.668 9.699   -0.887  1.00 28.96 ? 21  TYR A CA  1 
ATOM   149 C C   . TYR A 1 33  ? -11.446 8.538   -0.327  1.00 28.95 ? 21  TYR A C   1 
ATOM   150 O O   . TYR A 1 33  ? -12.293 8.720   0.560   1.00 34.46 ? 21  TYR A O   1 
ATOM   151 C CB  . TYR A 1 33  ? -11.393 10.210  -2.127  1.00 28.00 ? 21  TYR A CB  1 
ATOM   152 C CG  . TYR A 1 33  ? -12.900 10.327  -1.914  1.00 28.96 ? 21  TYR A CG  1 
ATOM   153 C CD1 . TYR A 1 33  ? -13.465 11.446  -1.307  1.00 31.67 ? 21  TYR A CD1 1 
ATOM   154 C CD2 . TYR A 1 33  ? -13.751 9.315   -2.324  1.00 30.88 ? 21  TYR A CD2 1 
ATOM   155 C CE1 . TYR A 1 33  ? -14.824 11.539  -1.123  1.00 28.65 ? 21  TYR A CE1 1 
ATOM   156 C CE2 . TYR A 1 33  ? -15.142 9.402   -2.153  1.00 30.29 ? 21  TYR A CE2 1 
ATOM   157 C CZ  . TYR A 1 33  ? -15.660 10.490  -1.548  1.00 25.49 ? 21  TYR A CZ  1 
ATOM   158 O OH  . TYR A 1 33  ? -16.997 10.519  -1.392  1.00 20.02 ? 21  TYR A OH  1 
ATOM   159 N N   . HIS A 1 34  ? -11.194 7.350   -0.861  1.00 27.25 ? 22  HIS A N   1 
ATOM   160 C CA  . HIS A 1 34  ? -11.919 6.158   -0.438  1.00 25.75 ? 22  HIS A CA  1 
ATOM   161 C C   . HIS A 1 34  ? -11.422 5.606   0.861   1.00 27.57 ? 22  HIS A C   1 
ATOM   162 O O   . HIS A 1 34  ? -12.212 5.172   1.679   1.00 32.40 ? 22  HIS A O   1 
ATOM   163 C CB  . HIS A 1 34  ? -11.847 5.119   -1.545  1.00 26.77 ? 22  HIS A CB  1 
ATOM   164 C CG  . HIS A 1 34  ? -12.655 5.505   -2.731  1.00 25.49 ? 22  HIS A CG  1 
ATOM   165 N ND1 . HIS A 1 34  ? -14.027 5.394   -2.743  1.00 19.75 ? 22  HIS A ND1 1 
ATOM   166 C CD2 . HIS A 1 34  ? -12.315 6.110   -3.888  1.00 26.20 ? 22  HIS A CD2 1 
ATOM   167 C CE1 . HIS A 1 34  ? -14.495 5.875   -3.880  1.00 28.93 ? 22  HIS A CE1 1 
ATOM   168 N NE2 . HIS A 1 34  ? -13.476 6.304   -4.603  1.00 19.91 ? 22  HIS A NE2 1 
ATOM   169 N N   . LEU A 1 35  ? -10.113 5.606   1.074   1.00 29.35 ? 23  LEU A N   1 
ATOM   170 C CA  . LEU A 1 35  ? -9.566  5.374   2.423   1.00 30.81 ? 23  LEU A CA  1 
ATOM   171 C C   . LEU A 1 35  ? -10.251 6.251   3.487   1.00 28.75 ? 23  LEU A C   1 
ATOM   172 O O   . LEU A 1 35  ? -10.649 5.769   4.556   1.00 32.33 ? 23  LEU A O   1 
ATOM   173 C CB  . LEU A 1 35  ? -8.037  5.614   2.439   1.00 32.46 ? 23  LEU A CB  1 
ATOM   174 C CG  . LEU A 1 35  ? -7.255  4.490   1.739   1.00 31.88 ? 23  LEU A CG  1 
ATOM   175 C CD1 . LEU A 1 35  ? -5.802  4.885   1.368   1.00 27.73 ? 23  LEU A CD1 1 
ATOM   176 C CD2 . LEU A 1 35  ? -7.308  3.282   2.647   1.00 24.17 ? 23  LEU A CD2 1 
ATOM   177 N N   . ASN A 1 36  ? -10.415 7.528   3.216   1.00 26.10 ? 24  ASN A N   1 
ATOM   178 C CA  . ASN A 1 36  ? -11.023 8.373   4.226   1.00 28.45 ? 24  ASN A CA  1 
ATOM   179 C C   . ASN A 1 36  ? -12.487 8.071   4.443   1.00 31.15 ? 24  ASN A C   1 
ATOM   180 O O   . ASN A 1 36  ? -12.966 8.229   5.571   1.00 30.66 ? 24  ASN A O   1 
ATOM   181 C CB  . ASN A 1 36  ? -10.753 9.838   3.971   1.00 28.51 ? 24  ASN A CB  1 
ATOM   182 C CG  . ASN A 1 36  ? -9.309  10.188  4.256   1.00 33.70 ? 24  ASN A CG  1 
ATOM   183 O OD1 . ASN A 1 36  ? -8.694  10.909  3.505   1.00 46.18 ? 24  ASN A OD1 1 
ATOM   184 N ND2 . ASN A 1 36  ? -8.742  9.612   5.323   1.00 40.19 ? 24  ASN A ND2 1 
ATOM   185 N N   . GLN A 1 37  ? -13.176 7.555   3.413   1.00 32.02 ? 25  GLN A N   1 
ATOM   186 C CA  . GLN A 1 37  ? -14.594 7.152   3.571   1.00 31.16 ? 25  GLN A CA  1 
ATOM   187 C C   . GLN A 1 37  ? -14.723 5.803   4.203   1.00 32.61 ? 25  GLN A C   1 
ATOM   188 O O   . GLN A 1 37  ? -15.787 5.456   4.644   1.00 37.08 ? 25  GLN A O   1 
ATOM   189 C CB  . GLN A 1 37  ? -15.340 7.137   2.241   1.00 28.91 ? 25  GLN A CB  1 
ATOM   190 C CG  . GLN A 1 37  ? -15.455 8.518   1.620   1.00 25.98 ? 25  GLN A CG  1 
ATOM   191 C CD  . GLN A 1 37  ? -16.560 9.332   2.213   1.00 19.66 ? 25  GLN A CD  1 
ATOM   192 O OE1 . GLN A 1 37  ? -17.503 8.816   2.829   1.00 23.31 ? 25  GLN A OE1 1 
ATOM   193 N NE2 . GLN A 1 37  ? -16.488 10.619  1.995   1.00 30.77 ? 25  GLN A NE2 1 
ATOM   194 N N   . LEU A 1 38  ? -13.662 5.007   4.213   1.00 34.93 ? 26  LEU A N   1 
ATOM   195 C CA  . LEU A 1 38  ? -13.696 3.747   4.941   1.00 32.98 ? 26  LEU A CA  1 
ATOM   196 C C   . LEU A 1 38  ? -13.081 3.933   6.323   1.00 31.83 ? 26  LEU A C   1 
ATOM   197 O O   . LEU A 1 38  ? -12.972 2.986   7.069   1.00 31.93 ? 26  LEU A O   1 
ATOM   198 C CB  . LEU A 1 38  ? -13.049 2.628   4.120   1.00 34.69 ? 26  LEU A CB  1 
ATOM   199 C CG  . LEU A 1 38  ? -13.819 2.198   2.832   1.00 37.82 ? 26  LEU A CG  1 
ATOM   200 C CD1 . LEU A 1 38  ? -12.993 1.258   1.990   1.00 32.11 ? 26  LEU A CD1 1 
ATOM   201 C CD2 . LEU A 1 38  ? -15.178 1.541   3.112   1.00 31.05 ? 26  LEU A CD2 1 
ATOM   202 N N   . GLY A 1 39  ? -12.745 5.172   6.688   1.00 33.20 ? 27  GLY A N   1 
ATOM   203 C CA  . GLY A 1 39  ? -12.288 5.490   8.044   1.00 33.38 ? 27  GLY A CA  1 
ATOM   204 C C   . GLY A 1 39  ? -10.796 5.266   8.364   1.00 35.58 ? 27  GLY A C   1 
ATOM   205 O O   . GLY A 1 39  ? -10.475 5.019   9.520   1.00 36.50 ? 27  GLY A O   1 
ATOM   206 N N   . ALA A 1 40  ? -9.890  5.393   7.381   1.00 35.08 ? 28  ALA A N   1 
ATOM   207 C CA  . ALA A 1 40  ? -8.433  5.235   7.610   1.00 34.14 ? 28  ALA A CA  1 
ATOM   208 C C   . ALA A 1 40  ? -7.739  6.548   8.044   1.00 36.07 ? 28  ALA A C   1 
ATOM   209 O O   . ALA A 1 40  ? -8.166  7.647   7.662   1.00 40.41 ? 28  ALA A O   1 
ATOM   210 C CB  . ALA A 1 40  ? -7.756  4.664   6.342   1.00 31.33 ? 28  ALA A CB  1 
ATOM   211 N N   . GLU A 1 41  ? -6.701  6.429   8.870   1.00 36.31 ? 29  GLU A N   1 
ATOM   212 C CA  . GLU A 1 41  ? -5.691  7.485   9.057   1.00 37.14 ? 29  GLU A CA  1 
ATOM   213 C C   . GLU A 1 41  ? -4.581  7.248   7.992   1.00 37.15 ? 29  GLU A C   1 
ATOM   214 O O   . GLU A 1 41  ? -3.782  6.325   8.132   1.00 39.37 ? 29  GLU A O   1 
ATOM   215 C CB  . GLU A 1 41  ? -5.116  7.425   10.491  1.00 37.57 ? 29  GLU A CB  1 
ATOM   216 C CG  . GLU A 1 41  ? -4.220  8.614   10.918  1.00 36.44 ? 29  GLU A CG  1 
ATOM   217 N N   . VAL A 1 42  ? -4.543  8.067   6.936   1.00 35.58 ? 30  VAL A N   1 
ATOM   218 C CA  . VAL A 1 42  ? -3.716  7.801   5.742   1.00 34.84 ? 30  VAL A CA  1 
ATOM   219 C C   . VAL A 1 42  ? -2.452  8.628   5.679   1.00 35.50 ? 30  VAL A C   1 
ATOM   220 O O   . VAL A 1 42  ? -2.485  9.826   5.921   1.00 34.03 ? 30  VAL A O   1 
ATOM   221 C CB  . VAL A 1 42  ? -4.476  8.127   4.455   1.00 35.35 ? 30  VAL A CB  1 
ATOM   222 C CG1 . VAL A 1 42  ? -3.706  7.556   3.233   1.00 38.90 ? 30  VAL A CG1 1 
ATOM   223 C CG2 . VAL A 1 42  ? -5.889  7.573   4.567   1.00 24.83 ? 30  VAL A CG2 1 
ATOM   224 N N   . THR A 1 43  ? -1.339  7.968   5.364   1.00 36.53 ? 31  THR A N   1 
ATOM   225 C CA  . THR A 1 43  ? -0.059  8.632   5.078   1.00 34.34 ? 31  THR A CA  1 
ATOM   226 C C   . THR A 1 43  ? 0.240   8.376   3.616   1.00 33.88 ? 31  THR A C   1 
ATOM   227 O O   . THR A 1 43  ? 0.253   7.224   3.171   1.00 31.59 ? 31  THR A O   1 
ATOM   228 C CB  . THR A 1 43  ? 1.090   8.061   5.900   1.00 33.29 ? 31  THR A CB  1 
ATOM   229 O OG1 . THR A 1 43  ? 0.711   8.070   7.269   1.00 31.99 ? 31  THR A OG1 1 
ATOM   230 C CG2 . THR A 1 43  ? 2.342   8.870   5.719   1.00 24.66 ? 31  THR A CG2 1 
ATOM   231 N N   . VAL A 1 44  ? 0.460   9.460   2.883   1.00 34.73 ? 32  VAL A N   1 
ATOM   232 C CA  . VAL A 1 44  ? 0.635   9.394   1.459   1.00 34.51 ? 32  VAL A CA  1 
ATOM   233 C C   . VAL A 1 44  ? 2.076   9.736   1.204   1.00 33.69 ? 32  VAL A C   1 
ATOM   234 O O   . VAL A 1 44  ? 2.556   10.745  1.695   1.00 36.65 ? 32  VAL A O   1 
ATOM   235 C CB  . VAL A 1 44  ? -0.362  10.344  0.727   1.00 35.93 ? 32  VAL A CB  1 
ATOM   236 C CG1 . VAL A 1 44  ? -0.158  10.279  -0.790  1.00 35.75 ? 32  VAL A CG1 1 
ATOM   237 C CG2 . VAL A 1 44  ? -1.814  9.941   1.071   1.00 33.05 ? 32  VAL A CG2 1 
ATOM   238 N N   . HIS A 1 45  ? 2.780   8.834   0.528   1.00 33.03 ? 33  HIS A N   1 
ATOM   239 C CA  . HIS A 1 45  ? 4.134   9.082   0.056   1.00 31.79 ? 33  HIS A CA  1 
ATOM   240 C C   . HIS A 1 45  ? 4.029   9.234   -1.452  1.00 33.30 ? 33  HIS A C   1 
ATOM   241 O O   . HIS A 1 45  ? 3.575   8.314   -2.137  1.00 36.19 ? 33  HIS A O   1 
ATOM   242 C CB  . HIS A 1 45  ? 5.087   7.942   0.430   1.00 27.23 ? 33  HIS A CB  1 
ATOM   243 C CG  . HIS A 1 45  ? 5.260   7.781   1.903   1.00 24.31 ? 33  HIS A CG  1 
ATOM   244 N ND1 . HIS A 1 45  ? 5.647   8.819   2.723   1.00 27.14 ? 33  HIS A ND1 1 
ATOM   245 C CD2 . HIS A 1 45  ? 5.088   6.707   2.714   1.00 29.54 ? 33  HIS A CD2 1 
ATOM   246 C CE1 . HIS A 1 45  ? 5.686   8.398   3.973   1.00 23.20 ? 33  HIS A CE1 1 
ATOM   247 N NE2 . HIS A 1 45  ? 5.350   7.120   3.995   1.00 25.88 ? 33  HIS A NE2 1 
ATOM   248 N N   . PRO A 1 46  ? 4.415   10.407  -1.967  1.00 34.93 ? 34  PRO A N   1 
ATOM   249 C CA  . PRO A 1 46  ? 4.307   10.693  -3.377  1.00 35.18 ? 34  PRO A CA  1 
ATOM   250 C C   . PRO A 1 46  ? 5.427   10.060  -4.185  1.00 36.68 ? 34  PRO A C   1 
ATOM   251 O O   . PRO A 1 46  ? 5.434   10.158  -5.385  1.00 40.40 ? 34  PRO A O   1 
ATOM   252 C CB  . PRO A 1 46  ? 4.463   12.210  -3.408  1.00 38.47 ? 34  PRO A CB  1 
ATOM   253 C CG  . PRO A 1 46  ? 5.417   12.516  -2.271  1.00 36.28 ? 34  PRO A CG  1 
ATOM   254 C CD  . PRO A 1 46  ? 5.017   11.541  -1.214  1.00 37.59 ? 34  PRO A CD  1 
ATOM   255 N N   . SER A 1 47  ? 6.385   9.412   -3.550  1.00 36.15 ? 35  SER A N   1 
ATOM   256 C CA  . SER A 1 47  ? 7.403   8.727   -4.304  1.00 32.17 ? 35  SER A CA  1 
ATOM   257 C C   . SER A 1 47  ? 7.981   7.624   -3.483  1.00 29.49 ? 35  SER A C   1 
ATOM   258 O O   . SER A 1 47  ? 7.742   7.544   -2.295  1.00 29.62 ? 35  SER A O   1 
ATOM   259 C CB  . SER A 1 47  ? 8.508   9.703   -4.691  1.00 32.90 ? 35  SER A CB  1 
ATOM   260 O OG  . SER A 1 47  ? 9.116   10.268  -3.535  1.00 31.46 ? 35  SER A OG  1 
ATOM   261 N N   . GLY A 1 48  ? 8.754   6.771   -4.143  1.00 28.40 ? 36  GLY A N   1 
ATOM   262 C CA  . GLY A 1 48  ? 9.502   5.724   -3.482  1.00 25.66 ? 36  GLY A CA  1 
ATOM   263 C C   . GLY A 1 48  ? 10.560  6.272   -2.559  1.00 26.22 ? 36  GLY A C   1 
ATOM   264 O O   . GLY A 1 48  ? 10.879  5.638   -1.537  1.00 24.90 ? 36  GLY A O   1 
ATOM   265 N N   . SER A 1 49  ? 11.154  7.414   -2.926  1.00 27.69 ? 37  SER A N   1 
ATOM   266 C CA  . SER A 1 49  ? 12.193  8.030   -2.087  1.00 29.80 ? 37  SER A CA  1 
ATOM   267 C C   . SER A 1 49  ? 11.530  8.598   -0.867  1.00 31.11 ? 37  SER A C   1 
ATOM   268 O O   . SER A 1 49  ? 12.096  8.546   0.204   1.00 34.33 ? 37  SER A O   1 
ATOM   269 C CB  . SER A 1 49  ? 12.938  9.180   -2.763  1.00 28.66 ? 37  SER A CB  1 
ATOM   270 O OG  . SER A 1 49  ? 13.057  8.978   -4.142  1.00 33.52 ? 37  SER A OG  1 
ATOM   271 N N   . ALA A 1 50  ? 10.341  9.161   -1.029  1.00 33.74 ? 38  ALA A N   1 
ATOM   272 C CA  . ALA A 1 50  ? 9.536   9.575   0.128   1.00 34.91 ? 38  ALA A CA  1 
ATOM   273 C C   . ALA A 1 50  ? 9.280   8.379   1.064   1.00 33.17 ? 38  ALA A C   1 
ATOM   274 O O   . ALA A 1 50  ? 9.472   8.458   2.273   1.00 34.83 ? 38  ALA A O   1 
ATOM   275 C CB  . ALA A 1 50  ? 8.222   10.176  -0.343  1.00 37.49 ? 38  ALA A CB  1 
ATOM   276 N N   . PHE A 1 51  ? 8.877   7.262   0.494   1.00 30.53 ? 39  PHE A N   1 
ATOM   277 C CA  . PHE A 1 51  ? 8.665   6.065   1.291   1.00 31.64 ? 39  PHE A CA  1 
ATOM   278 C C   . PHE A 1 51  ? 9.939   5.592   2.033   1.00 31.40 ? 39  PHE A C   1 
ATOM   279 O O   . PHE A 1 51  ? 9.910   5.295   3.224   1.00 31.07 ? 39  PHE A O   1 
ATOM   280 C CB  . PHE A 1 51  ? 8.148   4.960   0.395   1.00 31.76 ? 39  PHE A CB  1 
ATOM   281 C CG  . PHE A 1 51  ? 8.226   3.608   1.004   1.00 27.70 ? 39  PHE A CG  1 
ATOM   282 C CD1 . PHE A 1 51  ? 7.238   3.173   1.853   1.00 32.05 ? 39  PHE A CD1 1 
ATOM   283 C CD2 . PHE A 1 51  ? 9.281   2.748   0.688   1.00 44.99 ? 39  PHE A CD2 1 
ATOM   284 C CE1 . PHE A 1 51  ? 7.274   1.918   2.393   1.00 42.79 ? 39  PHE A CE1 1 
ATOM   285 C CE2 . PHE A 1 51  ? 9.359   1.460   1.256   1.00 43.25 ? 39  PHE A CE2 1 
ATOM   286 C CZ  . PHE A 1 51  ? 8.348   1.048   2.111   1.00 38.44 ? 39  PHE A CZ  1 
ATOM   287 N N   . PHE A 1 52  ? 11.050  5.513   1.314   1.00 31.42 ? 40  PHE A N   1 
ATOM   288 C CA  . PHE A 1 52  ? 12.283  5.079   1.915   1.00 31.76 ? 40  PHE A CA  1 
ATOM   289 C C   . PHE A 1 52  ? 12.584  5.980   3.094   1.00 33.51 ? 40  PHE A C   1 
ATOM   290 O O   . PHE A 1 52  ? 12.785  5.497   4.187   1.00 30.81 ? 40  PHE A O   1 
ATOM   291 C CB  . PHE A 1 52  ? 13.405  5.122   0.895   1.00 33.94 ? 40  PHE A CB  1 
ATOM   292 C CG  . PHE A 1 52  ? 14.721  4.631   1.417   1.00 32.13 ? 40  PHE A CG  1 
ATOM   293 C CD1 . PHE A 1 52  ? 15.035  3.285   1.383   1.00 41.61 ? 40  PHE A CD1 1 
ATOM   294 C CD2 . PHE A 1 52  ? 15.666  5.513   1.904   1.00 30.27 ? 40  PHE A CD2 1 
ATOM   295 C CE1 . PHE A 1 52  ? 16.274  2.809   1.864   1.00 36.18 ? 40  PHE A CE1 1 
ATOM   296 C CE2 . PHE A 1 52  ? 16.901  5.043   2.383   1.00 38.00 ? 40  PHE A CE2 1 
ATOM   297 C CZ  . PHE A 1 52  ? 17.185  3.678   2.367   1.00 31.24 ? 40  PHE A CZ  1 
ATOM   298 N N   . GLN A 1 53  ? 12.580  7.303   2.923   1.00 36.07 ? 41  GLN A N   1 
ATOM   299 C CA  . GLN A 1 53  ? 13.034  8.143   4.054   1.00 38.72 ? 41  GLN A CA  1 
ATOM   300 C C   . GLN A 1 53  ? 12.135  8.010   5.310   1.00 37.58 ? 41  GLN A C   1 
ATOM   301 O O   . GLN A 1 53  ? 12.570  8.346   6.413   1.00 33.63 ? 41  GLN A O   1 
ATOM   302 C CB  . GLN A 1 53  ? 13.374  9.597   3.652   1.00 38.83 ? 41  GLN A CB  1 
ATOM   303 C CG  . GLN A 1 53  ? 12.271  10.451  3.069   1.00 46.85 ? 41  GLN A CG  1 
ATOM   304 C CD  . GLN A 1 53  ? 12.790  11.747  2.397   1.00 46.41 ? 41  GLN A CD  1 
ATOM   305 O OE1 . GLN A 1 53  ? 13.992  11.866  2.060   1.00 60.70 ? 41  GLN A OE1 1 
ATOM   306 N NE2 . GLN A 1 53  ? 11.866  12.724  2.187   1.00 46.61 ? 41  GLN A NE2 1 
ATOM   307 N N   . HIS A 1 54  ? 10.934  7.429   5.142   1.00 38.87 ? 42  HIS A N   1 
ATOM   308 C CA  . HIS A 1 54  ? 10.047  7.106   6.274   1.00 36.91 ? 42  HIS A CA  1 
ATOM   309 C C   . HIS A 1 54  ? 9.857   5.606   6.522   1.00 36.14 ? 42  HIS A C   1 
ATOM   310 O O   . HIS A 1 54  ? 8.963   5.246   7.269   1.00 33.17 ? 42  HIS A O   1 
ATOM   311 C CB  . HIS A 1 54  ? 8.705   7.805   6.102   1.00 37.90 ? 42  HIS A CB  1 
ATOM   312 C CG  . HIS A 1 54  ? 8.836   9.282   5.914   1.00 39.18 ? 42  HIS A CG  1 
ATOM   313 N ND1 . HIS A 1 54  ? 8.702   9.895   4.686   1.00 48.27 ? 42  HIS A ND1 1 
ATOM   314 C CD2 . HIS A 1 54  ? 9.155   10.265  6.789   1.00 40.41 ? 42  HIS A CD2 1 
ATOM   315 C CE1 . HIS A 1 54  ? 8.899   11.196  4.816   1.00 42.14 ? 42  HIS A CE1 1 
ATOM   316 N NE2 . HIS A 1 54  ? 9.171   11.446  6.083   1.00 42.18 ? 42  HIS A NE2 1 
ATOM   317 N N   . ARG A 1 55  ? 10.726  4.753   5.955   1.00 36.79 ? 43  ARG A N   1 
ATOM   318 C CA  . ARG A 1 55  ? 10.777  3.315   6.276   1.00 38.47 ? 43  ARG A CA  1 
ATOM   319 C C   . ARG A 1 55  ? 10.319  3.029   7.700   1.00 39.70 ? 43  ARG A C   1 
ATOM   320 O O   . ARG A 1 55  ? 9.567   2.095   7.946   1.00 42.69 ? 43  ARG A O   1 
ATOM   321 C CB  . ARG A 1 55  ? 12.226  2.733   6.253   1.00 41.17 ? 43  ARG A CB  1 
ATOM   322 C CG  . ARG A 1 55  ? 13.119  3.044   5.098   1.00 39.43 ? 43  ARG A CG  1 
ATOM   323 C CD  . ARG A 1 55  ? 14.248  2.069   4.884   1.00 38.79 ? 43  ARG A CD  1 
ATOM   324 N NE  . ARG A 1 55  ? 15.434  2.294   5.694   1.00 40.97 ? 43  ARG A NE  1 
ATOM   325 C CZ  . ARG A 1 55  ? 16.167  3.404   5.687   1.00 45.56 ? 43  ARG A CZ  1 
ATOM   326 N NH1 . ARG A 1 55  ? 15.841  4.465   4.968   1.00 48.35 ? 43  ARG A NH1 1 
ATOM   327 N NH2 . ARG A 1 55  ? 17.234  3.476   6.454   1.00 56.14 ? 43  ARG A NH2 1 
ATOM   328 N N   . SER A 1 56  ? 10.856  3.796   8.643   1.00 39.30 ? 44  SER A N   1 
ATOM   329 C CA  . SER A 1 56  ? 10.806  3.440   10.046  1.00 40.93 ? 44  SER A CA  1 
ATOM   330 C C   . SER A 1 56  ? 9.382   3.412   10.570  1.00 41.63 ? 44  SER A C   1 
ATOM   331 O O   . SER A 1 56  ? 9.073   2.657   11.470  1.00 44.07 ? 44  SER A O   1 
ATOM   332 C CB  . SER A 1 56  ? 11.727  4.371   10.877  1.00 42.16 ? 44  SER A CB  1 
ATOM   333 O OG  . SER A 1 56  ? 12.048  5.587   10.187  1.00 43.95 ? 44  SER A OG  1 
ATOM   334 N N   . GLN A 1 57  ? 8.496   4.182   9.959   1.00 43.09 ? 45  GLN A N   1 
ATOM   335 C CA  . GLN A 1 57  ? 7.107   4.289   10.412  1.00 43.73 ? 45  GLN A CA  1 
ATOM   336 C C   . GLN A 1 57  ? 6.146   3.163   9.931   1.00 41.31 ? 45  GLN A C   1 
ATOM   337 O O   . GLN A 1 57  ? 4.917   3.252   10.140  1.00 37.84 ? 45  GLN A O   1 
ATOM   338 C CB  . GLN A 1 57  ? 6.587   5.677   10.023  1.00 42.78 ? 45  GLN A CB  1 
ATOM   339 C CG  . GLN A 1 57  ? 7.381   6.815   10.718  1.00 49.54 ? 45  GLN A CG  1 
ATOM   340 C CD  . GLN A 1 57  ? 7.257   8.188   10.026  1.00 51.56 ? 45  GLN A CD  1 
ATOM   341 O OE1 . GLN A 1 57  ? 6.207   8.531   9.422   1.00 54.64 ? 45  GLN A OE1 1 
ATOM   342 N NE2 . GLN A 1 57  ? 8.348   8.982   10.111  1.00 56.31 ? 45  GLN A NE2 1 
ATOM   343 N N   . LEU A 1 58  ? 6.708   2.109   9.323   1.00 39.77 ? 46  LEU A N   1 
ATOM   344 C CA  . LEU A 1 58  ? 5.935   0.926   8.892   1.00 39.38 ? 46  LEU A CA  1 
ATOM   345 C C   . LEU A 1 58  ? 5.642   -0.020  10.056  1.00 40.34 ? 46  LEU A C   1 
ATOM   346 O O   . LEU A 1 58  ? 4.849   -0.954  9.946   1.00 43.09 ? 46  LEU A O   1 
ATOM   347 C CB  . LEU A 1 58  ? 6.709   0.162   7.827   1.00 38.74 ? 46  LEU A CB  1 
ATOM   348 C CG  . LEU A 1 58  ? 6.568   0.503   6.350   1.00 39.74 ? 46  LEU A CG  1 
ATOM   349 C CD1 . LEU A 1 58  ? 6.111   1.953   6.092   1.00 40.57 ? 46  LEU A CD1 1 
ATOM   350 C CD2 . LEU A 1 58  ? 7.918   0.186   5.696   1.00 38.77 ? 46  LEU A CD2 1 
ATOM   351 N N   . SER A 1 59  ? 6.293   0.219   11.182  1.00 40.63 ? 47  SER A N   1 
ATOM   352 C CA  . SER A 1 59  ? 6.046   -0.554  12.376  1.00 40.79 ? 47  SER A CA  1 
ATOM   353 C C   . SER A 1 59  ? 4.725   -0.183  13.028  1.00 41.08 ? 47  SER A C   1 
ATOM   354 O O   . SER A 1 59  ? 4.222   -0.916  13.886  1.00 43.67 ? 47  SER A O   1 
ATOM   355 C CB  . SER A 1 59  ? 7.213   -0.362  13.325  1.00 40.01 ? 47  SER A CB  1 
ATOM   356 O OG  . SER A 1 59  ? 8.386   -0.865  12.676  1.00 47.22 ? 47  SER A OG  1 
ATOM   357 N N   . THR A 1 60  ? 4.165   0.948   12.614  1.00 41.62 ? 48  THR A N   1 
ATOM   358 C CA  . THR A 1 60  ? 2.857   1.431   13.093  1.00 43.05 ? 48  THR A CA  1 
ATOM   359 C C   . THR A 1 60  ? 1.770   1.404   12.006  1.00 41.74 ? 48  THR A C   1 
ATOM   360 O O   . THR A 1 60  ? 0.627   1.763   12.265  1.00 42.35 ? 48  THR A O   1 
ATOM   361 C CB  . THR A 1 60  ? 2.974   2.888   13.526  1.00 43.60 ? 48  THR A CB  1 
ATOM   362 O OG1 . THR A 1 60  ? 3.397   3.667   12.390  1.00 52.96 ? 48  THR A OG1 1 
ATOM   363 C CG2 . THR A 1 60  ? 3.977   3.038   14.681  1.00 42.49 ? 48  THR A CG2 1 
ATOM   364 N N   . CYS A 1 61  ? 2.143   1.007   10.790  1.00 40.90 ? 49  CYS A N   1 
ATOM   365 C CA  . CYS A 1 61  ? 1.228   0.914   9.671   1.00 38.33 ? 49  CYS A CA  1 
ATOM   366 C C   . CYS A 1 61  ? 0.459   -0.409  9.728   1.00 36.92 ? 49  CYS A C   1 
ATOM   367 O O   . CYS A 1 61  ? 1.037   -1.451  10.002  1.00 37.04 ? 49  CYS A O   1 
ATOM   368 C CB  . CYS A 1 61  ? 2.034   1.018   8.392   1.00 37.78 ? 49  CYS A CB  1 
ATOM   369 S SG  . CYS A 1 61  ? 1.128   0.727   6.918   1.00 42.00 ? 49  CYS A SG  1 
ATOM   370 N N   . ASP A 1 62  ? -0.850  -0.360  9.498   1.00 36.22 ? 50  ASP A N   1 
ATOM   371 C CA  . ASP A 1 62  ? -1.677  -1.571  9.410   1.00 35.68 ? 50  ASP A CA  1 
ATOM   372 C C   . ASP A 1 62  ? -1.745  -2.145  7.963   1.00 34.46 ? 50  ASP A C   1 
ATOM   373 O O   . ASP A 1 62  ? -1.715  -3.343  7.769   1.00 35.14 ? 50  ASP A O   1 
ATOM   374 C CB  . ASP A 1 62  ? -3.094  -1.280  9.935   1.00 37.91 ? 50  ASP A CB  1 
ATOM   375 C CG  . ASP A 1 62  ? -3.118  -0.912  11.455  1.00 46.05 ? 50  ASP A CG  1 
ATOM   376 O OD1 . ASP A 1 62  ? -2.821  -1.787  12.304  1.00 49.69 ? 50  ASP A OD1 1 
ATOM   377 O OD2 . ASP A 1 62  ? -3.448  0.252   11.802  1.00 51.49 ? 50  ASP A OD2 1 
ATOM   378 N N   . LEU A 1 63  ? -1.821  -1.282  6.951   1.00 31.87 ? 51  LEU A N   1 
ATOM   379 C CA  . LEU A 1 63  ? -1.909  -1.707  5.559   1.00 29.65 ? 51  LEU A CA  1 
ATOM   380 C C   . LEU A 1 63  ? -1.076  -0.777  4.680   1.00 29.00 ? 51  LEU A C   1 
ATOM   381 O O   . LEU A 1 63  ? -1.214  0.444   4.741   1.00 32.28 ? 51  LEU A O   1 
ATOM   382 C CB  . LEU A 1 63  ? -3.374  -1.699  5.112   1.00 30.31 ? 51  LEU A CB  1 
ATOM   383 C CG  . LEU A 1 63  ? -3.650  -1.730  3.608   1.00 33.45 ? 51  LEU A CG  1 
ATOM   384 C CD1 . LEU A 1 63  ? -3.237  -3.062  3.088   1.00 24.18 ? 51  LEU A CD1 1 
ATOM   385 C CD2 . LEU A 1 63  ? -5.113  -1.407  3.259   1.00 24.83 ? 51  LEU A CD2 1 
ATOM   386 N N   . LEU A 1 64  ? -0.223  -1.345  3.848   1.00 27.88 ? 52  LEU A N   1 
ATOM   387 C CA  . LEU A 1 64  ? 0.565   -0.563  2.904   1.00 26.25 ? 52  LEU A CA  1 
ATOM   388 C C   . LEU A 1 64  ? 0.008   -0.845  1.520   1.00 26.81 ? 52  LEU A C   1 
ATOM   389 O O   . LEU A 1 64  ? -0.060  -2.003  1.093   1.00 23.68 ? 52  LEU A O   1 
ATOM   390 C CB  . LEU A 1 64  ? 2.019   -0.970  3.008   1.00 23.53 ? 52  LEU A CB  1 
ATOM   391 C CG  . LEU A 1 64  ? 3.067   -0.341  2.108   1.00 24.91 ? 52  LEU A CG  1 
ATOM   392 C CD1 . LEU A 1 64  ? 3.143   1.205   2.286   1.00 22.79 ? 52  LEU A CD1 1 
ATOM   393 C CD2 . LEU A 1 64  ? 4.444   -1.042  2.415   1.00 23.75 ? 52  LEU A CD2 1 
ATOM   394 N N   . ILE A 1 65  ? -0.469  0.203   0.847   1.00 29.37 ? 53  ILE A N   1 
ATOM   395 C CA  . ILE A 1 65  ? -0.930  0.116   -0.545  1.00 26.86 ? 53  ILE A CA  1 
ATOM   396 C C   . ILE A 1 65  ? 0.155   0.771   -1.371  1.00 29.08 ? 53  ILE A C   1 
ATOM   397 O O   . ILE A 1 65  ? 0.427   1.956   -1.193  1.00 25.78 ? 53  ILE A O   1 
ATOM   398 C CB  . ILE A 1 65  ? -2.242  0.898   -0.769  1.00 27.38 ? 53  ILE A CB  1 
ATOM   399 C CG1 . ILE A 1 65  ? -3.297  0.502   0.276   1.00 28.91 ? 53  ILE A CG1 1 
ATOM   400 C CG2 . ILE A 1 65  ? -2.734  0.713   -2.221  1.00 26.53 ? 53  ILE A CG2 1 
ATOM   401 C CD1 . ILE A 1 65  ? -4.532  1.323   0.240   1.00 26.76 ? 53  ILE A CD1 1 
ATOM   402 N N   . VAL A 1 66  ? 0.725   0.020   -2.306  1.00 30.22 ? 54  VAL A N   1 
ATOM   403 C CA  . VAL A 1 66  ? 1.884   0.460   -3.050  1.00 29.60 ? 54  VAL A CA  1 
ATOM   404 C C   . VAL A 1 66  ? 1.635   0.211   -4.505  1.00 28.95 ? 54  VAL A C   1 
ATOM   405 O O   . VAL A 1 66  ? 1.049   -0.790  -4.849  1.00 26.14 ? 54  VAL A O   1 
ATOM   406 C CB  . VAL A 1 66  ? 3.194   -0.328  -2.612  1.00 29.53 ? 54  VAL A CB  1 
ATOM   407 C CG1 . VAL A 1 66  ? 3.586   0.044   -1.200  1.00 36.06 ? 54  VAL A CG1 1 
ATOM   408 C CG2 . VAL A 1 66  ? 3.004   -1.828  -2.653  1.00 28.63 ? 54  VAL A CG2 1 
ATOM   409 N N   . SER A 1 67  ? 2.092   1.102   -5.365  1.00 28.56 ? 55  SER A N   1 
ATOM   410 C CA  . SER A 1 67  ? 2.091   0.823   -6.772  1.00 28.80 ? 55  SER A CA  1 
ATOM   411 C C   . SER A 1 67  ? 3.283   -0.046  -7.200  1.00 30.51 ? 55  SER A C   1 
ATOM   412 O O   . SER A 1 67  ? 4.399   0.149   -6.758  1.00 26.81 ? 55  SER A O   1 
ATOM   413 C CB  . SER A 1 67  ? 2.145   2.116   -7.560  1.00 30.90 ? 55  SER A CB  1 
ATOM   414 O OG  . SER A 1 67  ? 2.178   1.841   -8.962  1.00 37.03 ? 55  SER A OG  1 
ATOM   415 N N   . ASP A 1 68  ? 2.992   -0.953  -8.128  1.00 33.16 ? 56  ASP A N   1 
ATOM   416 C CA  . ASP A 1 68  ? 3.883   -1.908  -8.793  1.00 33.44 ? 56  ASP A CA  1 
ATOM   417 C C   . ASP A 1 68  ? 4.896   -1.184  -9.642  1.00 32.40 ? 56  ASP A C   1 
ATOM   418 O O   . ASP A 1 68  ? 5.797   -1.791  -10.222 1.00 31.89 ? 56  ASP A O   1 
ATOM   419 C CB  . ASP A 1 68  ? 2.966   -2.624  -9.818  1.00 40.14 ? 56  ASP A CB  1 
ATOM   420 C CG  . ASP A 1 68  ? 3.245   -4.094  -10.003 1.00 44.53 ? 56  ASP A CG  1 
ATOM   421 O OD1 . ASP A 1 68  ? 3.698   -4.767  -9.056  1.00 66.57 ? 56  ASP A OD1 1 
ATOM   422 O OD2 . ASP A 1 68  ? 2.922   -4.587  -11.118 1.00 56.17 ? 56  ASP A OD2 1 
ATOM   423 N N   . GLN A 1 69  ? 4.668   0.092   -9.892  1.00 32.55 ? 57  GLN A N   1 
ATOM   424 C CA  . GLN A 1 69  ? 5.468   0.745   -10.902 1.00 34.66 ? 57  GLN A CA  1 
ATOM   425 C C   . GLN A 1 69  ? 5.832   2.179   -10.607 1.00 31.72 ? 57  GLN A C   1 
ATOM   426 O O   . GLN A 1 69  ? 5.783   3.043   -11.454 1.00 31.25 ? 57  GLN A O   1 
ATOM   427 C CB  . GLN A 1 69  ? 4.844   0.566   -12.292 1.00 35.35 ? 57  GLN A CB  1 
ATOM   428 C CG  . GLN A 1 69  ? 3.381   0.873   -12.450 1.00 40.75 ? 57  GLN A CG  1 
ATOM   429 C CD  . GLN A 1 69  ? 2.815   0.233   -13.742 1.00 45.17 ? 57  GLN A CD  1 
ATOM   430 O OE1 . GLN A 1 69  ? 1.948   -0.653  -13.678 1.00 66.11 ? 57  GLN A OE1 1 
ATOM   431 N NE2 . GLN A 1 69  ? 3.326   0.663   -14.907 1.00 49.80 ? 57  GLN A NE2 1 
ATOM   432 N N   . LEU A 1 70  ? 6.315   2.392   -9.400  1.00 33.20 ? 58  LEU A N   1 
ATOM   433 C CA  . LEU A 1 70  ? 6.899   3.670   -9.045  1.00 36.14 ? 58  LEU A CA  1 
ATOM   434 C C   . LEU A 1 70  ? 8.114   3.873   -9.947  1.00 36.45 ? 58  LEU A C   1 
ATOM   435 O O   . LEU A 1 70  ? 8.876   2.918   -10.196 1.00 37.71 ? 58  LEU A O   1 
ATOM   436 C CB  . LEU A 1 70  ? 7.335   3.670   -7.578  1.00 34.95 ? 58  LEU A CB  1 
ATOM   437 C CG  . LEU A 1 70  ? 6.208   3.409   -6.604  1.00 31.69 ? 58  LEU A CG  1 
ATOM   438 C CD1 . LEU A 1 70  ? 6.834   3.032   -5.267  1.00 31.66 ? 58  LEU A CD1 1 
ATOM   439 C CD2 . LEU A 1 70  ? 5.269   4.635   -6.561  1.00 26.18 ? 58  LEU A CD2 1 
ATOM   440 N N   . VAL A 1 71  ? 8.283   5.103   -10.425 1.00 36.14 ? 59  VAL A N   1 
ATOM   441 C CA  . VAL A 1 71  ? 9.355   5.443   -11.362 1.00 36.81 ? 59  VAL A CA  1 
ATOM   442 C C   . VAL A 1 71  ? 10.751  5.403   -10.760 1.00 35.86 ? 59  VAL A C   1 
ATOM   443 O O   . VAL A 1 71  ? 11.741  5.319   -11.497 1.00 37.25 ? 59  VAL A O   1 
ATOM   444 C CB  . VAL A 1 71  ? 9.158   6.870   -11.979 1.00 38.11 ? 59  VAL A CB  1 
ATOM   445 C CG1 . VAL A 1 71  ? 7.917   6.906   -12.864 1.00 38.00 ? 59  VAL A CG1 1 
ATOM   446 C CG2 . VAL A 1 71  ? 9.077   7.939   -10.881 1.00 39.40 ? 59  VAL A CG2 1 
ATOM   447 N N   . ASP A 1 72  ? 10.815  5.487   -9.433  1.00 35.13 ? 60  ASP A N   1 
ATOM   448 C CA  . ASP A 1 72  ? 12.064  5.624   -8.675  1.00 36.11 ? 60  ASP A CA  1 
ATOM   449 C C   . ASP A 1 72  ? 12.309  4.488   -7.657  1.00 34.61 ? 60  ASP A C   1 
ATOM   450 O O   . ASP A 1 72  ? 13.291  4.538   -6.908  1.00 36.51 ? 60  ASP A O   1 
ATOM   451 C CB  . ASP A 1 72  ? 12.033  6.961   -7.922  1.00 36.15 ? 60  ASP A CB  1 
ATOM   452 C CG  . ASP A 1 72  ? 11.005  6.966   -6.775  1.00 43.12 ? 60  ASP A CG  1 
ATOM   453 O OD1 . ASP A 1 72  ? 9.886   6.407   -6.930  1.00 45.33 ? 60  ASP A OD1 1 
ATOM   454 O OD2 . ASP A 1 72  ? 11.320  7.532   -5.706  1.00 52.56 ? 60  ASP A OD2 1 
ATOM   455 N N   . LEU A 1 73  ? 11.430  3.484   -7.590  1.00 31.83 ? 61  LEU A N   1 
ATOM   456 C CA  . LEU A 1 73  ? 11.729  2.289   -6.794  1.00 30.57 ? 61  LEU A CA  1 
ATOM   457 C C   . LEU A 1 73  ? 10.982  1.066   -7.318  1.00 31.16 ? 61  LEU A C   1 
ATOM   458 O O   . LEU A 1 73  ? 9.787   1.123   -7.555  1.00 31.09 ? 61  LEU A O   1 
ATOM   459 C CB  . LEU A 1 73  ? 11.338  2.540   -5.346  1.00 30.25 ? 61  LEU A CB  1 
ATOM   460 C CG  . LEU A 1 73  ? 11.936  1.649   -4.279  1.00 30.02 ? 61  LEU A CG  1 
ATOM   461 C CD1 . LEU A 1 73  ? 13.447  1.792   -4.249  1.00 21.48 ? 61  LEU A CD1 1 
ATOM   462 C CD2 . LEU A 1 73  ? 11.305  2.025   -2.932  1.00 29.42 ? 61  LEU A CD2 1 
ATOM   463 N N   . SER A 1 74  ? 11.670  -0.054  -7.471  1.00 30.52 ? 62  SER A N   1 
ATOM   464 C CA  . SER A 1 74  ? 10.994  -1.254  -7.924  1.00 30.89 ? 62  SER A CA  1 
ATOM   465 C C   . SER A 1 74  ? 10.215  -1.881  -6.767  1.00 30.82 ? 62  SER A C   1 
ATOM   466 O O   . SER A 1 74  ? 10.600  -1.784  -5.584  1.00 30.41 ? 62  SER A O   1 
ATOM   467 C CB  . SER A 1 74  ? 11.984  -2.253  -8.514  1.00 30.53 ? 62  SER A CB  1 
ATOM   468 O OG  . SER A 1 74  ? 12.835  -2.812  -7.513  1.00 35.82 ? 62  SER A OG  1 
ATOM   469 N N   . ILE A 1 75  ? 9.130   -2.554  -7.122  1.00 27.94 ? 63  ILE A N   1 
ATOM   470 C CA  . ILE A 1 75  ? 8.334   -3.253  -6.150  1.00 25.11 ? 63  ILE A CA  1 
ATOM   471 C C   . ILE A 1 75  ? 9.205   -4.256  -5.402  1.00 29.43 ? 63  ILE A C   1 
ATOM   472 O O   . ILE A 1 75  ? 9.000   -4.469  -4.220  1.00 34.62 ? 63  ILE A O   1 
ATOM   473 C CB  . ILE A 1 75  ? 7.121   -3.948  -6.831  1.00 24.05 ? 63  ILE A CB  1 
ATOM   474 C CG1 . ILE A 1 75  ? 6.089   -4.400  -5.794  1.00 19.20 ? 63  ILE A CG1 1 
ATOM   475 C CG2 . ILE A 1 75  ? 7.571   -5.088  -7.762  1.00 25.03 ? 63  ILE A CG2 1 
ATOM   476 C CD1 . ILE A 1 75  ? 5.550   -3.263  -4.841  1.00 24.45 ? 63  ILE A CD1 1 
ATOM   477 N N   . PHE A 1 76  ? 10.219  -4.832  -6.042  1.00 27.66 ? 64  PHE A N   1 
ATOM   478 C CA  . PHE A 1 76  ? 11.075  -5.794  -5.342  1.00 28.77 ? 64  PHE A CA  1 
ATOM   479 C C   . PHE A 1 76  ? 11.895  -5.171  -4.209  1.00 28.02 ? 64  PHE A C   1 
ATOM   480 O O   . PHE A 1 76  ? 11.964  -5.704  -3.109  1.00 25.57 ? 64  PHE A O   1 
ATOM   481 C CB  . PHE A 1 76  ? 11.990  -6.422  -6.350  1.00 28.24 ? 64  PHE A CB  1 
ATOM   482 C CG  . PHE A 1 76  ? 11.251  -7.044  -7.459  1.00 28.60 ? 64  PHE A CG  1 
ATOM   483 C CD1 . PHE A 1 76  ? 10.603  -8.262  -7.264  1.00 36.40 ? 64  PHE A CD1 1 
ATOM   484 C CD2 . PHE A 1 76  ? 11.151  -6.411  -8.687  1.00 37.44 ? 64  PHE A CD2 1 
ATOM   485 C CE1 . PHE A 1 76  ? 9.912   -8.854  -8.274  1.00 35.15 ? 64  PHE A CE1 1 
ATOM   486 C CE2 . PHE A 1 76  ? 10.464  -6.996  -9.718  1.00 35.53 ? 64  PHE A CE2 1 
ATOM   487 C CZ  . PHE A 1 76  ? 9.836   -8.228  -9.511  1.00 35.67 ? 64  PHE A CZ  1 
ATOM   488 N N   . SER A 1 77  ? 12.518  -4.043  -4.514  1.00 28.21 ? 65  SER A N   1 
ATOM   489 C CA  . SER A 1 77  ? 13.298  -3.250  -3.550  1.00 28.11 ? 65  SER A CA  1 
ATOM   490 C C   . SER A 1 77  ? 12.399  -2.770  -2.452  1.00 27.58 ? 65  SER A C   1 
ATOM   491 O O   . SER A 1 77  ? 12.744  -2.822  -1.302  1.00 27.10 ? 65  SER A O   1 
ATOM   492 C CB  . SER A 1 77  ? 13.882  -2.023  -4.249  1.00 23.30 ? 65  SER A CB  1 
ATOM   493 O OG  . SER A 1 77  ? 14.834  -2.445  -5.208  1.00 36.32 ? 65  SER A OG  1 
ATOM   494 N N   . LEU A 1 78  ? 11.248  -2.250  -2.838  1.00 29.17 ? 66  LEU A N   1 
ATOM   495 C CA  . LEU A 1 78  ? 10.275  -1.800  -1.886  1.00 31.62 ? 66  LEU A CA  1 
ATOM   496 C C   . LEU A 1 78  ? 9.887   -2.938  -0.921  1.00 29.46 ? 66  LEU A C   1 
ATOM   497 O O   . LEU A 1 78  ? 9.957   -2.818  0.308   1.00 31.12 ? 66  LEU A O   1 
ATOM   498 C CB  . LEU A 1 78  ? 9.085   -1.274  -2.674  1.00 33.91 ? 66  LEU A CB  1 
ATOM   499 C CG  . LEU A 1 78  ? 8.058   -0.456  -1.914  1.00 39.85 ? 66  LEU A CG  1 
ATOM   500 C CD1 . LEU A 1 78  ? 7.366   0.463   -2.921  1.00 42.33 ? 66  LEU A CD1 1 
ATOM   501 C CD2 . LEU A 1 78  ? 7.083   -1.374  -1.199  1.00 40.03 ? 66  LEU A CD2 1 
ATOM   502 N N   . LEU A 1 79  ? 9.535   -4.085  -1.469  1.00 28.26 ? 67  LEU A N   1 
ATOM   503 C CA  . LEU A 1 79  ? 9.136   -5.196  -0.623  1.00 24.48 ? 67  LEU A CA  1 
ATOM   504 C C   . LEU A 1 79  ? 10.287  -5.690  0.234   1.00 24.10 ? 67  LEU A C   1 
ATOM   505 O O   . LEU A 1 79  ? 10.075  -6.256  1.298   1.00 27.20 ? 67  LEU A O   1 
ATOM   506 C CB  . LEU A 1 79  ? 8.569   -6.334  -1.465  1.00 24.62 ? 67  LEU A CB  1 
ATOM   507 C CG  . LEU A 1 79  ? 7.187   -6.137  -2.126  1.00 27.30 ? 67  LEU A CG  1 
ATOM   508 C CD1 . LEU A 1 79  ? 6.694   -7.489  -2.701  1.00 28.75 ? 67  LEU A CD1 1 
ATOM   509 C CD2 . LEU A 1 79  ? 6.182   -5.585  -1.191  1.00 21.00 ? 67  LEU A CD2 1 
ATOM   510 N N   . ASP A 1 80  ? 11.516  -5.515  -0.208  1.00 26.55 ? 68  ASP A N   1 
ATOM   511 C CA  . ASP A 1 80  ? 12.688  -5.987  0.601   1.00 28.77 ? 68  ASP A CA  1 
ATOM   512 C C   . ASP A 1 80  ? 13.005  -5.022  1.719   1.00 26.59 ? 68  ASP A C   1 
ATOM   513 O O   . ASP A 1 80  ? 13.596  -5.412  2.702   1.00 24.61 ? 68  ASP A O   1 
ATOM   514 C CB  . ASP A 1 80  ? 13.934  -6.140  -0.263  1.00 29.67 ? 68  ASP A CB  1 
ATOM   515 C CG  . ASP A 1 80  ? 14.066  -7.543  -0.856  1.00 50.23 ? 68  ASP A CG  1 
ATOM   516 O OD1 . ASP A 1 80  ? 14.242  -8.528  -0.082  1.00 61.47 ? 68  ASP A OD1 1 
ATOM   517 O OD2 . ASP A 1 80  ? 14.005  -7.654  -2.101  1.00 68.54 ? 68  ASP A OD2 1 
ATOM   518 N N   . ILE A 1 81  ? 12.646  -3.753  1.516   1.00 24.69 ? 69  ILE A N   1 
ATOM   519 C CA  . ILE A 1 81  ? 12.760  -2.723  2.531   1.00 26.30 ? 69  ILE A CA  1 
ATOM   520 C C   . ILE A 1 81  ? 11.711  -2.957  3.579   1.00 25.75 ? 69  ILE A C   1 
ATOM   521 O O   . ILE A 1 81  ? 11.992  -2.783  4.759   1.00 30.93 ? 69  ILE A O   1 
ATOM   522 C CB  . ILE A 1 81  ? 12.597  -1.297  1.952   1.00 26.98 ? 69  ILE A CB  1 
ATOM   523 C CG1 . ILE A 1 81  ? 13.800  -0.961  1.093   1.00 31.90 ? 69  ILE A CG1 1 
ATOM   524 C CG2 . ILE A 1 81  ? 12.504  -0.214  3.048   1.00 28.63 ? 69  ILE A CG2 1 
ATOM   525 C CD1 . ILE A 1 81  ? 13.587  0.312   0.341   1.00 25.11 ? 69  ILE A CD1 1 
ATOM   526 N N   . VAL A 1 82  ? 10.505  -3.353  3.182   1.00 28.84 ? 70  VAL A N   1 
ATOM   527 C CA  . VAL A 1 82  ? 9.453   -3.680  4.160   1.00 27.60 ? 70  VAL A CA  1 
ATOM   528 C C   . VAL A 1 82  ? 9.850   -4.854  5.042   1.00 31.03 ? 70  VAL A C   1 
ATOM   529 O O   . VAL A 1 82  ? 9.586   -4.851  6.255   1.00 35.07 ? 70  VAL A O   1 
ATOM   530 C CB  . VAL A 1 82  ? 8.119   -3.974  3.469   1.00 30.09 ? 70  VAL A CB  1 
ATOM   531 C CG1 . VAL A 1 82  ? 7.126   -4.561  4.461   1.00 22.04 ? 70  VAL A CG1 1 
ATOM   532 C CG2 . VAL A 1 82  ? 7.566   -2.687  2.824   1.00 21.21 ? 70  VAL A CG2 1 
ATOM   533 N N   . LYS A 1 83  ? 10.513  -5.842  4.429   1.00 31.53 ? 71  LYS A N   1 
ATOM   534 C CA  . LYS A 1 83  ? 10.984  -7.031  5.098   1.00 29.38 ? 71  LYS A CA  1 
ATOM   535 C C   . LYS A 1 83  ? 12.062  -6.800  6.132   1.00 31.36 ? 71  LYS A C   1 
ATOM   536 O O   . LYS A 1 83  ? 12.316  -7.703  6.931   1.00 27.80 ? 71  LYS A O   1 
ATOM   537 C CB  . LYS A 1 83  ? 11.593  -8.005  4.096   1.00 32.57 ? 71  LYS A CB  1 
ATOM   538 C CG  . LYS A 1 83  ? 10.689  -9.115  3.635   1.00 37.19 ? 71  LYS A CG  1 
ATOM   539 C CD  . LYS A 1 83  ? 11.466  -10.430 3.444   1.00 46.19 ? 71  LYS A CD  1 
ATOM   540 C CE  . LYS A 1 83  ? 11.005  -11.189 2.184   1.00 53.09 ? 71  LYS A CE  1 
ATOM   541 N NZ  . LYS A 1 83  ? 11.047  -10.329 0.936   1.00 48.99 ? 71  LYS A NZ  1 
ATOM   542 N N   . GLU A 1 84  ? 12.753  -5.661  6.068   1.00 33.65 ? 72  GLU A N   1 
ATOM   543 C CA  . GLU A 1 84  ? 13.784  -5.291  7.062   1.00 34.94 ? 72  GLU A CA  1 
ATOM   544 C C   . GLU A 1 84  ? 13.100  -4.826  8.353   1.00 33.87 ? 72  GLU A C   1 
ATOM   545 O O   . GLU A 1 84  ? 13.715  -4.827  9.394   1.00 36.92 ? 72  GLU A O   1 
ATOM   546 C CB  . GLU A 1 84  ? 14.658  -4.109  6.593   1.00 35.05 ? 72  GLU A CB  1 
ATOM   547 C CG  . GLU A 1 84  ? 15.676  -4.314  5.449   1.00 42.50 ? 72  GLU A CG  1 
ATOM   548 C CD  . GLU A 1 84  ? 16.239  -2.947  4.824   1.00 42.24 ? 72  GLU A CD  1 
ATOM   549 O OE1 . GLU A 1 84  ? 16.177  -1.833  5.448   1.00 56.77 ? 72  GLU A OE1 1 
ATOM   550 O OE2 . GLU A 1 84  ? 16.756  -3.004  3.680   1.00 46.05 ? 72  GLU A OE2 1 
ATOM   551 N N   . GLN A 1 85  ? 11.849  -4.376  8.295   1.00 35.32 ? 73  GLN A N   1 
ATOM   552 C CA  . GLN A 1 85  ? 11.184  -3.855  9.501   1.00 35.64 ? 73  GLN A CA  1 
ATOM   553 C C   . GLN A 1 85  ? 10.794  -4.994  10.479  1.00 36.22 ? 73  GLN A C   1 
ATOM   554 O O   . GLN A 1 85  ? 10.591  -6.156  10.072  1.00 36.25 ? 73  GLN A O   1 
ATOM   555 C CB  . GLN A 1 85  ? 9.984   -2.956  9.132   1.00 36.64 ? 73  GLN A CB  1 
ATOM   556 C CG  . GLN A 1 85  ? 10.269  -1.840  8.051   1.00 34.91 ? 73  GLN A CG  1 
ATOM   557 C CD  . GLN A 1 85  ? 11.555  -1.066  8.294   1.00 44.58 ? 73  GLN A CD  1 
ATOM   558 O OE1 . GLN A 1 85  ? 11.763  -0.509  9.379   1.00 48.64 ? 73  GLN A OE1 1 
ATOM   559 N NE2 . GLN A 1 85  ? 12.432  -1.026  7.280   1.00 45.41 ? 73  GLN A NE2 1 
ATOM   560 N N   . THR A 1 86  ? 10.715  -4.668  11.773  1.00 36.59 ? 74  THR A N   1 
ATOM   561 C CA  . THR A 1 86  ? 10.398  -5.685  12.787  1.00 37.85 ? 74  THR A CA  1 
ATOM   562 C C   . THR A 1 86  ? 8.887   -5.931  12.950  1.00 37.23 ? 74  THR A C   1 
ATOM   563 O O   . THR A 1 86  ? 8.500   -7.017  13.363  1.00 39.09 ? 74  THR A O   1 
ATOM   564 C CB  . THR A 1 86  ? 11.044  -5.369  14.147  1.00 37.02 ? 74  THR A CB  1 
ATOM   565 O OG1 . THR A 1 86  ? 10.630  -4.065  14.550  1.00 42.25 ? 74  THR A OG1 1 
ATOM   566 C CG2 . THR A 1 86  ? 12.571  -5.423  14.032  1.00 32.61 ? 74  THR A CG2 1 
ATOM   567 N N   . LYS A 1 87  ? 8.042   -4.955  12.634  1.00 37.57 ? 75  LYS A N   1 
ATOM   568 C CA  . LYS A 1 87  ? 6.608   -5.248  12.451  1.00 38.02 ? 75  LYS A CA  1 
ATOM   569 C C   . LYS A 1 87  ? 6.264   -4.933  10.997  1.00 36.67 ? 75  LYS A C   1 
ATOM   570 O O   . LYS A 1 87  ? 6.465   -3.817  10.524  1.00 38.81 ? 75  LYS A O   1 
ATOM   571 C CB  . LYS A 1 87  ? 5.717   -4.478  13.468  1.00 39.35 ? 75  LYS A CB  1 
ATOM   572 C CG  . LYS A 1 87  ? 4.153   -4.796  13.464  1.00 40.56 ? 75  LYS A CG  1 
ATOM   573 C CD  . LYS A 1 87  ? 3.499   -4.590  14.869  1.00 34.13 ? 75  LYS A CD  1 
ATOM   574 N N   . GLN A 1 88  ? 5.767   -5.922  10.272  1.00 34.29 ? 76  GLN A N   1 
ATOM   575 C CA  . GLN A 1 88  ? 5.384   -5.686  8.895   1.00 33.42 ? 76  GLN A CA  1 
ATOM   576 C C   . GLN A 1 88  ? 3.878   -5.602  8.704   1.00 33.67 ? 76  GLN A C   1 
ATOM   577 O O   . GLN A 1 88  ? 3.132   -6.426  9.229   1.00 36.62 ? 76  GLN A O   1 
ATOM   578 C CB  . GLN A 1 88  ? 5.920   -6.771  8.030   1.00 31.98 ? 76  GLN A CB  1 
ATOM   579 C CG  . GLN A 1 88  ? 7.419   -6.858  8.136   1.00 39.32 ? 76  GLN A CG  1 
ATOM   580 C CD  . GLN A 1 88  ? 7.933   -8.020  7.388   1.00 35.73 ? 76  GLN A CD  1 
ATOM   581 O OE1 . GLN A 1 88  ? 7.573   -8.203  6.224   1.00 49.27 ? 76  GLN A OE1 1 
ATOM   582 N NE2 . GLN A 1 88  ? 8.773   -8.834  8.030   1.00 38.73 ? 76  GLN A NE2 1 
ATOM   583 N N   . PRO A 1 89  ? 3.429   -4.628  7.910   1.00 28.48 ? 77  PRO A N   1 
ATOM   584 C CA  . PRO A 1 89  ? 2.020   -4.499  7.595   1.00 28.17 ? 77  PRO A CA  1 
ATOM   585 C C   . PRO A 1 89  ? 1.524   -5.548  6.600   1.00 28.31 ? 77  PRO A C   1 
ATOM   586 O O   . PRO A 1 89  ? 2.333   -6.194  5.954   1.00 30.07 ? 77  PRO A O   1 
ATOM   587 C CB  . PRO A 1 89  ? 1.940   -3.128  6.919   1.00 24.77 ? 77  PRO A CB  1 
ATOM   588 C CG  . PRO A 1 89  ? 3.301   -2.887  6.351   1.00 22.98 ? 77  PRO A CG  1 
ATOM   589 C CD  . PRO A 1 89  ? 4.264   -3.621  7.223   1.00 28.95 ? 77  PRO A CD  1 
ATOM   590 N N   . SER A 1 90  ? 0.205   -5.693  6.462   1.00 27.61 ? 78  SER A N   1 
ATOM   591 C CA  . SER A 1 90  ? -0.382  -6.248  5.227   1.00 28.03 ? 78  SER A CA  1 
ATOM   592 C C   . SER A 1 90  ? -0.004  -5.341  4.068   1.00 26.85 ? 78  SER A C   1 
ATOM   593 O O   . SER A 1 90  ? 0.118   -4.139  4.273   1.00 24.30 ? 78  SER A O   1 
ATOM   594 C CB  . SER A 1 90  ? -1.891  -6.322  5.363   1.00 29.06 ? 78  SER A CB  1 
ATOM   595 O OG  . SER A 1 90  ? -2.171  -7.376  6.281   1.00 28.71 ? 78  SER A OG  1 
ATOM   596 N N   . VAL A 1 91  ? 0.235   -5.917  2.889   1.00 23.17 ? 79  VAL A N   1 
ATOM   597 C CA  . VAL A 1 91  ? 0.588   -5.139  1.726   1.00 23.72 ? 79  VAL A CA  1 
ATOM   598 C C   . VAL A 1 91  ? -0.418  -5.407  0.615   1.00 25.91 ? 79  VAL A C   1 
ATOM   599 O O   . VAL A 1 91  ? -0.773  -6.543  0.391   1.00 24.76 ? 79  VAL A O   1 
ATOM   600 C CB  . VAL A 1 91  ? 1.995   -5.470  1.186   1.00 27.37 ? 79  VAL A CB  1 
ATOM   601 C CG1 . VAL A 1 91  ? 2.302   -4.561  0.032   1.00 21.32 ? 79  VAL A CG1 1 
ATOM   602 C CG2 . VAL A 1 91  ? 3.067   -5.307  2.271   1.00 13.91 ? 79  VAL A CG2 1 
ATOM   603 N N   . LEU A 1 92  ? -0.865  -4.344  -0.068  1.00 26.18 ? 80  LEU A N   1 
ATOM   604 C CA  . LEU A 1 92  ? -1.793  -4.437  -1.183  1.00 26.89 ? 80  LEU A CA  1 
ATOM   605 C C   . LEU A 1 92  ? -1.075  -3.775  -2.337  1.00 26.05 ? 80  LEU A C   1 
ATOM   606 O O   . LEU A 1 92  ? -0.663  -2.616  -2.234  1.00 25.80 ? 80  LEU A O   1 
ATOM   607 C CB  . LEU A 1 92  ? -3.104  -3.715  -0.855  1.00 28.74 ? 80  LEU A CB  1 
ATOM   608 C CG  . LEU A 1 92  ? -4.182  -3.651  -1.939  1.00 32.77 ? 80  LEU A CG  1 
ATOM   609 C CD1 . LEU A 1 92  ? -4.653  -5.051  -2.305  1.00 14.09 ? 80  LEU A CD1 1 
ATOM   610 C CD2 . LEU A 1 92  ? -5.345  -2.755  -1.478  1.00 23.20 ? 80  LEU A CD2 1 
ATOM   611 N N   . ILE A 1 93  ? -0.861  -4.523  -3.407  1.00 24.81 ? 81  ILE A N   1 
ATOM   612 C CA  . ILE A 1 93  ? -0.045  -4.047  -4.508  1.00 24.12 ? 81  ILE A CA  1 
ATOM   613 C C   . ILE A 1 93  ? -0.964  -3.772  -5.647  1.00 26.69 ? 81  ILE A C   1 
ATOM   614 O O   . ILE A 1 93  ? -1.711  -4.687  -6.072  1.00 24.12 ? 81  ILE A O   1 
ATOM   615 C CB  . ILE A 1 93  ? 0.945   -5.112  -4.988  1.00 26.03 ? 81  ILE A CB  1 
ATOM   616 C CG1 . ILE A 1 93  ? 1.880   -5.511  -3.839  1.00 25.27 ? 81  ILE A CG1 1 
ATOM   617 C CG2 . ILE A 1 93  ? 1.752   -4.568  -6.192  1.00 24.41 ? 81  ILE A CG2 1 
ATOM   618 C CD1 . ILE A 1 93  ? 2.871   -6.632  -4.181  1.00 23.89 ? 81  ILE A CD1 1 
ATOM   619 N N   . LEU A 1 94  ? -0.899  -2.537  -6.165  1.00 29.40 ? 82  LEU A N   1 
ATOM   620 C CA  . LEU A 1 94  ? -1.729  -2.112  -7.278  1.00 30.86 ? 82  LEU A CA  1 
ATOM   621 C C   . LEU A 1 94  ? -0.936  -2.426  -8.514  1.00 30.79 ? 82  LEU A C   1 
ATOM   622 O O   . LEU A 1 94  ? 0.114   -1.868  -8.706  1.00 30.82 ? 82  LEU A O   1 
ATOM   623 C CB  . LEU A 1 94  ? -2.056  -0.605  -7.182  1.00 32.54 ? 82  LEU A CB  1 
ATOM   624 C CG  . LEU A 1 94  ? -2.572  -0.137  -5.799  1.00 37.51 ? 82  LEU A CG  1 
ATOM   625 C CD1 . LEU A 1 94  ? -2.606  1.409   -5.658  1.00 33.66 ? 82  LEU A CD1 1 
ATOM   626 C CD2 . LEU A 1 94  ? -3.910  -0.746  -5.507  1.00 24.56 ? 82  LEU A CD2 1 
ATOM   627 N N   . THR A 1 95  ? -1.458  -3.303  -9.365  1.00 34.63 ? 83  THR A N   1 
ATOM   628 C CA  . THR A 1 95  ? -0.725  -3.844  -10.498 1.00 37.41 ? 83  THR A CA  1 
ATOM   629 C C   . THR A 1 95  ? -1.395  -3.662  -11.863 1.00 39.85 ? 83  THR A C   1 
ATOM   630 O O   . THR A 1 95  ? -2.579  -3.409  -11.967 1.00 38.51 ? 83  THR A O   1 
ATOM   631 C CB  . THR A 1 95  ? -0.458  -5.370  -10.262 1.00 38.19 ? 83  THR A CB  1 
ATOM   632 O OG1 . THR A 1 95  ? 0.487   -5.842  -11.228 1.00 44.17 ? 83  THR A OG1 1 
ATOM   633 C CG2 . THR A 1 95  ? -1.751  -6.193  -10.376 1.00 34.64 ? 83  THR A CG2 1 
ATOM   634 N N   . THR A 1 96  ? -0.605  -3.806  -12.910 1.00 46.55 ? 84  THR A N   1 
ATOM   635 C CA  . THR A 1 96  ? -1.122  -3.808  -14.265 1.00 53.95 ? 84  THR A CA  1 
ATOM   636 C C   . THR A 1 96  ? -1.019  -5.202  -14.903 1.00 59.12 ? 84  THR A C   1 
ATOM   637 O O   . THR A 1 96  ? -2.037  -5.796  -15.290 1.00 59.21 ? 84  THR A O   1 
ATOM   638 C CB  . THR A 1 96  ? -0.325  -2.808  -15.105 1.00 55.60 ? 84  THR A CB  1 
ATOM   639 O OG1 . THR A 1 96  ? -0.371  -1.535  -14.457 1.00 58.53 ? 84  THR A OG1 1 
ATOM   640 C CG2 . THR A 1 96  ? -0.878  -2.694  -16.538 1.00 55.79 ? 84  THR A CG2 1 
ATOM   641 N N   . GLY A 1 97  ? 0.215   -5.711  -14.998 1.00 64.64 ? 85  GLY A N   1 
ATOM   642 C CA  . GLY A 1 97  ? 0.534   -6.914  -15.793 1.00 68.43 ? 85  GLY A CA  1 
ATOM   643 C C   . GLY A 1 97  ? -0.213  -8.187  -15.411 1.00 71.03 ? 85  GLY A C   1 
ATOM   644 O O   . GLY A 1 97  ? -1.189  -8.575  -16.085 1.00 70.44 ? 85  GLY A O   1 
ATOM   645 N N   . ARG A 1 98  ? 0.260   -8.820  -14.327 1.00 73.02 ? 86  ARG A N   1 
ATOM   646 C CA  . ARG A 1 98  ? -0.256  -10.108 -13.809 1.00 73.93 ? 86  ARG A CA  1 
ATOM   647 C C   . ARG A 1 98  ? 0.800   -11.215 -13.990 1.00 73.17 ? 86  ARG A C   1 
ATOM   648 O O   . ARG A 1 98  ? 1.967   -11.042 -13.620 1.00 71.52 ? 86  ARG A O   1 
ATOM   649 C CB  . ARG A 1 98  ? -1.610  -10.507 -14.434 1.00 73.81 ? 86  ARG A CB  1 
ATOM   650 N N   . LEU A 1 101 ? 2.433   -12.071 -10.319 1.00 90.11 ? 89  LEU A N   1 
ATOM   651 C CA  . LEU A 1 101 ? 2.281   -12.206 -8.864  1.00 90.28 ? 89  LEU A CA  1 
ATOM   652 C C   . LEU A 1 101 ? 3.611   -12.596 -8.164  1.00 90.36 ? 89  LEU A C   1 
ATOM   653 O O   . LEU A 1 101 ? 4.052   -13.746 -8.261  1.00 90.90 ? 89  LEU A O   1 
ATOM   654 C CB  . LEU A 1 101 ? 1.164   -13.212 -8.530  1.00 89.09 ? 89  LEU A CB  1 
ATOM   655 N N   . ILE A 1 102 ? 4.218   -11.625 -7.456  1.00 90.22 ? 90  ILE A N   1 
ATOM   656 C CA  . ILE A 1 102 ? 5.520   -11.761 -6.726  1.00 89.62 ? 90  ILE A CA  1 
ATOM   657 C C   . ILE A 1 102 ? 5.574   -12.918 -5.697  1.00 90.28 ? 90  ILE A C   1 
ATOM   658 O O   . ILE A 1 102 ? 4.809   -12.927 -4.729  1.00 91.14 ? 90  ILE A O   1 
ATOM   659 C CB  . ILE A 1 102 ? 5.919   -10.415 -5.967  1.00 88.28 ? 90  ILE A CB  1 
ATOM   660 C CG1 . ILE A 1 102 ? 6.259   -9.276  -6.937  1.00 83.56 ? 90  ILE A CG1 1 
ATOM   661 C CG2 . ILE A 1 102 ? 7.099   -10.631 -5.030  1.00 88.82 ? 90  ILE A CG2 1 
ATOM   662 C CD1 . ILE A 1 102 ? 5.122   -8.336  -7.205  1.00 76.36 ? 90  ILE A CD1 1 
ATOM   663 N N   . GLU A 1 103 ? 6.494   -13.867 -5.898  1.00 90.93 ? 91  GLU A N   1 
ATOM   664 C CA  . GLU A 1 103 ? 6.668   -15.009 -4.983  1.00 91.54 ? 91  GLU A CA  1 
ATOM   665 C C   . GLU A 1 103 ? 7.321   -14.606 -3.637  1.00 91.65 ? 91  GLU A C   1 
ATOM   666 O O   . GLU A 1 103 ? 8.538   -14.362 -3.587  1.00 92.28 ? 91  GLU A O   1 
ATOM   667 C CB  . GLU A 1 103 ? 7.488   -16.124 -5.658  1.00 91.10 ? 91  GLU A CB  1 
ATOM   668 N N   . SER A 1 104 ? 6.499   -14.535 -2.570  1.00 90.48 ? 92  SER A N   1 
ATOM   669 C CA  . SER A 1 104 ? 6.952   -14.305 -1.169  1.00 87.80 ? 92  SER A CA  1 
ATOM   670 C C   . SER A 1 104 ? 6.580   -15.481 -0.235  1.00 86.10 ? 92  SER A C   1 
ATOM   671 O O   . SER A 1 104 ? 5.601   -16.212 -0.472  1.00 83.97 ? 92  SER A O   1 
ATOM   672 C CB  . SER A 1 104 ? 6.367   -12.995 -0.592  1.00 87.68 ? 92  SER A CB  1 
ATOM   673 O OG  . SER A 1 104 ? 6.959   -12.627 0.656   1.00 81.23 ? 92  SER A OG  1 
ATOM   674 N N   . SER A 1 105 ? 7.391   -15.638 0.817   1.00 84.36 ? 93  SER A N   1 
ATOM   675 C CA  . SER A 1 105 ? 7.166   -16.624 1.890   1.00 82.23 ? 93  SER A CA  1 
ATOM   676 C C   . SER A 1 105 ? 6.863   -15.942 3.251   1.00 77.75 ? 93  SER A C   1 
ATOM   677 O O   . SER A 1 105 ? 6.761   -16.606 4.295   1.00 79.33 ? 93  SER A O   1 
ATOM   678 C CB  . SER A 1 105 ? 8.373   -17.559 2.008   1.00 82.38 ? 93  SER A CB  1 
ATOM   679 O OG  . SER A 1 105 ? 9.532   -16.810 2.314   1.00 84.68 ? 93  SER A OG  1 
ATOM   680 N N   . GLU A 1 106 ? 6.890   -14.590 3.317   1.00 70.70 ? 94  GLU A N   1 
ATOM   681 C CA  . GLU A 1 106 ? 5.935   -13.901 4.201   1.00 65.27 ? 94  GLU A CA  1 
ATOM   682 C C   . GLU A 1 106 ? 4.583   -13.921 3.506   1.00 57.16 ? 94  GLU A C   1 
ATOM   683 O O   . GLU A 1 106 ? 4.529   -13.909 2.263   1.00 59.53 ? 94  GLU A O   1 
ATOM   684 C CB  . GLU A 1 106 ? 6.419   -12.464 4.387   1.00 67.31 ? 94  GLU A CB  1 
ATOM   685 C CG  . GLU A 1 106 ? 7.954   -12.304 4.504   1.00 74.53 ? 94  GLU A CG  1 
ATOM   686 C CD  . GLU A 1 106 ? 8.449   -12.454 5.936   1.00 83.02 ? 94  GLU A CD  1 
ATOM   687 O OE1 . GLU A 1 106 ? 8.010   -11.630 6.787   1.00 85.57 ? 94  GLU A OE1 1 
ATOM   688 O OE2 . GLU A 1 106 ? 9.269   -13.381 6.198   1.00 76.10 ? 94  GLU A OE2 1 
ATOM   689 N N   . HIS A 1 107 ? 3.493   -13.955 4.261   1.00 45.30 ? 95  HIS A N   1 
ATOM   690 C CA  . HIS A 1 107 ? 2.217   -14.285 3.644   1.00 37.76 ? 95  HIS A CA  1 
ATOM   691 C C   . HIS A 1 107 ? 1.289   -13.113 3.614   1.00 32.63 ? 95  HIS A C   1 
ATOM   692 O O   . HIS A 1 107 ? 0.126   -13.254 3.927   1.00 30.35 ? 95  HIS A O   1 
ATOM   693 C CB  . HIS A 1 107 ? 1.525   -15.376 4.433   1.00 37.60 ? 95  HIS A CB  1 
ATOM   694 C CG  . HIS A 1 107 ? 2.415   -16.487 4.828   1.00 28.85 ? 95  HIS A CG  1 
ATOM   695 N ND1 . HIS A 1 107 ? 3.005   -16.548 6.069   1.00 27.41 ? 95  HIS A ND1 1 
ATOM   696 C CD2 . HIS A 1 107 ? 2.820   -17.592 4.159   1.00 33.62 ? 95  HIS A CD2 1 
ATOM   697 C CE1 . HIS A 1 107 ? 3.737   -17.642 6.149   1.00 28.86 ? 95  HIS A CE1 1 
ATOM   698 N NE2 . HIS A 1 107 ? 3.637   -18.298 5.006   1.00 32.75 ? 95  HIS A NE2 1 
ATOM   699 N N   . ASN A 1 108 ? 1.798   -11.954 3.251   1.00 29.00 ? 96  ASN A N   1 
ATOM   700 C CA  . ASN A 1 108 ? 1.074   -10.710 3.493   1.00 28.12 ? 96  ASN A CA  1 
ATOM   701 C C   . ASN A 1 108 ? 0.900   -9.863  2.258   1.00 25.82 ? 96  ASN A C   1 
ATOM   702 O O   . ASN A 1 108 ? 0.498   -8.714  2.360   1.00 27.01 ? 96  ASN A O   1 
ATOM   703 C CB  . ASN A 1 108 ? 1.770   -9.882  4.602   1.00 28.75 ? 96  ASN A CB  1 
ATOM   704 C CG  . ASN A 1 108 ? 3.162   -9.462  4.240   1.00 30.52 ? 96  ASN A CG  1 
ATOM   705 O OD1 . ASN A 1 108 ? 3.873   -10.190 3.543   1.00 36.78 ? 96  ASN A OD1 1 
ATOM   706 N ND2 . ASN A 1 108 ? 3.587   -8.300  4.737   1.00 26.18 ? 96  ASN A ND2 1 
ATOM   707 N N   . LEU A 1 109 ? 1.157   -10.442 1.089   1.00 23.57 ? 97  LEU A N   1 
ATOM   708 C CA  . LEU A 1 109 ? 0.926   -9.746  -0.168  1.00 21.76 ? 97  LEU A CA  1 
ATOM   709 C C   . LEU A 1 109 ? -0.459  -10.081 -0.738  1.00 22.37 ? 97  LEU A C   1 
ATOM   710 O O   . LEU A 1 109 ? -0.839  -11.236 -0.907  1.00 21.39 ? 97  LEU A O   1 
ATOM   711 C CB  . LEU A 1 109 ? 2.003   -10.118 -1.181  1.00 21.86 ? 97  LEU A CB  1 
ATOM   712 C CG  . LEU A 1 109 ? 3.457   -9.921  -0.727  1.00 15.46 ? 97  LEU A CG  1 
ATOM   713 C CD1 . LEU A 1 109 ? 4.419   -10.186 -1.885  1.00 23.34 ? 97  LEU A CD1 1 
ATOM   714 C CD2 . LEU A 1 109 ? 3.622   -8.534  -0.250  1.00 21.93 ? 97  LEU A CD2 1 
ATOM   715 N N   . SER A 1 110 ? -1.218  -9.038  -1.014  1.00 23.19 ? 98  SER A N   1 
ATOM   716 C CA  . SER A 1 110 ? -2.468  -9.162  -1.700  1.00 26.45 ? 98  SER A CA  1 
ATOM   717 C C   . SER A 1 110 ? -2.304  -8.244  -2.901  1.00 25.47 ? 98  SER A C   1 
ATOM   718 O O   . SER A 1 110 ? -1.460  -7.338  -2.880  1.00 26.63 ? 98  SER A O   1 
ATOM   719 C CB  . SER A 1 110 ? -3.614  -8.683  -0.785  1.00 28.65 ? 98  SER A CB  1 
ATOM   720 O OG  . SER A 1 110 ? -3.666  -9.388  0.459   1.00 19.56 ? 98  SER A OG  1 
ATOM   721 N N   . TYR A 1 111 ? -3.119  -8.459  -3.924  1.00 27.25 ? 99  TYR A N   1 
ATOM   722 C CA  . TYR A 1 111 ? -3.046  -7.686  -5.164  1.00 28.72 ? 99  TYR A CA  1 
ATOM   723 C C   . TYR A 1 111 ? -4.405  -7.130  -5.630  1.00 28.63 ? 99  TYR A C   1 
ATOM   724 O O   . TYR A 1 111 ? -5.450  -7.744  -5.382  1.00 30.79 ? 99  TYR A O   1 
ATOM   725 C CB  . TYR A 1 111 ? -2.472  -8.550  -6.275  1.00 28.65 ? 99  TYR A CB  1 
ATOM   726 C CG  . TYR A 1 111 ? -1.130  -9.134  -5.978  1.00 30.21 ? 99  TYR A CG  1 
ATOM   727 C CD1 . TYR A 1 111 ? -1.024  -10.363 -5.335  1.00 39.04 ? 99  TYR A CD1 1 
ATOM   728 C CD2 . TYR A 1 111 ? 0.041   -8.498  -6.379  1.00 36.48 ? 99  TYR A CD2 1 
ATOM   729 C CE1 . TYR A 1 111 ? 0.205   -10.938 -5.073  1.00 40.70 ? 99  TYR A CE1 1 
ATOM   730 C CE2 . TYR A 1 111 ? 1.307   -9.077  -6.110  1.00 34.72 ? 99  TYR A CE2 1 
ATOM   731 C CZ  . TYR A 1 111 ? 1.365   -10.279 -5.449  1.00 36.21 ? 99  TYR A CZ  1 
ATOM   732 O OH  . TYR A 1 111 ? 2.568   -10.878 -5.165  1.00 45.68 ? 99  TYR A OH  1 
ATOM   733 N N   . LEU A 1 112 ? -4.361  -5.975  -6.301  1.00 28.40 ? 100 LEU A N   1 
ATOM   734 C CA  . LEU A 1 112 ? -5.535  -5.367  -6.966  1.00 30.09 ? 100 LEU A CA  1 
ATOM   735 C C   . LEU A 1 112 ? -5.136  -4.832  -8.347  1.00 30.30 ? 100 LEU A C   1 
ATOM   736 O O   . LEU A 1 112 ? -4.305  -3.950  -8.439  1.00 31.45 ? 100 LEU A O   1 
ATOM   737 C CB  . LEU A 1 112 ? -6.103  -4.254  -6.100  1.00 32.71 ? 100 LEU A CB  1 
ATOM   738 C CG  . LEU A 1 112 ? -7.248  -3.367  -6.591  1.00 30.50 ? 100 LEU A CG  1 
ATOM   739 C CD1 . LEU A 1 112 ? -8.439  -4.165  -6.921  1.00 21.12 ? 100 LEU A CD1 1 
ATOM   740 C CD2 . LEU A 1 112 ? -7.577  -2.359  -5.516  1.00 29.46 ? 100 LEU A CD2 1 
ATOM   741 N N   . GLN A 1 113 ? -5.706  -5.396  -9.410  1.00 32.93 ? 101 GLN A N   1 
ATOM   742 C CA  . GLN A 1 113 ? -5.347  -5.060  -10.807 1.00 34.67 ? 101 GLN A CA  1 
ATOM   743 C C   . GLN A 1 113 ? -6.024  -3.777  -11.330 1.00 34.09 ? 101 GLN A C   1 
ATOM   744 O O   . GLN A 1 113 ? -7.248  -3.727  -11.424 1.00 35.46 ? 101 GLN A O   1 
ATOM   745 C CB  . GLN A 1 113 ? -5.711  -6.264  -11.737 1.00 36.55 ? 101 GLN A CB  1 
ATOM   746 C CG  . GLN A 1 113 ? -5.276  -6.136  -13.228 1.00 36.90 ? 101 GLN A CG  1 
ATOM   747 C CD  . GLN A 1 113 ? -4.576  -7.380  -13.787 1.00 43.77 ? 101 GLN A CD  1 
ATOM   748 O OE1 . GLN A 1 113 ? -3.440  -7.707  -13.396 1.00 57.83 ? 101 GLN A OE1 1 
ATOM   749 N NE2 . GLN A 1 113 ? -5.233  -8.056  -14.730 1.00 44.18 ? 101 GLN A NE2 1 
ATOM   750 N N   . LYS A 1 114 ? -5.232  -2.774  -11.706 1.00 33.22 ? 102 LYS A N   1 
ATOM   751 C CA  . LYS A 1 114 ? -5.762  -1.617  -12.451 1.00 36.43 ? 102 LYS A CA  1 
ATOM   752 C C   . LYS A 1 114 ? -5.943  -1.967  -13.947 1.00 37.71 ? 102 LYS A C   1 
ATOM   753 O O   . LYS A 1 114 ? -5.157  -2.735  -14.489 1.00 39.19 ? 102 LYS A O   1 
ATOM   754 C CB  . LYS A 1 114 ? -4.803  -0.436  -12.340 1.00 35.68 ? 102 LYS A CB  1 
ATOM   755 C CG  . LYS A 1 114 ? -4.466  -0.015  -10.918 1.00 36.56 ? 102 LYS A CG  1 
ATOM   756 C CD  . LYS A 1 114 ? -3.037  0.465   -10.823 1.00 37.86 ? 102 LYS A CD  1 
ATOM   757 C CE  . LYS A 1 114 ? -2.846  1.896   -11.260 1.00 43.76 ? 102 LYS A CE  1 
ATOM   758 N NZ  . LYS A 1 114 ? -1.553  2.409   -10.669 1.00 46.47 ? 102 LYS A NZ  1 
ATOM   759 N N   . PRO A 1 115 ? -6.971  -1.426  -14.624 1.00 38.28 ? 103 PRO A N   1 
ATOM   760 C CA  . PRO A 1 115 ? -8.129  -0.678  -14.199 1.00 39.68 ? 103 PRO A CA  1 
ATOM   761 C C   . PRO A 1 115 ? -8.929  -1.538  -13.211 1.00 40.78 ? 103 PRO A C   1 
ATOM   762 O O   . PRO A 1 115 ? -9.128  -2.727  -13.478 1.00 43.50 ? 103 PRO A O   1 
ATOM   763 C CB  . PRO A 1 115 ? -8.904  -0.483  -15.513 1.00 35.89 ? 103 PRO A CB  1 
ATOM   764 N N   . PHE A 1 116 ? -9.347  -0.971  -12.075 1.00 40.29 ? 104 PHE A N   1 
ATOM   765 C CA  . PHE A 1 116 ? -10.205 -1.703  -11.125 1.00 37.44 ? 104 PHE A CA  1 
ATOM   766 C C   . PHE A 1 116 ? -11.483 -0.968  -10.855 1.00 36.72 ? 104 PHE A C   1 
ATOM   767 O O   . PHE A 1 116 ? -11.544 0.251   -10.994 1.00 38.27 ? 104 PHE A O   1 
ATOM   768 C CB  . PHE A 1 116 ? -9.502  -1.970  -9.785  1.00 38.76 ? 104 PHE A CB  1 
ATOM   769 C CG  . PHE A 1 116 ? -8.926  -0.751  -9.117  1.00 37.83 ? 104 PHE A CG  1 
ATOM   770 C CD1 . PHE A 1 116 ? -9.752  0.157   -8.452  1.00 40.76 ? 104 PHE A CD1 1 
ATOM   771 C CD2 . PHE A 1 116 ? -7.558  -0.536  -9.110  1.00 41.46 ? 104 PHE A CD2 1 
ATOM   772 C CE1 . PHE A 1 116 ? -9.225  1.273   -7.835  1.00 32.54 ? 104 PHE A CE1 1 
ATOM   773 C CE2 . PHE A 1 116 ? -7.023  0.584   -8.479  1.00 30.95 ? 104 PHE A CE2 1 
ATOM   774 C CZ  . PHE A 1 116 ? -7.856  1.472   -7.844  1.00 35.63 ? 104 PHE A CZ  1 
ATOM   775 N N   . ALA A 1 117 ? -12.504 -1.713  -10.454 1.00 35.88 ? 105 ALA A N   1 
ATOM   776 C CA  . ALA A 1 117 ? -13.787 -1.141  -10.075 1.00 33.41 ? 105 ALA A CA  1 
ATOM   777 C C   . ALA A 1 117 ? -13.620 -0.570  -8.672  1.00 33.86 ? 105 ALA A C   1 
ATOM   778 O O   . ALA A 1 117 ? -12.848 -1.099  -7.900  1.00 35.63 ? 105 ALA A O   1 
ATOM   779 C CB  . ALA A 1 117 ? -14.827 -2.214  -10.095 1.00 32.79 ? 105 ALA A CB  1 
ATOM   780 N N   . ILE A 1 118 ? -14.305 0.517   -8.344  1.00 34.83 ? 106 ILE A N   1 
ATOM   781 C CA  . ILE A 1 118 ? -14.184 1.142   -7.004  1.00 35.86 ? 106 ILE A CA  1 
ATOM   782 C C   . ILE A 1 118 ? -14.652 0.175   -5.922  1.00 34.02 ? 106 ILE A C   1 
ATOM   783 O O   . ILE A 1 118 ? -14.133 0.170   -4.829  1.00 35.44 ? 106 ILE A O   1 
ATOM   784 C CB  . ILE A 1 118 ? -15.053 2.443   -6.862  1.00 35.84 ? 106 ILE A CB  1 
ATOM   785 C CG1 . ILE A 1 118 ? -14.515 3.561   -7.747  1.00 40.77 ? 106 ILE A CG1 1 
ATOM   786 C CG2 . ILE A 1 118 ? -15.055 2.952   -5.436  1.00 31.52 ? 106 ILE A CG2 1 
ATOM   787 C CD1 . ILE A 1 118 ? -13.381 4.244   -7.138  1.00 38.37 ? 106 ILE A CD1 1 
ATOM   788 N N   . SER A 1 119 ? -15.654 -0.626  -6.225  1.00 33.35 ? 107 SER A N   1 
ATOM   789 C CA  . SER A 1 119 ? -16.136 -1.593  -5.258  1.00 37.14 ? 107 SER A CA  1 
ATOM   790 C C   . SER A 1 119 ? -15.036 -2.584  -4.812  1.00 37.51 ? 107 SER A C   1 
ATOM   791 O O   . SER A 1 119 ? -14.995 -2.959  -3.652  1.00 42.15 ? 107 SER A O   1 
ATOM   792 C CB  . SER A 1 119 ? -17.359 -2.342  -5.817  1.00 37.68 ? 107 SER A CB  1 
ATOM   793 O OG  . SER A 1 119 ? -17.006 -3.216  -6.882  1.00 36.77 ? 107 SER A OG  1 
ATOM   794 N N   . GLU A 1 120 ? -14.157 -2.987  -5.735  1.00 36.76 ? 108 GLU A N   1 
ATOM   795 C CA  . GLU A 1 120 ? -13.043 -3.887  -5.444  1.00 37.83 ? 108 GLU A CA  1 
ATOM   796 C C   . GLU A 1 120 ? -12.016 -3.250  -4.559  1.00 33.97 ? 108 GLU A C   1 
ATOM   797 O O   . GLU A 1 120 ? -11.443 -3.911  -3.701  1.00 30.52 ? 108 GLU A O   1 
ATOM   798 C CB  . GLU A 1 120 ? -12.303 -4.260  -6.719  1.00 38.17 ? 108 GLU A CB  1 
ATOM   799 C CG  . GLU A 1 120 ? -13.055 -5.152  -7.712  1.00 49.48 ? 108 GLU A CG  1 
ATOM   800 C CD  . GLU A 1 120 ? -12.426 -5.115  -9.131  1.00 50.22 ? 108 GLU A CD  1 
ATOM   801 O OE1 . GLU A 1 120 ? -11.171 -4.995  -9.226  1.00 66.36 ? 108 GLU A OE1 1 
ATOM   802 O OE2 . GLU A 1 120 ? -13.186 -5.196  -10.140 1.00 67.18 ? 108 GLU A OE2 1 
ATOM   803 N N   . LEU A 1 121 ? -11.719 -1.982  -4.830  1.00 34.69 ? 109 LEU A N   1 
ATOM   804 C CA  . LEU A 1 121 ? -10.779 -1.215  -4.007  1.00 34.00 ? 109 LEU A CA  1 
ATOM   805 C C   . LEU A 1 121 ? -11.312 -1.187  -2.584  1.00 34.53 ? 109 LEU A C   1 
ATOM   806 O O   . LEU A 1 121 ? -10.603 -1.474  -1.627  1.00 39.95 ? 109 LEU A O   1 
ATOM   807 C CB  . LEU A 1 121 ? -10.562 0.208   -4.542  1.00 34.46 ? 109 LEU A CB  1 
ATOM   808 C CG  . LEU A 1 121 ? -9.872  1.231   -3.605  1.00 37.50 ? 109 LEU A CG  1 
ATOM   809 C CD1 . LEU A 1 121 ? -8.458  0.810   -3.295  1.00 36.74 ? 109 LEU A CD1 1 
ATOM   810 C CD2 . LEU A 1 121 ? -9.927  2.686   -4.177  1.00 29.94 ? 109 LEU A CD2 1 
ATOM   811 N N   . ARG A 1 122 ? -12.584 -0.914  -2.441  1.00 32.69 ? 110 ARG A N   1 
ATOM   812 C CA  . ARG A 1 122 ? -13.128 -0.753  -1.111  1.00 32.29 ? 110 ARG A CA  1 
ATOM   813 C C   . ARG A 1 122 ? -13.344 -2.051  -0.395  1.00 28.72 ? 110 ARG A C   1 
ATOM   814 O O   . ARG A 1 122 ? -13.279 -2.073  0.805   1.00 28.67 ? 110 ARG A O   1 
ATOM   815 C CB  . ARG A 1 122 ? -14.423 0.046   -1.172  1.00 35.77 ? 110 ARG A CB  1 
ATOM   816 C CG  . ARG A 1 122 ? -14.199 1.500   -1.694  1.00 38.71 ? 110 ARG A CG  1 
ATOM   817 C CD  . ARG A 1 122 ? -15.493 2.190   -1.945  1.00 36.21 ? 110 ARG A CD  1 
ATOM   818 N NE  . ARG A 1 122 ? -16.195 2.465   -0.687  1.00 38.13 ? 110 ARG A NE  1 
ATOM   819 C CZ  . ARG A 1 122 ? -16.452 3.672   -0.188  1.00 34.01 ? 110 ARG A CZ  1 
ATOM   820 N NH1 . ARG A 1 122 ? -16.063 4.766   -0.806  1.00 32.71 ? 110 ARG A NH1 1 
ATOM   821 N NH2 . ARG A 1 122 ? -17.121 3.780   0.951   1.00 34.68 ? 110 ARG A NH2 1 
ATOM   822 N N   . ALA A 1 123 ? -13.623 -3.132  -1.108  1.00 29.63 ? 111 ALA A N   1 
ATOM   823 C CA  . ALA A 1 123 ? -13.682 -4.437  -0.438  1.00 31.91 ? 111 ALA A CA  1 
ATOM   824 C C   . ALA A 1 123 ? -12.290 -4.767  0.088   1.00 28.70 ? 111 ALA A C   1 
ATOM   825 O O   . ALA A 1 123 ? -12.150 -5.112  1.233   1.00 27.94 ? 111 ALA A O   1 
ATOM   826 C CB  . ALA A 1 123 ? -14.228 -5.551  -1.371  1.00 33.09 ? 111 ALA A CB  1 
ATOM   827 N N   . ALA A 1 124 ? -11.274 -4.601  -0.753  1.00 30.05 ? 112 ALA A N   1 
ATOM   828 C CA  . ALA A 1 124 ? -9.887  -4.829  -0.401  1.00 31.73 ? 112 ALA A CA  1 
ATOM   829 C C   . ALA A 1 124 ? -9.516  -4.105  0.878   1.00 33.12 ? 112 ALA A C   1 
ATOM   830 O O   . ALA A 1 124 ? -9.043  -4.703  1.818   1.00 40.28 ? 112 ALA A O   1 
ATOM   831 C CB  . ALA A 1 124 ? -8.955  -4.357  -1.544  1.00 29.33 ? 112 ALA A CB  1 
ATOM   832 N N   . ILE A 1 125 ? -9.706  -2.810  0.906   1.00 33.89 ? 113 ILE A N   1 
ATOM   833 C CA  . ILE A 1 125 ? -9.307  -1.999  2.046   1.00 32.08 ? 113 ILE A CA  1 
ATOM   834 C C   . ILE A 1 125 ? -10.060 -2.467  3.260   1.00 31.70 ? 113 ILE A C   1 
ATOM   835 O O   . ILE A 1 125 ? -9.444  -2.683  4.280   1.00 36.81 ? 113 ILE A O   1 
ATOM   836 C CB  . ILE A 1 125 ? -9.644  -0.528  1.837   1.00 32.97 ? 113 ILE A CB  1 
ATOM   837 C CG1 . ILE A 1 125 ? -8.830  0.058   0.683   1.00 35.72 ? 113 ILE A CG1 1 
ATOM   838 C CG2 . ILE A 1 125 ? -9.440  0.249   3.140   1.00 34.90 ? 113 ILE A CG2 1 
ATOM   839 C CD1 . ILE A 1 125 ? -9.438  1.409   0.124   1.00 31.29 ? 113 ILE A CD1 1 
ATOM   840 N N   . ASP A 1 126 ? -11.384 -2.650  3.162   1.00 31.87 ? 114 ASP A N   1 
ATOM   841 C CA  . ASP A 1 126 ? -12.196 -3.153  4.313   1.00 29.67 ? 114 ASP A CA  1 
ATOM   842 C C   . ASP A 1 126 ? -11.778 -4.537  4.815   1.00 31.00 ? 114 ASP A C   1 
ATOM   843 O O   . ASP A 1 126 ? -11.798 -4.800  6.012   1.00 32.94 ? 114 ASP A O   1 
ATOM   844 C CB  . ASP A 1 126 ? -13.704 -3.154  4.038   1.00 27.38 ? 114 ASP A CB  1 
ATOM   845 C CG  . ASP A 1 126 ? -14.380 -1.777  4.351   1.00 29.16 ? 114 ASP A CG  1 
ATOM   846 N N   . TYR A 1 127 ? -11.383 -5.443  3.936   1.00 30.98 ? 115 TYR A N   1 
ATOM   847 C CA  . TYR A 1 127 ? -10.958 -6.751  4.416   1.00 29.91 ? 115 TYR A CA  1 
ATOM   848 C C   . TYR A 1 127 ? -9.579  -6.749  5.136   1.00 29.66 ? 115 TYR A C   1 
ATOM   849 O O   . TYR A 1 127 ? -9.168  -7.752  5.682   1.00 32.31 ? 115 TYR A O   1 
ATOM   850 C CB  . TYR A 1 127 ? -11.031 -7.748  3.260   1.00 31.56 ? 115 TYR A CB  1 
ATOM   851 C CG  . TYR A 1 127 ? -12.441 -7.941  2.735   1.00 26.54 ? 115 TYR A CG  1 
ATOM   852 C CD1 . TYR A 1 127 ? -13.517 -8.028  3.609   1.00 29.51 ? 115 TYR A CD1 1 
ATOM   853 C CD2 . TYR A 1 127 ? -12.700 -8.062  1.378   1.00 29.48 ? 115 TYR A CD2 1 
ATOM   854 C CE1 . TYR A 1 127 ? -14.818 -8.227  3.154   1.00 38.87 ? 115 TYR A CE1 1 
ATOM   855 C CE2 . TYR A 1 127 ? -14.023 -8.253  0.896   1.00 31.66 ? 115 TYR A CE2 1 
ATOM   856 C CZ  . TYR A 1 127 ? -15.074 -8.335  1.799   1.00 38.05 ? 115 TYR A CZ  1 
ATOM   857 O OH  . TYR A 1 127 ? -16.397 -8.521  1.392   1.00 37.54 ? 115 TYR A OH  1 
ATOM   858 N N   . HIS A 1 128 ? -8.885  -5.615  5.151   1.00 33.78 ? 116 HIS A N   1 
ATOM   859 C CA  . HIS A 1 128 ? -7.638  -5.451  5.928   1.00 36.31 ? 116 HIS A CA  1 
ATOM   860 C C   . HIS A 1 128 ? -7.799  -4.595  7.203   1.00 40.17 ? 116 HIS A C   1 
ATOM   861 O O   . HIS A 1 128 ? -6.794  -4.313  7.874   1.00 38.60 ? 116 HIS A O   1 
ATOM   862 C CB  . HIS A 1 128 ? -6.522  -4.814  5.072   1.00 35.61 ? 116 HIS A CB  1 
ATOM   863 C CG  . HIS A 1 128 ? -6.016  -5.684  3.965   1.00 32.24 ? 116 HIS A CG  1 
ATOM   864 N ND1 . HIS A 1 128 ? -6.553  -5.664  2.700   1.00 28.35 ? 116 HIS A ND1 1 
ATOM   865 C CD2 . HIS A 1 128 ? -5.003  -6.586  3.928   1.00 35.79 ? 116 HIS A CD2 1 
ATOM   866 C CE1 . HIS A 1 128 ? -5.888  -6.510  1.926   1.00 35.07 ? 116 HIS A CE1 1 
ATOM   867 N NE2 . HIS A 1 128 ? -4.942  -7.081  2.646   1.00 29.88 ? 116 HIS A NE2 1 
ATOM   868 N N   . LYS A 1 129 ? -9.023  -4.161  7.530   1.00 44.20 ? 117 LYS A N   1 
ATOM   869 C CA  . LYS A 1 129 ? -9.291  -3.557  8.843   1.00 48.02 ? 117 LYS A CA  1 
ATOM   870 C C   . LYS A 1 129 ? -9.230  -4.585  9.974   1.00 53.76 ? 117 LYS A C   1 
ATOM   871 O O   . LYS A 1 129 ? -9.538  -5.764  9.740   1.00 55.80 ? 117 LYS A O   1 
ATOM   872 C CB  . LYS A 1 129 ? -10.671 -2.953  8.885   1.00 48.16 ? 117 LYS A CB  1 
ATOM   873 C CG  . LYS A 1 129 ? -10.850 -1.719  8.037   1.00 48.11 ? 117 LYS A CG  1 
ATOM   874 C CD  . LYS A 1 129 ? -12.189 -1.024  8.369   1.00 49.71 ? 117 LYS A CD  1 
ATOM   875 C CE  . LYS A 1 129 ? -12.613 -0.009  7.283   1.00 52.17 ? 117 LYS A CE  1 
ATOM   876 N NZ  . LYS A 1 129 ? -14.022 0.476   7.446   1.00 44.73 ? 117 LYS A NZ  1 
ATOM   877 N N   . PRO A 1 130 ? -8.730  -4.174  11.171  1.00 58.56 ? 118 PRO A N   1 
ATOM   878 C CA  . PRO A 1 130 ? -9.111  -4.655  12.516  1.00 58.26 ? 118 PRO A CA  1 
ATOM   879 C C   . PRO A 1 130 ? -10.613 -4.944  12.778  1.00 58.21 ? 118 PRO A C   1 
ATOM   880 O O   . PRO A 1 130 ? -11.486 -4.330  12.165  1.00 59.53 ? 118 PRO A O   1 
ATOM   881 C CB  . PRO A 1 130 ? -8.615  -3.514  13.400  1.00 57.68 ? 118 PRO A CB  1 
ATOM   882 C CG  . PRO A 1 130 ? -7.267  -3.171  12.768  1.00 59.41 ? 118 PRO A CG  1 
ATOM   883 C CD  . PRO A 1 130 ? -7.522  -3.312  11.262  1.00 60.11 ? 118 PRO A CD  1 
ATOM   884 N N   . SER A 1 131 ? -10.931 -5.836  13.720  1.00 58.92 ? 119 SER A N   1 
ATOM   885 C CA  . SER A 1 131 ? -9.985  -6.425  14.673  1.00 57.63 ? 119 SER A CA  1 
ATOM   886 C C   . SER A 1 131 ? -9.535  -7.819  14.218  1.00 57.45 ? 119 SER A C   1 
ATOM   887 O O   . SER A 1 131 ? -9.330  -8.061  13.017  1.00 56.35 ? 119 SER A O   1 
ATOM   888 C CB  . SER A 1 131 ? -10.646 -6.489  16.047  1.00 57.75 ? 119 SER A CB  1 
ATOM   889 O OG  . SER A 1 131 ? -11.718 -5.561  16.133  1.00 51.76 ? 119 SER A OG  1 
HETATM 890 C C1  . EDO B 2 .   ? -11.968 -10.717 13.247  1.00 76.99 ? 127 EDO A C1  1 
HETATM 891 O O1  . EDO B 2 .   ? -10.990 -10.535 14.289  1.00 67.95 ? 127 EDO A O1  1 
HETATM 892 C C2  . EDO B 2 .   ? -13.377 -10.879 13.818  1.00 76.95 ? 127 EDO A C2  1 
HETATM 893 O O2  . EDO B 2 .   ? -13.458 -10.331 15.152  1.00 78.75 ? 127 EDO A O2  1 
HETATM 894 C C1  . EDO C 2 .   ? 7.386   -7.717  3.144   1.00 51.05 ? 128 EDO A C1  1 
HETATM 895 O O1  . EDO C 2 .   ? 6.460   -8.116  4.159   1.00 60.76 ? 128 EDO A O1  1 
HETATM 896 C C2  . EDO C 2 .   ? 7.329   -8.598  1.909   1.00 57.39 ? 128 EDO A C2  1 
HETATM 897 O O2  . EDO C 2 .   ? 6.585   -9.794  2.126   1.00 62.15 ? 128 EDO A O2  1 
HETATM 898 O O   . HOH D 3 .   ? 15.047  -7.361  2.827   1.00 37.38 ? 129 HOH A O   1 
HETATM 899 O O   . HOH D 3 .   ? -2.380  -8.208  2.185   1.00 39.34 ? 130 HOH A O   1 
HETATM 900 O O   . HOH D 3 .   ? 0.346   4.031   8.108   1.00 57.16 ? 131 HOH A O   1 
HETATM 901 O O   . HOH D 3 .   ? 7.024   0.234   -7.885  1.00 39.94 ? 132 HOH A O   1 
HETATM 902 O O   . HOH D 3 .   ? 0.315   0.453   -10.753 1.00 58.04 ? 133 HOH A O   1 
HETATM 903 O O   . HOH D 3 .   ? -17.519 8.978   6.220   1.00 60.15 ? 134 HOH A O   1 
HETATM 904 O O   . HOH D 3 .   ? 8.371   -2.705  -10.053 1.00 46.33 ? 135 HOH A O   1 
HETATM 905 O O   . HOH D 3 .   ? -7.428  -6.948  -3.507  1.00 39.78 ? 136 HOH A O   1 
HETATM 906 O O   . HOH D 3 .   ? 15.510  -0.479  7.341   1.00 55.98 ? 137 HOH A O   1 
HETATM 907 O O   . HOH D 3 .   ? 1.123   -13.605 0.410   1.00 52.52 ? 138 HOH A O   1 
HETATM 908 O O   . HOH D 3 .   ? -18.482 -8.183  2.596   1.00 70.53 ? 139 HOH A O   1 
HETATM 909 O O   . HOH D 3 .   ? -10.581 -7.149  -4.355  1.00 54.39 ? 140 HOH A O   1 
HETATM 910 O O   . HOH D 3 .   ? 5.842   11.676  3.008   1.00 56.31 ? 141 HOH A O   1 
HETATM 911 O O   . HOH D 3 .   ? -6.606  -6.835  15.723  1.00 61.70 ? 142 HOH A O   1 
HETATM 912 O O   . HOH D 3 .   ? 4.638   -7.246  -9.887  1.00 65.74 ? 143 HOH A O   1 
HETATM 913 O O   . HOH D 3 .   ? 0.927   -8.860  -11.539 1.00 65.81 ? 144 HOH A O   1 
HETATM 914 O O   . HOH D 3 .   ? 11.444  -8.797  -3.454  1.00 53.72 ? 145 HOH A O   1 
HETATM 915 O O   . HOH D 3 .   ? 9.998   -10.140 -1.672  1.00 63.88 ? 146 HOH A O   1 
HETATM 916 O O   . HOH D 3 .   ? 16.790  7.597   4.549   1.00 59.69 ? 147 HOH A O   1 
HETATM 917 O O   . HOH D 3 .   ? -8.950  9.997   8.783   1.00 61.94 ? 148 HOH A O   1 
HETATM 918 O O   . HOH D 3 .   ? -1.116  6.153   8.408   1.00 60.39 ? 149 HOH A O   1 
HETATM 919 O O   . HOH D 3 .   ? -1.891  -9.355  4.336   1.00 46.51 ? 150 HOH A O   1 
HETATM 920 O O   . HOH D 3 .   ? 14.395  -9.816  1.842   1.00 66.38 ? 151 HOH A O   1 
HETATM 921 O O   . HOH D 3 .   ? 15.112  -12.286 2.550   1.00 67.98 ? 152 HOH A O   1 
HETATM 922 O O   . HOH D 3 .   ? 15.865  -8.485  5.029   1.00 61.34 ? 153 HOH A O   1 
# 
loop_
_pdbx_poly_seq_scheme.asym_id 
_pdbx_poly_seq_scheme.entity_id 
_pdbx_poly_seq_scheme.seq_id 
_pdbx_poly_seq_scheme.mon_id 
_pdbx_poly_seq_scheme.ndb_seq_num 
_pdbx_poly_seq_scheme.pdb_seq_num 
_pdbx_poly_seq_scheme.auth_seq_num 
_pdbx_poly_seq_scheme.pdb_mon_id 
_pdbx_poly_seq_scheme.auth_mon_id 
_pdbx_poly_seq_scheme.pdb_strand_id 
_pdbx_poly_seq_scheme.pdb_ins_code 
_pdbx_poly_seq_scheme.hetero 
A 1 1   MET 1   -11 ?   ?   ?   A . n 
A 1 2   GLY 2   -10 ?   ?   ?   A . n 
A 1 3   SER 3   -9  ?   ?   ?   A . n 
A 1 4   ASP 4   -8  ?   ?   ?   A . n 
A 1 5   LYS 5   -7  ?   ?   ?   A . n 
A 1 6   ILE 6   -6  ?   ?   ?   A . n 
A 1 7   HIS 7   -5  ?   ?   ?   A . n 
A 1 8   HIS 8   -4  ?   ?   ?   A . n 
A 1 9   HIS 9   -3  ?   ?   ?   A . n 
A 1 10  HIS 10  -2  ?   ?   ?   A . n 
A 1 11  HIS 11  -1  ?   ?   ?   A . n 
A 1 12  HIS 12  0   ?   ?   ?   A . n 
A 1 13  MET 13  1   ?   ?   ?   A . n 
A 1 14  GLN 14  2   2   GLN GLN A . n 
A 1 15  PRO 15  3   3   PRO PRO A . n 
A 1 16  PHE 16  4   4   PHE PHE A . n 
A 1 17  ARG 17  5   5   ARG ARG A . n 
A 1 18  VAL 18  6   6   VAL VAL A . n 
A 1 19  THR 19  7   7   THR THR A . n 
A 1 20  LEU 20  8   8   LEU LEU A . n 
A 1 21  VAL 21  9   9   VAL VAL A . n 
A 1 22  GLU 22  10  10  GLU GLU A . n 
A 1 23  ASP 23  11  11  ASP ASP A . n 
A 1 24  GLU 24  12  12  GLU GLU A . n 
A 1 25  PRO 25  13  13  PRO PRO A . n 
A 1 26  SER 26  14  14  SER SER A . n 
A 1 27  HIS 27  15  15  HIS HIS A . n 
A 1 28  ALA 28  16  16  ALA ALA A . n 
A 1 29  THR 29  17  17  THR THR A . n 
A 1 30  LEU 30  18  18  LEU LEU A . n 
A 1 31  ILE 31  19  19  ILE ILE A . n 
A 1 32  GLN 32  20  20  GLN GLN A . n 
A 1 33  TYR 33  21  21  TYR TYR A . n 
A 1 34  HIS 34  22  22  HIS HIS A . n 
A 1 35  LEU 35  23  23  LEU LEU A . n 
A 1 36  ASN 36  24  24  ASN ASN A . n 
A 1 37  GLN 37  25  25  GLN GLN A . n 
A 1 38  LEU 38  26  26  LEU LEU A . n 
A 1 39  GLY 39  27  27  GLY GLY A . n 
A 1 40  ALA 40  28  28  ALA ALA A . n 
A 1 41  GLU 41  29  29  GLU GLU A . n 
A 1 42  VAL 42  30  30  VAL VAL A . n 
A 1 43  THR 43  31  31  THR THR A . n 
A 1 44  VAL 44  32  32  VAL VAL A . n 
A 1 45  HIS 45  33  33  HIS HIS A . n 
A 1 46  PRO 46  34  34  PRO PRO A . n 
A 1 47  SER 47  35  35  SER SER A . n 
A 1 48  GLY 48  36  36  GLY GLY A . n 
A 1 49  SER 49  37  37  SER SER A . n 
A 1 50  ALA 50  38  38  ALA ALA A . n 
A 1 51  PHE 51  39  39  PHE PHE A . n 
A 1 52  PHE 52  40  40  PHE PHE A . n 
A 1 53  GLN 53  41  41  GLN GLN A . n 
A 1 54  HIS 54  42  42  HIS HIS A . n 
A 1 55  ARG 55  43  43  ARG ARG A . n 
A 1 56  SER 56  44  44  SER SER A . n 
A 1 57  GLN 57  45  45  GLN GLN A . n 
A 1 58  LEU 58  46  46  LEU LEU A . n 
A 1 59  SER 59  47  47  SER SER A . n 
A 1 60  THR 60  48  48  THR THR A . n 
A 1 61  CYS 61  49  49  CYS CYS A . n 
A 1 62  ASP 62  50  50  ASP ASP A . n 
A 1 63  LEU 63  51  51  LEU LEU A . n 
A 1 64  LEU 64  52  52  LEU LEU A . n 
A 1 65  ILE 65  53  53  ILE ILE A . n 
A 1 66  VAL 66  54  54  VAL VAL A . n 
A 1 67  SER 67  55  55  SER SER A . n 
A 1 68  ASP 68  56  56  ASP ASP A . n 
A 1 69  GLN 69  57  57  GLN GLN A . n 
A 1 70  LEU 70  58  58  LEU LEU A . n 
A 1 71  VAL 71  59  59  VAL VAL A . n 
A 1 72  ASP 72  60  60  ASP ASP A . n 
A 1 73  LEU 73  61  61  LEU LEU A . n 
A 1 74  SER 74  62  62  SER SER A . n 
A 1 75  ILE 75  63  63  ILE ILE A . n 
A 1 76  PHE 76  64  64  PHE PHE A . n 
A 1 77  SER 77  65  65  SER SER A . n 
A 1 78  LEU 78  66  66  LEU LEU A . n 
A 1 79  LEU 79  67  67  LEU LEU A . n 
A 1 80  ASP 80  68  68  ASP ASP A . n 
A 1 81  ILE 81  69  69  ILE ILE A . n 
A 1 82  VAL 82  70  70  VAL VAL A . n 
A 1 83  LYS 83  71  71  LYS LYS A . n 
A 1 84  GLU 84  72  72  GLU GLU A . n 
A 1 85  GLN 85  73  73  GLN GLN A . n 
A 1 86  THR 86  74  74  THR THR A . n 
A 1 87  LYS 87  75  75  LYS LYS A . n 
A 1 88  GLN 88  76  76  GLN GLN A . n 
A 1 89  PRO 89  77  77  PRO PRO A . n 
A 1 90  SER 90  78  78  SER SER A . n 
A 1 91  VAL 91  79  79  VAL VAL A . n 
A 1 92  LEU 92  80  80  LEU LEU A . n 
A 1 93  ILE 93  81  81  ILE ILE A . n 
A 1 94  LEU 94  82  82  LEU LEU A . n 
A 1 95  THR 95  83  83  THR THR A . n 
A 1 96  THR 96  84  84  THR THR A . n 
A 1 97  GLY 97  85  85  GLY GLY A . n 
A 1 98  ARG 98  86  86  ARG ARG A . n 
A 1 99  HIS 99  87  ?   ?   ?   A . n 
A 1 100 GLU 100 88  ?   ?   ?   A . n 
A 1 101 LEU 101 89  89  LEU LEU A . n 
A 1 102 ILE 102 90  90  ILE ILE A . n 
A 1 103 GLU 103 91  91  GLU GLU A . n 
A 1 104 SER 104 92  92  SER SER A . n 
A 1 105 SER 105 93  93  SER SER A . n 
A 1 106 GLU 106 94  94  GLU GLU A . n 
A 1 107 HIS 107 95  95  HIS HIS A . n 
A 1 108 ASN 108 96  96  ASN ASN A . n 
A 1 109 LEU 109 97  97  LEU LEU A . n 
A 1 110 SER 110 98  98  SER SER A . n 
A 1 111 TYR 111 99  99  TYR TYR A . n 
A 1 112 LEU 112 100 100 LEU LEU A . n 
A 1 113 GLN 113 101 101 GLN GLN A . n 
A 1 114 LYS 114 102 102 LYS LYS A . n 
A 1 115 PRO 115 103 103 PRO PRO A . n 
A 1 116 PHE 116 104 104 PHE PHE A . n 
A 1 117 ALA 117 105 105 ALA ALA A . n 
A 1 118 ILE 118 106 106 ILE ILE A . n 
A 1 119 SER 119 107 107 SER SER A . n 
A 1 120 GLU 120 108 108 GLU GLU A . n 
A 1 121 LEU 121 109 109 LEU LEU A . n 
A 1 122 ARG 122 110 110 ARG ARG A . n 
A 1 123 ALA 123 111 111 ALA ALA A . n 
A 1 124 ALA 124 112 112 ALA ALA A . n 
A 1 125 ILE 125 113 113 ILE ILE A . n 
A 1 126 ASP 126 114 114 ASP ASP A . n 
A 1 127 TYR 127 115 115 TYR TYR A . n 
A 1 128 HIS 128 116 116 HIS HIS A . n 
A 1 129 LYS 129 117 117 LYS LYS A . n 
A 1 130 PRO 130 118 118 PRO PRO A . n 
A 1 131 SER 131 119 119 SER SER A . n 
A 1 132 MET 132 120 ?   ?   ?   A . n 
A 1 133 GLY 133 121 ?   ?   ?   A . n 
A 1 134 VAL 134 122 ?   ?   ?   A . n 
A 1 135 THR 135 123 ?   ?   ?   A . n 
A 1 136 MET 136 124 ?   ?   ?   A . n 
A 1 137 ASN 137 125 ?   ?   ?   A . n 
A 1 138 VAL 138 126 ?   ?   ?   A . n 
# 
_pdbx_SG_project.project_name          'PSI, Protein Structure Initiative' 
_pdbx_SG_project.full_name_of_center   'Joint Center for Structural Genomics' 
_pdbx_SG_project.id                    1 
_pdbx_SG_project.initial_of_center     JCSG 
# 
loop_
_pdbx_nonpoly_scheme.asym_id 
_pdbx_nonpoly_scheme.entity_id 
_pdbx_nonpoly_scheme.mon_id 
_pdbx_nonpoly_scheme.ndb_seq_num 
_pdbx_nonpoly_scheme.pdb_seq_num 
_pdbx_nonpoly_scheme.auth_seq_num 
_pdbx_nonpoly_scheme.pdb_mon_id 
_pdbx_nonpoly_scheme.auth_mon_id 
_pdbx_nonpoly_scheme.pdb_strand_id 
_pdbx_nonpoly_scheme.pdb_ins_code 
B 2 EDO 1  127 1  EDO EDO A . 
C 2 EDO 1  128 2  EDO EDO A . 
D 3 HOH 1  129 3  HOH HOH A . 
D 3 HOH 2  130 4  HOH HOH A . 
D 3 HOH 3  131 5  HOH HOH A . 
D 3 HOH 4  132 6  HOH HOH A . 
D 3 HOH 5  133 7  HOH HOH A . 
D 3 HOH 6  134 8  HOH HOH A . 
D 3 HOH 7  135 9  HOH HOH A . 
D 3 HOH 8  136 10 HOH HOH A . 
D 3 HOH 9  137 11 HOH HOH A . 
D 3 HOH 10 138 12 HOH HOH A . 
D 3 HOH 11 139 13 HOH HOH A . 
D 3 HOH 12 140 14 HOH HOH A . 
D 3 HOH 13 141 15 HOH HOH A . 
D 3 HOH 14 142 16 HOH HOH A . 
D 3 HOH 15 143 17 HOH HOH A . 
D 3 HOH 16 144 18 HOH HOH A . 
D 3 HOH 17 145 19 HOH HOH A . 
D 3 HOH 18 146 20 HOH HOH A . 
D 3 HOH 19 147 21 HOH HOH A . 
D 3 HOH 20 148 22 HOH HOH A . 
D 3 HOH 21 149 23 HOH HOH A . 
D 3 HOH 22 150 24 HOH HOH A . 
D 3 HOH 23 151 25 HOH HOH A . 
D 3 HOH 24 152 26 HOH HOH A . 
D 3 HOH 25 153 27 HOH HOH A . 
# 
_pdbx_struct_assembly.id                   1 
_pdbx_struct_assembly.details              author_defined_assembly 
_pdbx_struct_assembly.method_details       ? 
_pdbx_struct_assembly.oligomeric_details   monomeric 
_pdbx_struct_assembly.oligomeric_count     1 
# 
_pdbx_struct_assembly_gen.assembly_id       1 
_pdbx_struct_assembly_gen.oper_expression   1 
_pdbx_struct_assembly_gen.asym_id_list      A,B,C,D 
# 
_pdbx_struct_oper_list.id                   1 
_pdbx_struct_oper_list.type                 'identity operation' 
_pdbx_struct_oper_list.name                 1_555 
_pdbx_struct_oper_list.symmetry_operation   x,y,z 
_pdbx_struct_oper_list.matrix[1][1]         1.0000000000 
_pdbx_struct_oper_list.matrix[1][2]         0.0000000000 
_pdbx_struct_oper_list.matrix[1][3]         0.0000000000 
_pdbx_struct_oper_list.vector[1]            0.0000000000 
_pdbx_struct_oper_list.matrix[2][1]         0.0000000000 
_pdbx_struct_oper_list.matrix[2][2]         1.0000000000 
_pdbx_struct_oper_list.matrix[2][3]         0.0000000000 
_pdbx_struct_oper_list.vector[2]            0.0000000000 
_pdbx_struct_oper_list.matrix[3][1]         0.0000000000 
_pdbx_struct_oper_list.matrix[3][2]         0.0000000000 
_pdbx_struct_oper_list.matrix[3][3]         1.0000000000 
_pdbx_struct_oper_list.vector[3]            0.0000000000 
# 
loop_
_pdbx_audit_revision_history.ordinal 
_pdbx_audit_revision_history.data_content_type 
_pdbx_audit_revision_history.major_revision 
_pdbx_audit_revision_history.minor_revision 
_pdbx_audit_revision_history.revision_date 
1 'Structure model' 1 0 2005-10-11 
2 'Structure model' 1 1 2008-05-01 
3 'Structure model' 1 2 2011-07-13 
4 'Structure model' 1 3 2023-01-25 
5 'Structure model' 1 4 2023-09-20 
# 
_pdbx_audit_revision_details.ordinal             1 
_pdbx_audit_revision_details.revision_ordinal    1 
_pdbx_audit_revision_details.data_content_type   'Structure model' 
_pdbx_audit_revision_details.provider            repository 
_pdbx_audit_revision_details.type                'Initial release' 
_pdbx_audit_revision_details.description         ? 
_pdbx_audit_revision_details.details             ? 
# 
loop_
_pdbx_audit_revision_group.ordinal 
_pdbx_audit_revision_group.revision_ordinal 
_pdbx_audit_revision_group.data_content_type 
_pdbx_audit_revision_group.group 
1 2 'Structure model' 'Version format compliance' 
2 3 'Structure model' Advisory                    
3 3 'Structure model' 'Source and taxonomy'       
4 3 'Structure model' 'Version format compliance' 
5 4 'Structure model' 'Database references'       
6 4 'Structure model' 'Derived calculations'      
7 5 'Structure model' 'Data collection'           
8 5 'Structure model' 'Refinement description'    
# 
loop_
_pdbx_audit_revision_category.ordinal 
_pdbx_audit_revision_category.revision_ordinal 
_pdbx_audit_revision_category.data_content_type 
_pdbx_audit_revision_category.category 
1 4 'Structure model' database_2                    
2 4 'Structure model' struct_ref_seq_dif            
3 4 'Structure model' struct_site                   
4 5 'Structure model' chem_comp_atom                
5 5 'Structure model' chem_comp_bond                
6 5 'Structure model' pdbx_initial_refinement_model 
# 
loop_
_pdbx_audit_revision_item.ordinal 
_pdbx_audit_revision_item.revision_ordinal 
_pdbx_audit_revision_item.data_content_type 
_pdbx_audit_revision_item.item 
1 4 'Structure model' '_database_2.pdbx_DOI'                
2 4 'Structure model' '_database_2.pdbx_database_accession' 
3 4 'Structure model' '_struct_ref_seq_dif.details'         
4 4 'Structure model' '_struct_site.pdbx_auth_asym_id'      
5 4 'Structure model' '_struct_site.pdbx_auth_comp_id'      
6 4 'Structure model' '_struct_site.pdbx_auth_seq_id'       
# 
_pdbx_refine_tls.id               1 
_pdbx_refine_tls.details          ? 
_pdbx_refine_tls.method           refined 
_pdbx_refine_tls.origin_x         0.0970 
_pdbx_refine_tls.origin_y         0.1744 
_pdbx_refine_tls.origin_z         -0.0175 
_pdbx_refine_tls.T[1][1]          -0.0121 
_pdbx_refine_tls.T[2][2]          0.0067 
_pdbx_refine_tls.T[3][3]          0.1892 
_pdbx_refine_tls.T[1][2]          0.0092 
_pdbx_refine_tls.T[1][3]          0.0124 
_pdbx_refine_tls.T[2][3]          0.1067 
_pdbx_refine_tls.L[1][1]          10.4697 
_pdbx_refine_tls.L[2][2]          4.1786 
_pdbx_refine_tls.L[3][3]          1.5210 
_pdbx_refine_tls.L[1][2]          -2.5387 
_pdbx_refine_tls.L[1][3]          -0.4869 
_pdbx_refine_tls.L[2][3]          -0.9278 
_pdbx_refine_tls.S[1][1]          -0.1225 
_pdbx_refine_tls.S[2][2]          0.2732 
_pdbx_refine_tls.S[3][3]          -0.1507 
_pdbx_refine_tls.S[1][2]          -0.2675 
_pdbx_refine_tls.S[1][3]          0.2443 
_pdbx_refine_tls.S[2][3]          0.0685 
_pdbx_refine_tls.S[2][1]          0.0632 
_pdbx_refine_tls.S[3][1]          0.0572 
_pdbx_refine_tls.S[3][2]          0.0706 
_pdbx_refine_tls.pdbx_refine_id   'X-RAY DIFFRACTION' 
# 
_pdbx_refine_tls_group.id                  1 
_pdbx_refine_tls_group.refine_tls_id       1 
_pdbx_refine_tls_group.beg_label_asym_id   A 
_pdbx_refine_tls_group.beg_label_seq_id    14 
_pdbx_refine_tls_group.end_label_asym_id   A 
_pdbx_refine_tls_group.end_label_seq_id    131 
_pdbx_refine_tls_group.selection           all 
_pdbx_refine_tls_group.beg_auth_asym_id    A 
_pdbx_refine_tls_group.beg_auth_seq_id     2 
_pdbx_refine_tls_group.end_auth_asym_id    A 
_pdbx_refine_tls_group.end_auth_seq_id     119 
_pdbx_refine_tls_group.pdbx_refine_id      'X-RAY DIFFRACTION' 
_pdbx_refine_tls_group.selection_details   ? 
# 
_phasing.method   MR 
# 
loop_
_software.name 
_software.version 
_software.date 
_software.type 
_software.contact_author 
_software.contact_author_email 
_software.classification 
_software.location 
_software.language 
_software.citation_id 
_software.pdbx_ordinal 
REFMAC      5.2.0013  ?               program 'Murshudov, G.N.' ccp4@dl.ac.uk            refinement        
http://www.ccp4.ac.uk/main.html            Fortran ? 1 
SCALA       .         ?               program 'Phil Evans'      pre@mrc-lmb.cam.ac.uk    'data scaling'    
http://www.ccp4.ac.uk/dist/html/INDEX.html Fortran ? 2 
PDB_EXTRACT 1.601     'Jan. 30, 2005' package PDB               sw-help@rcsb.rutgers.edu 'data extraction' 
http://pdb.rutgers.edu/software/           C++     ? 3 
MOSFLM      .         ?               ?       ?                 ?                        'data reduction'  ? ?       ? 4 
CCP4        '(SCALA)' ?               ?       ?                 ?                        'data scaling'    ? ?       ? 5 
MOLREP      .         ?               ?       ?                 ?                        phasing           ? ?       ? 6 
# 
_pdbx_validate_rmsd_bond.id                        1 
_pdbx_validate_rmsd_bond.PDB_model_num             1 
_pdbx_validate_rmsd_bond.auth_atom_id_1            CG 
_pdbx_validate_rmsd_bond.auth_asym_id_1            A 
_pdbx_validate_rmsd_bond.auth_comp_id_1            GLU 
_pdbx_validate_rmsd_bond.auth_seq_id_1             72 
_pdbx_validate_rmsd_bond.PDB_ins_code_1            ? 
_pdbx_validate_rmsd_bond.label_alt_id_1            ? 
_pdbx_validate_rmsd_bond.auth_atom_id_2            CD 
_pdbx_validate_rmsd_bond.auth_asym_id_2            A 
_pdbx_validate_rmsd_bond.auth_comp_id_2            GLU 
_pdbx_validate_rmsd_bond.auth_seq_id_2             72 
_pdbx_validate_rmsd_bond.PDB_ins_code_2            ? 
_pdbx_validate_rmsd_bond.label_alt_id_2            ? 
_pdbx_validate_rmsd_bond.bond_value                1.606 
_pdbx_validate_rmsd_bond.bond_target_value         1.515 
_pdbx_validate_rmsd_bond.bond_deviation            0.091 
_pdbx_validate_rmsd_bond.bond_standard_deviation   0.015 
_pdbx_validate_rmsd_bond.linker_flag               N 
# 
loop_
_pdbx_validate_torsion.id 
_pdbx_validate_torsion.PDB_model_num 
_pdbx_validate_torsion.auth_comp_id 
_pdbx_validate_torsion.auth_asym_id 
_pdbx_validate_torsion.auth_seq_id 
_pdbx_validate_torsion.PDB_ins_code 
_pdbx_validate_torsion.label_alt_id 
_pdbx_validate_torsion.phi 
_pdbx_validate_torsion.psi 
1 1 ARG A 43  ? ? -29.00  -48.11 
2 1 GLN A 57  ? ? -143.20 48.39  
3 1 PRO A 118 ? ? -39.29  153.85 
# 
loop_
_pdbx_validate_peptide_omega.id 
_pdbx_validate_peptide_omega.PDB_model_num 
_pdbx_validate_peptide_omega.auth_comp_id_1 
_pdbx_validate_peptide_omega.auth_asym_id_1 
_pdbx_validate_peptide_omega.auth_seq_id_1 
_pdbx_validate_peptide_omega.PDB_ins_code_1 
_pdbx_validate_peptide_omega.label_alt_id_1 
_pdbx_validate_peptide_omega.auth_comp_id_2 
_pdbx_validate_peptide_omega.auth_asym_id_2 
_pdbx_validate_peptide_omega.auth_seq_id_2 
_pdbx_validate_peptide_omega.PDB_ins_code_2 
_pdbx_validate_peptide_omega.label_alt_id_2 
_pdbx_validate_peptide_omega.omega 
1 1 SER A 93  ? ? GLU A 94  ? ? 144.67 
2 1 LYS A 117 ? ? PRO A 118 ? ? 148.46 
# 
loop_
_pdbx_unobs_or_zero_occ_atoms.id 
_pdbx_unobs_or_zero_occ_atoms.PDB_model_num 
_pdbx_unobs_or_zero_occ_atoms.polymer_flag 
_pdbx_unobs_or_zero_occ_atoms.occupancy_flag 
_pdbx_unobs_or_zero_occ_atoms.auth_asym_id 
_pdbx_unobs_or_zero_occ_atoms.auth_comp_id 
_pdbx_unobs_or_zero_occ_atoms.auth_seq_id 
_pdbx_unobs_or_zero_occ_atoms.PDB_ins_code 
_pdbx_unobs_or_zero_occ_atoms.auth_atom_id 
_pdbx_unobs_or_zero_occ_atoms.label_alt_id 
_pdbx_unobs_or_zero_occ_atoms.label_asym_id 
_pdbx_unobs_or_zero_occ_atoms.label_comp_id 
_pdbx_unobs_or_zero_occ_atoms.label_seq_id 
_pdbx_unobs_or_zero_occ_atoms.label_atom_id 
1  1 Y 1 A GLN 2   ? CG  ? A GLN 14  CG  
2  1 Y 1 A GLN 2   ? CD  ? A GLN 14  CD  
3  1 Y 1 A GLN 2   ? OE1 ? A GLN 14  OE1 
4  1 Y 1 A GLN 2   ? NE2 ? A GLN 14  NE2 
5  1 Y 1 A ARG 5   ? CZ  ? A ARG 17  CZ  
6  1 Y 1 A ARG 5   ? NH1 ? A ARG 17  NH1 
7  1 Y 1 A ARG 5   ? NH2 ? A ARG 17  NH2 
8  1 Y 1 A GLU 29  ? CD  ? A GLU 41  CD  
9  1 Y 1 A GLU 29  ? OE1 ? A GLU 41  OE1 
10 1 Y 1 A GLU 29  ? OE2 ? A GLU 41  OE2 
11 1 Y 1 A LYS 75  ? CE  ? A LYS 87  CE  
12 1 Y 1 A LYS 75  ? NZ  ? A LYS 87  NZ  
13 1 Y 1 A ARG 86  ? CG  ? A ARG 98  CG  
14 1 Y 1 A ARG 86  ? CD  ? A ARG 98  CD  
15 1 Y 1 A ARG 86  ? NE  ? A ARG 98  NE  
16 1 Y 1 A ARG 86  ? CZ  ? A ARG 98  CZ  
17 1 Y 1 A ARG 86  ? NH1 ? A ARG 98  NH1 
18 1 Y 1 A ARG 86  ? NH2 ? A ARG 98  NH2 
19 1 Y 1 A LEU 89  ? CG  ? A LEU 101 CG  
20 1 Y 1 A LEU 89  ? CD1 ? A LEU 101 CD1 
21 1 Y 1 A LEU 89  ? CD2 ? A LEU 101 CD2 
22 1 Y 1 A GLU 91  ? CG  ? A GLU 103 CG  
23 1 Y 1 A GLU 91  ? CD  ? A GLU 103 CD  
24 1 Y 1 A GLU 91  ? OE1 ? A GLU 103 OE1 
25 1 Y 1 A GLU 91  ? OE2 ? A GLU 103 OE2 
26 1 Y 1 A PRO 103 ? CG  ? A PRO 115 CG  
27 1 Y 1 A PRO 103 ? CD  ? A PRO 115 CD  
28 1 Y 1 A ASP 114 ? OD1 ? A ASP 126 OD1 
29 1 Y 1 A ASP 114 ? OD2 ? A ASP 126 OD2 
# 
loop_
_pdbx_unobs_or_zero_occ_residues.id 
_pdbx_unobs_or_zero_occ_residues.PDB_model_num 
_pdbx_unobs_or_zero_occ_residues.polymer_flag 
_pdbx_unobs_or_zero_occ_residues.occupancy_flag 
_pdbx_unobs_or_zero_occ_residues.auth_asym_id 
_pdbx_unobs_or_zero_occ_residues.auth_comp_id 
_pdbx_unobs_or_zero_occ_residues.auth_seq_id 
_pdbx_unobs_or_zero_occ_residues.PDB_ins_code 
_pdbx_unobs_or_zero_occ_residues.label_asym_id 
_pdbx_unobs_or_zero_occ_residues.label_comp_id 
_pdbx_unobs_or_zero_occ_residues.label_seq_id 
1  1 Y 1 A MET -11 ? A MET 1   
2  1 Y 1 A GLY -10 ? A GLY 2   
3  1 Y 1 A SER -9  ? A SER 3   
4  1 Y 1 A ASP -8  ? A ASP 4   
5  1 Y 1 A LYS -7  ? A LYS 5   
6  1 Y 1 A ILE -6  ? A ILE 6   
7  1 Y 1 A HIS -5  ? A HIS 7   
8  1 Y 1 A HIS -4  ? A HIS 8   
9  1 Y 1 A HIS -3  ? A HIS 9   
10 1 Y 1 A HIS -2  ? A HIS 10  
11 1 Y 1 A HIS -1  ? A HIS 11  
12 1 Y 1 A HIS 0   ? A HIS 12  
13 1 Y 1 A MET 1   ? A MET 13  
14 1 Y 1 A HIS 87  ? A HIS 99  
15 1 Y 1 A GLU 88  ? A GLU 100 
16 1 Y 1 A MET 120 ? A MET 132 
17 1 Y 1 A GLY 121 ? A GLY 133 
18 1 Y 1 A VAL 122 ? A VAL 134 
19 1 Y 1 A THR 123 ? A THR 135 
20 1 Y 1 A MET 124 ? A MET 136 
21 1 Y 1 A ASN 125 ? A ASN 137 
22 1 Y 1 A VAL 126 ? A VAL 138 
# 
loop_
_chem_comp_atom.comp_id 
_chem_comp_atom.atom_id 
_chem_comp_atom.type_symbol 
_chem_comp_atom.pdbx_aromatic_flag 
_chem_comp_atom.pdbx_stereo_config 
_chem_comp_atom.pdbx_ordinal 
ALA N    N N N 1   
ALA CA   C N S 2   
ALA C    C N N 3   
ALA O    O N N 4   
ALA CB   C N N 5   
ALA OXT  O N N 6   
ALA H    H N N 7   
ALA H2   H N N 8   
ALA HA   H N N 9   
ALA HB1  H N N 10  
ALA HB2  H N N 11  
ALA HB3  H N N 12  
ALA HXT  H N N 13  
ARG N    N N N 14  
ARG CA   C N S 15  
ARG C    C N N 16  
ARG O    O N N 17  
ARG CB   C N N 18  
ARG CG   C N N 19  
ARG CD   C N N 20  
ARG NE   N N N 21  
ARG CZ   C N N 22  
ARG NH1  N N N 23  
ARG NH2  N N N 24  
ARG OXT  O N N 25  
ARG H    H N N 26  
ARG H2   H N N 27  
ARG HA   H N N 28  
ARG HB2  H N N 29  
ARG HB3  H N N 30  
ARG HG2  H N N 31  
ARG HG3  H N N 32  
ARG HD2  H N N 33  
ARG HD3  H N N 34  
ARG HE   H N N 35  
ARG HH11 H N N 36  
ARG HH12 H N N 37  
ARG HH21 H N N 38  
ARG HH22 H N N 39  
ARG HXT  H N N 40  
ASN N    N N N 41  
ASN CA   C N S 42  
ASN C    C N N 43  
ASN O    O N N 44  
ASN CB   C N N 45  
ASN CG   C N N 46  
ASN OD1  O N N 47  
ASN ND2  N N N 48  
ASN OXT  O N N 49  
ASN H    H N N 50  
ASN H2   H N N 51  
ASN HA   H N N 52  
ASN HB2  H N N 53  
ASN HB3  H N N 54  
ASN HD21 H N N 55  
ASN HD22 H N N 56  
ASN HXT  H N N 57  
ASP N    N N N 58  
ASP CA   C N S 59  
ASP C    C N N 60  
ASP O    O N N 61  
ASP CB   C N N 62  
ASP CG   C N N 63  
ASP OD1  O N N 64  
ASP OD2  O N N 65  
ASP OXT  O N N 66  
ASP H    H N N 67  
ASP H2   H N N 68  
ASP HA   H N N 69  
ASP HB2  H N N 70  
ASP HB3  H N N 71  
ASP HD2  H N N 72  
ASP HXT  H N N 73  
CYS N    N N N 74  
CYS CA   C N R 75  
CYS C    C N N 76  
CYS O    O N N 77  
CYS CB   C N N 78  
CYS SG   S N N 79  
CYS OXT  O N N 80  
CYS H    H N N 81  
CYS H2   H N N 82  
CYS HA   H N N 83  
CYS HB2  H N N 84  
CYS HB3  H N N 85  
CYS HG   H N N 86  
CYS HXT  H N N 87  
EDO C1   C N N 88  
EDO O1   O N N 89  
EDO C2   C N N 90  
EDO O2   O N N 91  
EDO H11  H N N 92  
EDO H12  H N N 93  
EDO HO1  H N N 94  
EDO H21  H N N 95  
EDO H22  H N N 96  
EDO HO2  H N N 97  
GLN N    N N N 98  
GLN CA   C N S 99  
GLN C    C N N 100 
GLN O    O N N 101 
GLN CB   C N N 102 
GLN CG   C N N 103 
GLN CD   C N N 104 
GLN OE1  O N N 105 
GLN NE2  N N N 106 
GLN OXT  O N N 107 
GLN H    H N N 108 
GLN H2   H N N 109 
GLN HA   H N N 110 
GLN HB2  H N N 111 
GLN HB3  H N N 112 
GLN HG2  H N N 113 
GLN HG3  H N N 114 
GLN HE21 H N N 115 
GLN HE22 H N N 116 
GLN HXT  H N N 117 
GLU N    N N N 118 
GLU CA   C N S 119 
GLU C    C N N 120 
GLU O    O N N 121 
GLU CB   C N N 122 
GLU CG   C N N 123 
GLU CD   C N N 124 
GLU OE1  O N N 125 
GLU OE2  O N N 126 
GLU OXT  O N N 127 
GLU H    H N N 128 
GLU H2   H N N 129 
GLU HA   H N N 130 
GLU HB2  H N N 131 
GLU HB3  H N N 132 
GLU HG2  H N N 133 
GLU HG3  H N N 134 
GLU HE2  H N N 135 
GLU HXT  H N N 136 
GLY N    N N N 137 
GLY CA   C N N 138 
GLY C    C N N 139 
GLY O    O N N 140 
GLY OXT  O N N 141 
GLY H    H N N 142 
GLY H2   H N N 143 
GLY HA2  H N N 144 
GLY HA3  H N N 145 
GLY HXT  H N N 146 
HIS N    N N N 147 
HIS CA   C N S 148 
HIS C    C N N 149 
HIS O    O N N 150 
HIS CB   C N N 151 
HIS CG   C Y N 152 
HIS ND1  N Y N 153 
HIS CD2  C Y N 154 
HIS CE1  C Y N 155 
HIS NE2  N Y N 156 
HIS OXT  O N N 157 
HIS H    H N N 158 
HIS H2   H N N 159 
HIS HA   H N N 160 
HIS HB2  H N N 161 
HIS HB3  H N N 162 
HIS HD1  H N N 163 
HIS HD2  H N N 164 
HIS HE1  H N N 165 
HIS HE2  H N N 166 
HIS HXT  H N N 167 
HOH O    O N N 168 
HOH H1   H N N 169 
HOH H2   H N N 170 
ILE N    N N N 171 
ILE CA   C N S 172 
ILE C    C N N 173 
ILE O    O N N 174 
ILE CB   C N S 175 
ILE CG1  C N N 176 
ILE CG2  C N N 177 
ILE CD1  C N N 178 
ILE OXT  O N N 179 
ILE H    H N N 180 
ILE H2   H N N 181 
ILE HA   H N N 182 
ILE HB   H N N 183 
ILE HG12 H N N 184 
ILE HG13 H N N 185 
ILE HG21 H N N 186 
ILE HG22 H N N 187 
ILE HG23 H N N 188 
ILE HD11 H N N 189 
ILE HD12 H N N 190 
ILE HD13 H N N 191 
ILE HXT  H N N 192 
LEU N    N N N 193 
LEU CA   C N S 194 
LEU C    C N N 195 
LEU O    O N N 196 
LEU CB   C N N 197 
LEU CG   C N N 198 
LEU CD1  C N N 199 
LEU CD2  C N N 200 
LEU OXT  O N N 201 
LEU H    H N N 202 
LEU H2   H N N 203 
LEU HA   H N N 204 
LEU HB2  H N N 205 
LEU HB3  H N N 206 
LEU HG   H N N 207 
LEU HD11 H N N 208 
LEU HD12 H N N 209 
LEU HD13 H N N 210 
LEU HD21 H N N 211 
LEU HD22 H N N 212 
LEU HD23 H N N 213 
LEU HXT  H N N 214 
LYS N    N N N 215 
LYS CA   C N S 216 
LYS C    C N N 217 
LYS O    O N N 218 
LYS CB   C N N 219 
LYS CG   C N N 220 
LYS CD   C N N 221 
LYS CE   C N N 222 
LYS NZ   N N N 223 
LYS OXT  O N N 224 
LYS H    H N N 225 
LYS H2   H N N 226 
LYS HA   H N N 227 
LYS HB2  H N N 228 
LYS HB3  H N N 229 
LYS HG2  H N N 230 
LYS HG3  H N N 231 
LYS HD2  H N N 232 
LYS HD3  H N N 233 
LYS HE2  H N N 234 
LYS HE3  H N N 235 
LYS HZ1  H N N 236 
LYS HZ2  H N N 237 
LYS HZ3  H N N 238 
LYS HXT  H N N 239 
MET N    N N N 240 
MET CA   C N S 241 
MET C    C N N 242 
MET O    O N N 243 
MET CB   C N N 244 
MET CG   C N N 245 
MET SD   S N N 246 
MET CE   C N N 247 
MET OXT  O N N 248 
MET H    H N N 249 
MET H2   H N N 250 
MET HA   H N N 251 
MET HB2  H N N 252 
MET HB3  H N N 253 
MET HG2  H N N 254 
MET HG3  H N N 255 
MET HE1  H N N 256 
MET HE2  H N N 257 
MET HE3  H N N 258 
MET HXT  H N N 259 
PHE N    N N N 260 
PHE CA   C N S 261 
PHE C    C N N 262 
PHE O    O N N 263 
PHE CB   C N N 264 
PHE CG   C Y N 265 
PHE CD1  C Y N 266 
PHE CD2  C Y N 267 
PHE CE1  C Y N 268 
PHE CE2  C Y N 269 
PHE CZ   C Y N 270 
PHE OXT  O N N 271 
PHE H    H N N 272 
PHE H2   H N N 273 
PHE HA   H N N 274 
PHE HB2  H N N 275 
PHE HB3  H N N 276 
PHE HD1  H N N 277 
PHE HD2  H N N 278 
PHE HE1  H N N 279 
PHE HE2  H N N 280 
PHE HZ   H N N 281 
PHE HXT  H N N 282 
PRO N    N N N 283 
PRO CA   C N S 284 
PRO C    C N N 285 
PRO O    O N N 286 
PRO CB   C N N 287 
PRO CG   C N N 288 
PRO CD   C N N 289 
PRO OXT  O N N 290 
PRO H    H N N 291 
PRO HA   H N N 292 
PRO HB2  H N N 293 
PRO HB3  H N N 294 
PRO HG2  H N N 295 
PRO HG3  H N N 296 
PRO HD2  H N N 297 
PRO HD3  H N N 298 
PRO HXT  H N N 299 
SER N    N N N 300 
SER CA   C N S 301 
SER C    C N N 302 
SER O    O N N 303 
SER CB   C N N 304 
SER OG   O N N 305 
SER OXT  O N N 306 
SER H    H N N 307 
SER H2   H N N 308 
SER HA   H N N 309 
SER HB2  H N N 310 
SER HB3  H N N 311 
SER HG   H N N 312 
SER HXT  H N N 313 
THR N    N N N 314 
THR CA   C N S 315 
THR C    C N N 316 
THR O    O N N 317 
THR CB   C N R 318 
THR OG1  O N N 319 
THR CG2  C N N 320 
THR OXT  O N N 321 
THR H    H N N 322 
THR H2   H N N 323 
THR HA   H N N 324 
THR HB   H N N 325 
THR HG1  H N N 326 
THR HG21 H N N 327 
THR HG22 H N N 328 
THR HG23 H N N 329 
THR HXT  H N N 330 
TYR N    N N N 331 
TYR CA   C N S 332 
TYR C    C N N 333 
TYR O    O N N 334 
TYR CB   C N N 335 
TYR CG   C Y N 336 
TYR CD1  C Y N 337 
TYR CD2  C Y N 338 
TYR CE1  C Y N 339 
TYR CE2  C Y N 340 
TYR CZ   C Y N 341 
TYR OH   O N N 342 
TYR OXT  O N N 343 
TYR H    H N N 344 
TYR H2   H N N 345 
TYR HA   H N N 346 
TYR HB2  H N N 347 
TYR HB3  H N N 348 
TYR HD1  H N N 349 
TYR HD2  H N N 350 
TYR HE1  H N N 351 
TYR HE2  H N N 352 
TYR HH   H N N 353 
TYR HXT  H N N 354 
VAL N    N N N 355 
VAL CA   C N S 356 
VAL C    C N N 357 
VAL O    O N N 358 
VAL CB   C N N 359 
VAL CG1  C N N 360 
VAL CG2  C N N 361 
VAL OXT  O N N 362 
VAL H    H N N 363 
VAL H2   H N N 364 
VAL HA   H N N 365 
VAL HB   H N N 366 
VAL HG11 H N N 367 
VAL HG12 H N N 368 
VAL HG13 H N N 369 
VAL HG21 H N N 370 
VAL HG22 H N N 371 
VAL HG23 H N N 372 
VAL HXT  H N N 373 
# 
loop_
_chem_comp_bond.comp_id 
_chem_comp_bond.atom_id_1 
_chem_comp_bond.atom_id_2 
_chem_comp_bond.value_order 
_chem_comp_bond.pdbx_aromatic_flag 
_chem_comp_bond.pdbx_stereo_config 
_chem_comp_bond.pdbx_ordinal 
ALA N   CA   sing N N 1   
ALA N   H    sing N N 2   
ALA N   H2   sing N N 3   
ALA CA  C    sing N N 4   
ALA CA  CB   sing N N 5   
ALA CA  HA   sing N N 6   
ALA C   O    doub N N 7   
ALA C   OXT  sing N N 8   
ALA CB  HB1  sing N N 9   
ALA CB  HB2  sing N N 10  
ALA CB  HB3  sing N N 11  
ALA OXT HXT  sing N N 12  
ARG N   CA   sing N N 13  
ARG N   H    sing N N 14  
ARG N   H2   sing N N 15  
ARG CA  C    sing N N 16  
ARG CA  CB   sing N N 17  
ARG CA  HA   sing N N 18  
ARG C   O    doub N N 19  
ARG C   OXT  sing N N 20  
ARG CB  CG   sing N N 21  
ARG CB  HB2  sing N N 22  
ARG CB  HB3  sing N N 23  
ARG CG  CD   sing N N 24  
ARG CG  HG2  sing N N 25  
ARG CG  HG3  sing N N 26  
ARG CD  NE   sing N N 27  
ARG CD  HD2  sing N N 28  
ARG CD  HD3  sing N N 29  
ARG NE  CZ   sing N N 30  
ARG NE  HE   sing N N 31  
ARG CZ  NH1  sing N N 32  
ARG CZ  NH2  doub N N 33  
ARG NH1 HH11 sing N N 34  
ARG NH1 HH12 sing N N 35  
ARG NH2 HH21 sing N N 36  
ARG NH2 HH22 sing N N 37  
ARG OXT HXT  sing N N 38  
ASN N   CA   sing N N 39  
ASN N   H    sing N N 40  
ASN N   H2   sing N N 41  
ASN CA  C    sing N N 42  
ASN CA  CB   sing N N 43  
ASN CA  HA   sing N N 44  
ASN C   O    doub N N 45  
ASN C   OXT  sing N N 46  
ASN CB  CG   sing N N 47  
ASN CB  HB2  sing N N 48  
ASN CB  HB3  sing N N 49  
ASN CG  OD1  doub N N 50  
ASN CG  ND2  sing N N 51  
ASN ND2 HD21 sing N N 52  
ASN ND2 HD22 sing N N 53  
ASN OXT HXT  sing N N 54  
ASP N   CA   sing N N 55  
ASP N   H    sing N N 56  
ASP N   H2   sing N N 57  
ASP CA  C    sing N N 58  
ASP CA  CB   sing N N 59  
ASP CA  HA   sing N N 60  
ASP C   O    doub N N 61  
ASP C   OXT  sing N N 62  
ASP CB  CG   sing N N 63  
ASP CB  HB2  sing N N 64  
ASP CB  HB3  sing N N 65  
ASP CG  OD1  doub N N 66  
ASP CG  OD2  sing N N 67  
ASP OD2 HD2  sing N N 68  
ASP OXT HXT  sing N N 69  
CYS N   CA   sing N N 70  
CYS N   H    sing N N 71  
CYS N   H2   sing N N 72  
CYS CA  C    sing N N 73  
CYS CA  CB   sing N N 74  
CYS CA  HA   sing N N 75  
CYS C   O    doub N N 76  
CYS C   OXT  sing N N 77  
CYS CB  SG   sing N N 78  
CYS CB  HB2  sing N N 79  
CYS CB  HB3  sing N N 80  
CYS SG  HG   sing N N 81  
CYS OXT HXT  sing N N 82  
EDO C1  O1   sing N N 83  
EDO C1  C2   sing N N 84  
EDO C1  H11  sing N N 85  
EDO C1  H12  sing N N 86  
EDO O1  HO1  sing N N 87  
EDO C2  O2   sing N N 88  
EDO C2  H21  sing N N 89  
EDO C2  H22  sing N N 90  
EDO O2  HO2  sing N N 91  
GLN N   CA   sing N N 92  
GLN N   H    sing N N 93  
GLN N   H2   sing N N 94  
GLN CA  C    sing N N 95  
GLN CA  CB   sing N N 96  
GLN CA  HA   sing N N 97  
GLN C   O    doub N N 98  
GLN C   OXT  sing N N 99  
GLN CB  CG   sing N N 100 
GLN CB  HB2  sing N N 101 
GLN CB  HB3  sing N N 102 
GLN CG  CD   sing N N 103 
GLN CG  HG2  sing N N 104 
GLN CG  HG3  sing N N 105 
GLN CD  OE1  doub N N 106 
GLN CD  NE2  sing N N 107 
GLN NE2 HE21 sing N N 108 
GLN NE2 HE22 sing N N 109 
GLN OXT HXT  sing N N 110 
GLU N   CA   sing N N 111 
GLU N   H    sing N N 112 
GLU N   H2   sing N N 113 
GLU CA  C    sing N N 114 
GLU CA  CB   sing N N 115 
GLU CA  HA   sing N N 116 
GLU C   O    doub N N 117 
GLU C   OXT  sing N N 118 
GLU CB  CG   sing N N 119 
GLU CB  HB2  sing N N 120 
GLU CB  HB3  sing N N 121 
GLU CG  CD   sing N N 122 
GLU CG  HG2  sing N N 123 
GLU CG  HG3  sing N N 124 
GLU CD  OE1  doub N N 125 
GLU CD  OE2  sing N N 126 
GLU OE2 HE2  sing N N 127 
GLU OXT HXT  sing N N 128 
GLY N   CA   sing N N 129 
GLY N   H    sing N N 130 
GLY N   H2   sing N N 131 
GLY CA  C    sing N N 132 
GLY CA  HA2  sing N N 133 
GLY CA  HA3  sing N N 134 
GLY C   O    doub N N 135 
GLY C   OXT  sing N N 136 
GLY OXT HXT  sing N N 137 
HIS N   CA   sing N N 138 
HIS N   H    sing N N 139 
HIS N   H2   sing N N 140 
HIS CA  C    sing N N 141 
HIS CA  CB   sing N N 142 
HIS CA  HA   sing N N 143 
HIS C   O    doub N N 144 
HIS C   OXT  sing N N 145 
HIS CB  CG   sing N N 146 
HIS CB  HB2  sing N N 147 
HIS CB  HB3  sing N N 148 
HIS CG  ND1  sing Y N 149 
HIS CG  CD2  doub Y N 150 
HIS ND1 CE1  doub Y N 151 
HIS ND1 HD1  sing N N 152 
HIS CD2 NE2  sing Y N 153 
HIS CD2 HD2  sing N N 154 
HIS CE1 NE2  sing Y N 155 
HIS CE1 HE1  sing N N 156 
HIS NE2 HE2  sing N N 157 
HIS OXT HXT  sing N N 158 
HOH O   H1   sing N N 159 
HOH O   H2   sing N N 160 
ILE N   CA   sing N N 161 
ILE N   H    sing N N 162 
ILE N   H2   sing N N 163 
ILE CA  C    sing N N 164 
ILE CA  CB   sing N N 165 
ILE CA  HA   sing N N 166 
ILE C   O    doub N N 167 
ILE C   OXT  sing N N 168 
ILE CB  CG1  sing N N 169 
ILE CB  CG2  sing N N 170 
ILE CB  HB   sing N N 171 
ILE CG1 CD1  sing N N 172 
ILE CG1 HG12 sing N N 173 
ILE CG1 HG13 sing N N 174 
ILE CG2 HG21 sing N N 175 
ILE CG2 HG22 sing N N 176 
ILE CG2 HG23 sing N N 177 
ILE CD1 HD11 sing N N 178 
ILE CD1 HD12 sing N N 179 
ILE CD1 HD13 sing N N 180 
ILE OXT HXT  sing N N 181 
LEU N   CA   sing N N 182 
LEU N   H    sing N N 183 
LEU N   H2   sing N N 184 
LEU CA  C    sing N N 185 
LEU CA  CB   sing N N 186 
LEU CA  HA   sing N N 187 
LEU C   O    doub N N 188 
LEU C   OXT  sing N N 189 
LEU CB  CG   sing N N 190 
LEU CB  HB2  sing N N 191 
LEU CB  HB3  sing N N 192 
LEU CG  CD1  sing N N 193 
LEU CG  CD2  sing N N 194 
LEU CG  HG   sing N N 195 
LEU CD1 HD11 sing N N 196 
LEU CD1 HD12 sing N N 197 
LEU CD1 HD13 sing N N 198 
LEU CD2 HD21 sing N N 199 
LEU CD2 HD22 sing N N 200 
LEU CD2 HD23 sing N N 201 
LEU OXT HXT  sing N N 202 
LYS N   CA   sing N N 203 
LYS N   H    sing N N 204 
LYS N   H2   sing N N 205 
LYS CA  C    sing N N 206 
LYS CA  CB   sing N N 207 
LYS CA  HA   sing N N 208 
LYS C   O    doub N N 209 
LYS C   OXT  sing N N 210 
LYS CB  CG   sing N N 211 
LYS CB  HB2  sing N N 212 
LYS CB  HB3  sing N N 213 
LYS CG  CD   sing N N 214 
LYS CG  HG2  sing N N 215 
LYS CG  HG3  sing N N 216 
LYS CD  CE   sing N N 217 
LYS CD  HD2  sing N N 218 
LYS CD  HD3  sing N N 219 
LYS CE  NZ   sing N N 220 
LYS CE  HE2  sing N N 221 
LYS CE  HE3  sing N N 222 
LYS NZ  HZ1  sing N N 223 
LYS NZ  HZ2  sing N N 224 
LYS NZ  HZ3  sing N N 225 
LYS OXT HXT  sing N N 226 
MET N   CA   sing N N 227 
MET N   H    sing N N 228 
MET N   H2   sing N N 229 
MET CA  C    sing N N 230 
MET CA  CB   sing N N 231 
MET CA  HA   sing N N 232 
MET C   O    doub N N 233 
MET C   OXT  sing N N 234 
MET CB  CG   sing N N 235 
MET CB  HB2  sing N N 236 
MET CB  HB3  sing N N 237 
MET CG  SD   sing N N 238 
MET CG  HG2  sing N N 239 
MET CG  HG3  sing N N 240 
MET SD  CE   sing N N 241 
MET CE  HE1  sing N N 242 
MET CE  HE2  sing N N 243 
MET CE  HE3  sing N N 244 
MET OXT HXT  sing N N 245 
PHE N   CA   sing N N 246 
PHE N   H    sing N N 247 
PHE N   H2   sing N N 248 
PHE CA  C    sing N N 249 
PHE CA  CB   sing N N 250 
PHE CA  HA   sing N N 251 
PHE C   O    doub N N 252 
PHE C   OXT  sing N N 253 
PHE CB  CG   sing N N 254 
PHE CB  HB2  sing N N 255 
PHE CB  HB3  sing N N 256 
PHE CG  CD1  doub Y N 257 
PHE CG  CD2  sing Y N 258 
PHE CD1 CE1  sing Y N 259 
PHE CD1 HD1  sing N N 260 
PHE CD2 CE2  doub Y N 261 
PHE CD2 HD2  sing N N 262 
PHE CE1 CZ   doub Y N 263 
PHE CE1 HE1  sing N N 264 
PHE CE2 CZ   sing Y N 265 
PHE CE2 HE2  sing N N 266 
PHE CZ  HZ   sing N N 267 
PHE OXT HXT  sing N N 268 
PRO N   CA   sing N N 269 
PRO N   CD   sing N N 270 
PRO N   H    sing N N 271 
PRO CA  C    sing N N 272 
PRO CA  CB   sing N N 273 
PRO CA  HA   sing N N 274 
PRO C   O    doub N N 275 
PRO C   OXT  sing N N 276 
PRO CB  CG   sing N N 277 
PRO CB  HB2  sing N N 278 
PRO CB  HB3  sing N N 279 
PRO CG  CD   sing N N 280 
PRO CG  HG2  sing N N 281 
PRO CG  HG3  sing N N 282 
PRO CD  HD2  sing N N 283 
PRO CD  HD3  sing N N 284 
PRO OXT HXT  sing N N 285 
SER N   CA   sing N N 286 
SER N   H    sing N N 287 
SER N   H2   sing N N 288 
SER CA  C    sing N N 289 
SER CA  CB   sing N N 290 
SER CA  HA   sing N N 291 
SER C   O    doub N N 292 
SER C   OXT  sing N N 293 
SER CB  OG   sing N N 294 
SER CB  HB2  sing N N 295 
SER CB  HB3  sing N N 296 
SER OG  HG   sing N N 297 
SER OXT HXT  sing N N 298 
THR N   CA   sing N N 299 
THR N   H    sing N N 300 
THR N   H2   sing N N 301 
THR CA  C    sing N N 302 
THR CA  CB   sing N N 303 
THR CA  HA   sing N N 304 
THR C   O    doub N N 305 
THR C   OXT  sing N N 306 
THR CB  OG1  sing N N 307 
THR CB  CG2  sing N N 308 
THR CB  HB   sing N N 309 
THR OG1 HG1  sing N N 310 
THR CG2 HG21 sing N N 311 
THR CG2 HG22 sing N N 312 
THR CG2 HG23 sing N N 313 
THR OXT HXT  sing N N 314 
TYR N   CA   sing N N 315 
TYR N   H    sing N N 316 
TYR N   H2   sing N N 317 
TYR CA  C    sing N N 318 
TYR CA  CB   sing N N 319 
TYR CA  HA   sing N N 320 
TYR C   O    doub N N 321 
TYR C   OXT  sing N N 322 
TYR CB  CG   sing N N 323 
TYR CB  HB2  sing N N 324 
TYR CB  HB3  sing N N 325 
TYR CG  CD1  doub Y N 326 
TYR CG  CD2  sing Y N 327 
TYR CD1 CE1  sing Y N 328 
TYR CD1 HD1  sing N N 329 
TYR CD2 CE2  doub Y N 330 
TYR CD2 HD2  sing N N 331 
TYR CE1 CZ   doub Y N 332 
TYR CE1 HE1  sing N N 333 
TYR CE2 CZ   sing Y N 334 
TYR CE2 HE2  sing N N 335 
TYR CZ  OH   sing N N 336 
TYR OH  HH   sing N N 337 
TYR OXT HXT  sing N N 338 
VAL N   CA   sing N N 339 
VAL N   H    sing N N 340 
VAL N   H2   sing N N 341 
VAL CA  C    sing N N 342 
VAL CA  CB   sing N N 343 
VAL CA  HA   sing N N 344 
VAL C   O    doub N N 345 
VAL C   OXT  sing N N 346 
VAL CB  CG1  sing N N 347 
VAL CB  CG2  sing N N 348 
VAL CB  HB   sing N N 349 
VAL CG1 HG11 sing N N 350 
VAL CG1 HG12 sing N N 351 
VAL CG1 HG13 sing N N 352 
VAL CG2 HG21 sing N N 353 
VAL CG2 HG22 sing N N 354 
VAL CG2 HG23 sing N N 355 
VAL OXT HXT  sing N N 356 
# 
loop_
_pdbx_entity_nonpoly.entity_id 
_pdbx_entity_nonpoly.name 
_pdbx_entity_nonpoly.comp_id 
2 1,2-ETHANEDIOL EDO 
3 water          HOH 
# 
_pdbx_initial_refinement_model.id               1 
_pdbx_initial_refinement_model.entity_id_list   ? 
_pdbx_initial_refinement_model.type             'experimental model' 
_pdbx_initial_refinement_model.source_name      PDB 
_pdbx_initial_refinement_model.accession_code   1KGS 
_pdbx_initial_refinement_model.details          ? 
# 
